data_5SDP
#
_entry.id   5SDP
#
_cell.length_a   102.111
_cell.length_b   117.236
_cell.length_c   147.926
_cell.angle_alpha   90.000
_cell.angle_beta   90.000
_cell.angle_gamma   90.000
#
_symmetry.space_group_name_H-M   'P 21 21 21'
#
loop_
_entity.id
_entity.type
_entity.pdbx_description
1 polymer 'Asp/Glu-specific dipeptidyl-peptidase'
2 non-polymer 5-fluoro-1-(1-methylcyclopropane-1-sulfonyl)-1,2,3,6-tetrahydropyridine
3 non-polymer 'CHLORIDE ION'
4 water water
#
_entity_poly.entity_id   1
_entity_poly.type   'polypeptide(L)'
_entity_poly.pdbx_seq_one_letter_code
;MDEGMWLMQQLGRKYAQMKERGLKMKEYDLYNPNGTSLKDAVVLFDGGCTGEVVSDRGLVLTNHHCGYDMIQAHSTLEHN
YLENGFWAMREADELPNKDISVVFIDKIEDVTDYVKKELKAIKDPNSMDYLSPKYLQKLADKKAGKNFSAKNPGLSVEIK
AFYGGNLYLMFTKKTYTDVRLVGAPPSSIGKFGADTDNWIWPRHTGDFSIFRIYADKNGNPAPYSEDNVPLKPKRFFNIS
LGGVQENDYAMIMGFPGTTHRYFTASEVDEWKSIDNDIRIRMRDIRQGVMLREMLADPQIKIMYSAKYAASQNAYKRAIG
ANWAIKTRGLRQNKQAMQDRLIAWGAKQGTPRYEEAVHEIDATVAKRADLRRRYWMIEEGIIRGIEFARSPIPTEDETKA
LQGNDASARKEAIDKIRTRYSKFANKDYSAEVDKKVAVAMLTEYLKEIPYENLPLHLRLVKDRFAGDVQAYVDDIFARSV
FGSEAQFDAFAAVPSVEKLAEDPMVLFASSVFDEYRKLYNELRPYDDPILRAQRTYIAGLLEMDGDQDQFPDANLTLRFT
YGQVKGYSPRDNVYYGHQTTLDGVMEKEDPDNWEFVVDPKLKAVYERKDFGRYADRSGRMPVAFCATTHTTGGNSGSPVM
NANGELIGLNFDRNWEGVGGDIQYLADYQRSIIVDIRYVLLVIDKVGGCQRLLDEMNIVPAHHHHHH
;
_entity_poly.pdbx_strand_id   A,B
#
loop_
_chem_comp.id
_chem_comp.type
_chem_comp.name
_chem_comp.formula
CL non-polymer 'CHLORIDE ION' 'Cl -1'
I8J non-polymer 5-fluoro-1-(1-methylcyclopropane-1-sulfonyl)-1,2,3,6-tetrahydropyridine 'C9 H14 F N O2 S'
#
# COMPACT_ATOMS: atom_id res chain seq x y z
N ASP A 2 -6.85 13.83 -25.20
CA ASP A 2 -6.08 13.76 -26.45
C ASP A 2 -6.41 12.53 -27.31
N GLU A 3 -5.88 11.28 -27.01
CA GLU A 3 -6.12 10.07 -27.85
C GLU A 3 -7.57 9.59 -27.74
N GLY A 4 -8.43 10.20 -28.51
CA GLY A 4 -9.86 10.17 -28.38
C GLY A 4 -10.82 9.00 -28.32
N MET A 5 -12.07 9.45 -28.23
CA MET A 5 -13.34 8.75 -28.24
C MET A 5 -14.03 9.34 -29.47
N TRP A 6 -13.83 8.67 -30.60
CA TRP A 6 -14.26 9.12 -31.93
C TRP A 6 -15.66 8.74 -32.34
N LEU A 7 -16.31 9.64 -33.07
CA LEU A 7 -17.64 9.41 -33.66
C LEU A 7 -17.52 8.32 -34.71
N MET A 8 -18.59 7.55 -34.96
CA MET A 8 -18.53 6.52 -36.01
C MET A 8 -18.24 7.14 -37.39
N GLN A 9 -18.73 8.37 -37.66
CA GLN A 9 -18.49 9.19 -38.87
C GLN A 9 -16.98 9.35 -39.14
N GLN A 10 -16.17 9.41 -38.06
CA GLN A 10 -14.73 9.64 -38.11
C GLN A 10 -13.88 8.40 -38.39
N LEU A 11 -14.49 7.21 -38.48
CA LEU A 11 -13.76 6.00 -38.78
C LEU A 11 -13.04 6.09 -40.15
N GLY A 12 -13.72 6.64 -41.17
CA GLY A 12 -13.11 6.83 -42.49
C GLY A 12 -11.80 7.57 -42.47
N ARG A 13 -11.76 8.76 -41.87
CA ARG A 13 -10.52 9.54 -41.81
C ARG A 13 -9.48 9.01 -40.78
N LYS A 14 -9.85 8.02 -39.93
CA LYS A 14 -8.92 7.41 -38.97
C LYS A 14 -8.38 6.05 -39.45
N TYR A 15 -9.13 5.37 -40.33
CA TYR A 15 -8.87 4.02 -40.83
C TYR A 15 -7.40 3.80 -41.19
N ALA A 16 -6.77 4.75 -41.92
CA ALA A 16 -5.36 4.61 -42.31
C ALA A 16 -4.42 4.54 -41.12
N GLN A 17 -4.67 5.34 -40.06
CA GLN A 17 -3.84 5.30 -38.86
C GLN A 17 -4.06 4.00 -38.11
N MET A 18 -5.32 3.56 -38.01
CA MET A 18 -5.66 2.31 -37.32
C MET A 18 -5.03 1.10 -38.00
N LYS A 19 -5.05 1.08 -39.35
CA LYS A 19 -4.44 0.01 -40.15
C LYS A 19 -2.93 0.03 -39.92
N GLU A 20 -2.32 1.22 -39.90
CA GLU A 20 -0.89 1.35 -39.63
C GLU A 20 -0.54 0.90 -38.19
N ARG A 21 -1.49 1.02 -37.27
CA ARG A 21 -1.33 0.57 -35.90
C ARG A 21 -1.64 -0.93 -35.69
N GLY A 22 -2.02 -1.65 -36.75
CA GLY A 22 -2.27 -3.07 -36.68
C GLY A 22 -3.65 -3.58 -37.05
N LEU A 23 -4.66 -2.69 -37.30
CA LEU A 23 -6.00 -3.11 -37.69
C LEU A 23 -5.98 -3.81 -39.05
N LYS A 24 -6.55 -5.02 -39.12
CA LYS A 24 -6.60 -5.85 -40.30
C LYS A 24 -7.99 -6.00 -40.94
N MET A 25 -9.05 -5.69 -40.19
CA MET A 25 -10.39 -5.84 -40.70
C MET A 25 -10.78 -4.70 -41.67
N LYS A 26 -11.73 -4.95 -42.61
CA LYS A 26 -12.19 -3.95 -43.58
C LYS A 26 -13.00 -2.85 -42.85
N GLU A 27 -12.89 -1.58 -43.31
CA GLU A 27 -13.53 -0.40 -42.69
C GLU A 27 -15.02 -0.59 -42.45
N TYR A 28 -15.72 -1.03 -43.50
CA TYR A 28 -17.16 -1.21 -43.48
C TYR A 28 -17.61 -2.50 -42.77
N ASP A 29 -16.68 -3.39 -42.44
CA ASP A 29 -17.01 -4.55 -41.63
C ASP A 29 -17.13 -4.14 -40.15
N LEU A 30 -16.44 -3.04 -39.74
CA LEU A 30 -16.47 -2.48 -38.39
C LEU A 30 -17.62 -1.45 -38.25
N TYR A 31 -17.76 -0.56 -39.25
CA TYR A 31 -18.86 0.40 -39.28
C TYR A 31 -19.24 0.79 -40.71
N ASN A 32 -20.50 0.55 -41.08
CA ASN A 32 -21.02 0.93 -42.38
C ASN A 32 -22.33 1.64 -42.13
N PRO A 33 -22.47 2.90 -42.55
CA PRO A 33 -23.77 3.59 -42.38
C PRO A 33 -24.95 2.95 -43.16
N ASN A 34 -24.66 2.28 -44.28
CA ASN A 34 -25.72 1.70 -45.12
C ASN A 34 -25.66 0.17 -45.17
N GLY A 35 -25.33 -0.46 -44.06
CA GLY A 35 -25.22 -1.90 -44.01
C GLY A 35 -24.74 -2.46 -42.70
N THR A 36 -24.88 -3.79 -42.52
CA THR A 36 -24.49 -4.53 -41.34
C THR A 36 -23.01 -4.42 -41.09
N SER A 37 -22.66 -4.12 -39.86
CA SER A 37 -21.30 -3.94 -39.39
C SER A 37 -21.22 -4.37 -37.93
N LEU A 38 -19.99 -4.54 -37.40
CA LEU A 38 -19.76 -4.95 -36.03
C LEU A 38 -20.39 -3.97 -35.02
N LYS A 39 -20.59 -2.69 -35.43
CA LYS A 39 -21.29 -1.66 -34.68
C LYS A 39 -22.70 -2.15 -34.25
N ASP A 40 -23.33 -2.98 -35.09
CA ASP A 40 -24.67 -3.55 -34.84
C ASP A 40 -24.71 -4.55 -33.70
N ALA A 41 -23.55 -5.05 -33.24
CA ALA A 41 -23.49 -5.99 -32.14
C ALA A 41 -23.22 -5.30 -30.79
N VAL A 42 -23.15 -3.94 -30.75
CA VAL A 42 -22.88 -3.17 -29.56
C VAL A 42 -24.20 -2.61 -29.02
N VAL A 43 -24.40 -2.69 -27.69
CA VAL A 43 -25.61 -2.20 -27.06
C VAL A 43 -25.35 -1.29 -25.87
N LEU A 44 -26.29 -0.39 -25.58
CA LEU A 44 -26.22 0.43 -24.39
C LEU A 44 -27.01 -0.41 -23.39
N PHE A 45 -26.31 -1.03 -22.45
CA PHE A 45 -26.91 -1.94 -21.49
C PHE A 45 -27.46 -1.17 -20.30
N ASP A 46 -28.78 -1.24 -20.09
CA ASP A 46 -29.45 -0.60 -18.96
C ASP A 46 -29.14 0.91 -18.80
N GLY A 47 -29.09 1.63 -19.92
CA GLY A 47 -28.88 3.06 -19.94
C GLY A 47 -27.57 3.66 -19.45
N GLY A 48 -26.67 2.83 -18.95
CA GLY A 48 -25.39 3.31 -18.44
C GLY A 48 -24.21 2.54 -18.95
N CYS A 49 -24.27 1.22 -18.88
CA CYS A 49 -23.18 0.35 -19.30
C CYS A 49 -23.23 0.10 -20.80
N THR A 50 -22.24 -0.65 -21.28
CA THR A 50 -22.14 -1.13 -22.64
C THR A 50 -22.24 -2.67 -22.56
N GLY A 51 -22.69 -3.25 -23.64
CA GLY A 51 -22.79 -4.68 -23.79
C GLY A 51 -22.49 -5.07 -25.22
N GLU A 52 -22.51 -6.37 -25.47
CA GLU A 52 -22.25 -6.88 -26.81
C GLU A 52 -22.89 -8.21 -27.01
N VAL A 53 -23.51 -8.36 -28.19
CA VAL A 53 -24.18 -9.58 -28.64
C VAL A 53 -23.06 -10.51 -29.12
N VAL A 54 -23.03 -11.73 -28.57
CA VAL A 54 -22.00 -12.73 -28.83
C VAL A 54 -22.55 -14.04 -29.44
N SER A 55 -23.86 -14.11 -29.77
CA SER A 55 -24.43 -15.29 -30.42
C SER A 55 -25.62 -14.95 -31.30
N ASP A 56 -25.97 -15.87 -32.24
CA ASP A 56 -27.14 -15.73 -33.12
C ASP A 56 -28.48 -15.86 -32.37
N ARG A 57 -28.45 -16.11 -31.06
CA ARG A 57 -29.65 -16.19 -30.24
C ARG A 57 -29.72 -15.04 -29.20
N GLY A 58 -29.08 -13.90 -29.50
CA GLY A 58 -29.16 -12.70 -28.67
C GLY A 58 -28.50 -12.76 -27.31
N LEU A 59 -27.48 -13.62 -27.15
CA LEU A 59 -26.74 -13.70 -25.91
C LEU A 59 -25.89 -12.42 -25.81
N VAL A 60 -25.84 -11.83 -24.62
CA VAL A 60 -25.17 -10.56 -24.39
C VAL A 60 -24.18 -10.67 -23.23
N LEU A 61 -22.98 -10.12 -23.42
CA LEU A 61 -22.00 -10.06 -22.35
C LEU A 61 -21.88 -8.59 -21.91
N THR A 62 -21.78 -8.36 -20.62
CA THR A 62 -21.52 -7.06 -20.01
C THR A 62 -20.71 -7.33 -18.71
N ASN A 63 -20.49 -6.32 -17.86
CA ASN A 63 -19.79 -6.50 -16.60
C ASN A 63 -20.69 -7.10 -15.53
N HIS A 64 -20.06 -7.65 -14.49
CA HIS A 64 -20.74 -8.18 -13.31
C HIS A 64 -21.32 -6.99 -12.58
N HIS A 65 -20.56 -5.89 -12.43
CA HIS A 65 -21.06 -4.69 -11.78
C HIS A 65 -22.19 -4.02 -12.56
N CYS A 66 -22.37 -4.36 -13.85
CA CYS A 66 -23.42 -3.87 -14.72
C CYS A 66 -24.71 -4.66 -14.56
N GLY A 67 -24.59 -5.97 -14.36
CA GLY A 67 -25.72 -6.84 -14.14
C GLY A 67 -25.99 -7.11 -12.67
N TYR A 68 -25.21 -6.48 -11.77
CA TYR A 68 -25.29 -6.64 -10.31
C TYR A 68 -26.71 -6.51 -9.72
N ASP A 69 -27.44 -5.42 -10.05
CA ASP A 69 -28.79 -5.24 -9.53
C ASP A 69 -29.74 -6.36 -9.97
N MET A 70 -29.58 -6.88 -11.20
CA MET A 70 -30.43 -7.96 -11.67
C MET A 70 -30.11 -9.26 -10.94
N ILE A 71 -28.82 -9.52 -10.65
CA ILE A 71 -28.40 -10.72 -9.92
C ILE A 71 -28.89 -10.69 -8.47
N GLN A 72 -28.92 -9.49 -7.87
CA GLN A 72 -29.37 -9.22 -6.50
C GLN A 72 -30.90 -9.38 -6.40
N ALA A 73 -31.65 -8.88 -7.38
CA ALA A 73 -33.11 -8.96 -7.41
C ALA A 73 -33.64 -10.42 -7.48
N HIS A 74 -32.85 -11.32 -8.07
CA HIS A 74 -33.22 -12.72 -8.14
C HIS A 74 -32.59 -13.56 -7.04
N SER A 75 -31.82 -12.96 -6.14
CA SER A 75 -31.16 -13.66 -5.05
C SER A 75 -32.00 -13.61 -3.77
N THR A 76 -32.18 -14.77 -3.14
CA THR A 76 -32.87 -14.90 -1.85
C THR A 76 -31.93 -15.73 -0.91
N LEU A 77 -32.33 -15.96 0.35
CA LEU A 77 -31.54 -16.79 1.25
C LEU A 77 -31.61 -18.28 0.85
N GLU A 78 -32.36 -18.65 -0.21
CA GLU A 78 -32.44 -20.04 -0.65
C GLU A 78 -31.61 -20.22 -1.92
N HIS A 79 -31.80 -19.33 -2.89
CA HIS A 79 -30.99 -19.37 -4.11
C HIS A 79 -30.17 -18.06 -4.21
N ASN A 80 -29.05 -17.97 -3.46
CA ASN A 80 -28.24 -16.74 -3.49
C ASN A 80 -27.32 -16.71 -4.71
N TYR A 81 -27.76 -16.03 -5.76
CA TYR A 81 -27.01 -15.92 -7.00
C TYR A 81 -25.89 -14.90 -6.89
N LEU A 82 -26.02 -13.90 -6.00
CA LEU A 82 -24.97 -12.89 -5.82
C LEU A 82 -23.71 -13.53 -5.26
N GLU A 83 -23.86 -14.47 -4.32
CA GLU A 83 -22.77 -15.15 -3.65
C GLU A 83 -22.29 -16.43 -4.33
N ASN A 84 -23.19 -17.20 -4.94
CA ASN A 84 -22.81 -18.47 -5.54
C ASN A 84 -22.71 -18.46 -7.07
N GLY A 85 -23.28 -17.44 -7.68
CA GLY A 85 -23.39 -17.33 -9.12
C GLY A 85 -24.71 -17.89 -9.63
N PHE A 86 -24.94 -17.76 -10.93
CA PHE A 86 -26.17 -18.25 -11.53
C PHE A 86 -25.87 -18.77 -12.91
N TRP A 87 -26.37 -19.95 -13.26
CA TRP A 87 -26.12 -20.52 -14.58
C TRP A 87 -27.35 -21.25 -15.06
N ALA A 88 -28.21 -20.58 -15.86
CA ALA A 88 -29.44 -21.17 -16.39
C ALA A 88 -29.08 -22.33 -17.29
N MET A 89 -29.51 -23.56 -16.94
CA MET A 89 -29.13 -24.73 -17.75
C MET A 89 -30.00 -24.93 -19.01
N ARG A 90 -31.02 -24.13 -19.19
CA ARG A 90 -31.86 -24.12 -20.38
C ARG A 90 -32.37 -22.70 -20.56
N GLU A 91 -32.70 -22.29 -21.79
CA GLU A 91 -33.23 -20.95 -22.06
C GLU A 91 -34.48 -20.61 -21.26
N ALA A 92 -35.31 -21.61 -20.96
CA ALA A 92 -36.54 -21.42 -20.19
C ALA A 92 -36.26 -21.04 -18.71
N ASP A 93 -35.05 -21.36 -18.21
CA ASP A 93 -34.60 -21.05 -16.84
C ASP A 93 -34.00 -19.62 -16.72
N GLU A 94 -33.75 -18.94 -17.86
CA GLU A 94 -33.22 -17.57 -17.85
C GLU A 94 -34.28 -16.65 -17.27
N LEU A 95 -33.87 -15.85 -16.27
CA LEU A 95 -34.73 -14.99 -15.47
C LEU A 95 -35.03 -13.61 -16.06
N PRO A 96 -36.32 -13.27 -16.27
CA PRO A 96 -36.65 -11.92 -16.76
C PRO A 96 -36.34 -10.84 -15.72
N ASN A 97 -36.14 -9.60 -16.17
CA ASN A 97 -35.80 -8.50 -15.26
C ASN A 97 -36.69 -7.33 -15.53
N LYS A 98 -37.33 -6.79 -14.49
CA LYS A 98 -38.20 -5.64 -14.69
C LYS A 98 -37.35 -4.40 -14.76
N ASP A 99 -37.73 -3.47 -15.64
CA ASP A 99 -37.08 -2.18 -15.86
C ASP A 99 -35.67 -2.29 -16.44
N ILE A 100 -35.46 -3.24 -17.33
CA ILE A 100 -34.19 -3.40 -18.02
C ILE A 100 -34.34 -3.00 -19.48
N SER A 101 -33.23 -2.60 -20.12
CA SER A 101 -33.26 -2.25 -21.53
C SER A 101 -31.90 -2.46 -22.19
N VAL A 102 -31.92 -2.57 -23.50
CA VAL A 102 -30.76 -2.77 -24.35
C VAL A 102 -31.03 -1.88 -25.56
N VAL A 103 -30.12 -0.96 -25.89
CA VAL A 103 -30.33 -0.07 -27.03
C VAL A 103 -29.33 -0.32 -28.16
N PHE A 104 -29.83 -0.59 -29.35
CA PHE A 104 -29.00 -0.75 -30.52
C PHE A 104 -28.95 0.58 -31.26
N ILE A 105 -27.78 0.93 -31.82
CA ILE A 105 -27.66 2.13 -32.63
C ILE A 105 -27.86 1.72 -34.11
N ASP A 106 -29.11 1.75 -34.56
CA ASP A 106 -29.53 1.32 -35.90
C ASP A 106 -28.89 2.15 -37.01
N LYS A 107 -29.08 3.46 -36.94
CA LYS A 107 -28.52 4.42 -37.88
C LYS A 107 -28.00 5.64 -37.10
N ILE A 108 -27.05 6.35 -37.69
CA ILE A 108 -26.46 7.57 -37.17
C ILE A 108 -26.32 8.47 -38.38
N GLU A 109 -26.83 9.71 -38.30
CA GLU A 109 -26.72 10.61 -39.43
C GLU A 109 -26.30 12.03 -39.02
N ASP A 110 -25.42 12.64 -39.82
CA ASP A 110 -25.00 14.02 -39.61
C ASP A 110 -26.16 14.95 -40.00
N VAL A 111 -26.71 15.66 -39.02
CA VAL A 111 -27.80 16.61 -39.29
C VAL A 111 -27.37 18.03 -38.93
N THR A 112 -26.06 18.35 -39.05
CA THR A 112 -25.51 19.64 -38.68
C THR A 112 -26.14 20.76 -39.46
N ASP A 113 -26.10 20.71 -40.80
CA ASP A 113 -26.66 21.77 -41.65
C ASP A 113 -28.15 21.96 -41.44
N TYR A 114 -28.87 20.86 -41.19
CA TYR A 114 -30.30 20.88 -40.88
C TYR A 114 -30.54 21.65 -39.55
N VAL A 115 -29.82 21.26 -38.47
CA VAL A 115 -29.99 21.91 -37.16
C VAL A 115 -29.54 23.38 -37.19
N LYS A 116 -28.40 23.65 -37.82
CA LYS A 116 -27.88 25.02 -37.94
C LYS A 116 -28.82 25.93 -38.74
N LYS A 117 -29.49 25.38 -39.80
CA LYS A 117 -30.44 26.17 -40.55
C LYS A 117 -31.67 26.43 -39.70
N GLU A 118 -32.15 25.42 -38.96
CA GLU A 118 -33.32 25.59 -38.10
C GLU A 118 -33.07 26.62 -37.01
N LEU A 119 -31.81 26.63 -36.48
CA LEU A 119 -31.38 27.54 -35.42
C LEU A 119 -31.32 28.99 -35.85
N LYS A 120 -31.12 29.26 -37.17
CA LYS A 120 -31.08 30.62 -37.72
C LYS A 120 -32.36 31.42 -37.45
N ALA A 121 -33.48 30.73 -37.13
CA ALA A 121 -34.75 31.37 -36.79
C ALA A 121 -34.77 31.89 -35.34
N ILE A 122 -33.57 32.37 -34.87
CA ILE A 122 -33.11 33.03 -33.64
C ILE A 122 -34.02 34.15 -33.15
N LYS A 123 -34.51 34.01 -31.94
CA LYS A 123 -35.28 35.07 -31.29
C LYS A 123 -34.31 35.95 -30.43
N ASP A 124 -33.21 35.32 -29.93
CA ASP A 124 -32.19 35.83 -29.04
C ASP A 124 -30.87 35.14 -29.43
N PRO A 125 -29.76 35.88 -29.62
CA PRO A 125 -28.47 35.19 -29.90
C PRO A 125 -27.87 34.45 -28.68
N ASN A 126 -28.44 34.71 -27.49
CA ASN A 126 -28.08 34.09 -26.21
C ASN A 126 -28.95 32.87 -25.87
N SER A 127 -29.86 32.46 -26.76
CA SER A 127 -30.72 31.31 -26.58
C SER A 127 -29.91 30.03 -26.42
N MET A 128 -30.26 29.24 -25.39
CA MET A 128 -29.57 27.98 -25.15
C MET A 128 -30.27 26.77 -25.81
N ASP A 129 -31.23 27.05 -26.73
CA ASP A 129 -31.98 26.04 -27.44
C ASP A 129 -31.08 25.13 -28.24
N TYR A 130 -29.92 25.62 -28.71
CA TYR A 130 -28.99 24.80 -29.48
C TYR A 130 -28.46 23.57 -28.71
N LEU A 131 -28.57 23.59 -27.37
CA LEU A 131 -28.19 22.49 -26.50
C LEU A 131 -29.38 21.85 -25.78
N SER A 132 -30.59 22.33 -26.02
CA SER A 132 -31.81 21.88 -25.35
C SER A 132 -32.31 20.53 -25.85
N PRO A 133 -32.43 19.55 -24.95
CA PRO A 133 -32.98 18.25 -25.34
C PRO A 133 -34.40 18.36 -25.90
N LYS A 134 -35.23 19.27 -25.31
CA LYS A 134 -36.58 19.55 -25.79
C LYS A 134 -36.55 20.13 -27.21
N TYR A 135 -35.71 21.14 -27.46
CA TYR A 135 -35.62 21.74 -28.78
C TYR A 135 -35.14 20.75 -29.83
N LEU A 136 -34.02 20.06 -29.54
CA LEU A 136 -33.42 19.09 -30.46
C LEU A 136 -34.33 17.91 -30.71
N GLN A 137 -35.18 17.52 -29.72
CA GLN A 137 -36.14 16.44 -29.91
C GLN A 137 -37.27 16.90 -30.86
N LYS A 138 -37.73 18.15 -30.74
CA LYS A 138 -38.73 18.70 -31.66
C LYS A 138 -38.17 18.70 -33.11
N LEU A 139 -36.84 18.94 -33.28
CA LEU A 139 -36.20 18.92 -34.60
C LEU A 139 -36.04 17.51 -35.13
N ALA A 140 -35.77 16.55 -34.22
CA ALA A 140 -35.60 15.14 -34.53
C ALA A 140 -36.94 14.56 -35.04
N ASP A 141 -38.05 14.88 -34.34
CA ASP A 141 -39.40 14.46 -34.70
C ASP A 141 -39.83 15.08 -36.03
N LYS A 142 -39.44 16.34 -36.29
CA LYS A 142 -39.75 16.99 -37.56
C LYS A 142 -39.09 16.24 -38.72
N LYS A 143 -37.85 15.80 -38.54
CA LYS A 143 -37.12 15.09 -39.59
C LYS A 143 -37.56 13.63 -39.78
N ALA A 144 -37.75 12.89 -38.67
CA ALA A 144 -38.17 11.49 -38.73
C ALA A 144 -39.58 11.33 -39.32
N GLY A 145 -40.52 12.16 -38.85
CA GLY A 145 -41.88 12.11 -39.38
C GLY A 145 -43.02 12.08 -38.40
N LYS A 146 -44.26 12.08 -38.96
CA LYS A 146 -45.51 12.03 -38.20
C LYS A 146 -45.75 10.64 -37.60
N ASN A 147 -45.72 10.57 -36.24
CA ASN A 147 -45.89 9.36 -35.42
C ASN A 147 -44.93 8.22 -35.82
N PHE A 148 -43.63 8.55 -35.98
CA PHE A 148 -42.58 7.61 -36.37
C PHE A 148 -42.54 6.38 -35.45
N SER A 149 -42.68 6.58 -34.13
CA SER A 149 -42.64 5.49 -33.13
C SER A 149 -43.76 4.47 -33.33
N ALA A 150 -44.91 4.93 -33.85
CA ALA A 150 -46.05 4.05 -34.11
C ALA A 150 -45.89 3.39 -35.47
N LYS A 151 -45.40 4.14 -36.49
CA LYS A 151 -45.17 3.62 -37.85
C LYS A 151 -43.98 2.66 -37.94
N ASN A 152 -43.01 2.80 -37.03
CA ASN A 152 -41.80 1.99 -36.94
C ASN A 152 -41.64 1.56 -35.47
N PRO A 153 -42.36 0.51 -35.02
CA PRO A 153 -42.29 0.13 -33.59
C PRO A 153 -40.93 -0.44 -33.15
N GLY A 154 -40.55 -0.05 -31.95
CA GLY A 154 -39.25 -0.43 -31.40
C GLY A 154 -38.20 0.63 -31.65
N LEU A 155 -38.36 1.41 -32.71
CA LEU A 155 -37.48 2.48 -33.09
C LEU A 155 -37.84 3.81 -32.41
N SER A 156 -36.82 4.67 -32.28
CA SER A 156 -36.92 6.03 -31.74
C SER A 156 -35.79 6.89 -32.32
N VAL A 157 -35.98 8.21 -32.30
CA VAL A 157 -35.02 9.14 -32.90
C VAL A 157 -34.52 10.18 -31.85
N GLU A 158 -33.24 10.60 -31.96
CA GLU A 158 -32.64 11.53 -31.01
C GLU A 158 -31.55 12.39 -31.65
N ILE A 159 -31.60 13.72 -31.48
CA ILE A 159 -30.52 14.59 -31.95
C ILE A 159 -29.68 15.04 -30.76
N LYS A 160 -28.36 14.98 -30.91
CA LYS A 160 -27.45 15.40 -29.87
C LYS A 160 -26.44 16.43 -30.42
N ALA A 161 -26.04 17.39 -29.58
CA ALA A 161 -25.02 18.36 -29.96
C ALA A 161 -23.63 17.75 -29.63
N PHE A 162 -22.64 18.07 -30.46
CA PHE A 162 -21.26 17.65 -30.33
C PHE A 162 -20.37 18.86 -30.57
N TYR A 163 -19.12 18.81 -30.05
CA TYR A 163 -18.16 19.90 -30.22
C TYR A 163 -18.69 21.27 -29.75
N GLY A 164 -19.37 21.31 -28.62
CA GLY A 164 -19.93 22.53 -28.06
C GLY A 164 -21.07 23.19 -28.84
N GLY A 165 -21.73 22.42 -29.72
CA GLY A 165 -22.81 22.92 -30.55
C GLY A 165 -22.41 23.17 -32.00
N ASN A 166 -21.25 22.63 -32.41
CA ASN A 166 -20.74 22.78 -33.77
C ASN A 166 -21.02 21.60 -34.70
N LEU A 167 -21.50 20.47 -34.14
CA LEU A 167 -21.84 19.30 -34.92
C LEU A 167 -23.09 18.65 -34.31
N TYR A 168 -24.03 18.17 -35.14
CA TYR A 168 -25.22 17.49 -34.64
C TYR A 168 -25.38 16.15 -35.31
N LEU A 169 -25.75 15.11 -34.55
CA LEU A 169 -26.01 13.79 -35.10
C LEU A 169 -27.37 13.32 -34.65
N MET A 170 -28.12 12.68 -35.55
CA MET A 170 -29.40 12.06 -35.22
C MET A 170 -29.15 10.57 -35.11
N PHE A 171 -29.64 9.96 -34.05
CA PHE A 171 -29.46 8.54 -33.82
C PHE A 171 -30.81 7.89 -33.95
N THR A 172 -30.85 6.77 -34.67
CA THR A 172 -32.06 5.98 -34.75
C THR A 172 -31.77 4.77 -33.86
N LYS A 173 -32.53 4.64 -32.77
CA LYS A 173 -32.31 3.59 -31.78
C LYS A 173 -33.40 2.52 -31.74
N LYS A 174 -33.00 1.27 -31.54
CA LYS A 174 -33.91 0.13 -31.40
C LYS A 174 -33.79 -0.32 -29.95
N THR A 175 -34.86 -0.22 -29.16
CA THR A 175 -34.82 -0.57 -27.74
C THR A 175 -35.55 -1.86 -27.44
N TYR A 176 -34.88 -2.81 -26.74
CA TYR A 176 -35.46 -4.10 -26.33
C TYR A 176 -35.58 -4.11 -24.81
N THR A 177 -36.75 -4.49 -24.27
CA THR A 177 -36.95 -4.41 -22.81
C THR A 177 -37.17 -5.75 -22.13
N ASP A 178 -37.06 -6.85 -22.86
CA ASP A 178 -37.14 -8.18 -22.28
C ASP A 178 -35.71 -8.73 -22.37
N VAL A 179 -34.90 -8.46 -21.35
CA VAL A 179 -33.50 -8.87 -21.34
C VAL A 179 -33.33 -9.73 -20.09
N ARG A 180 -33.11 -11.02 -20.28
CA ARG A 180 -33.09 -11.96 -19.16
C ARG A 180 -31.70 -12.35 -18.69
N LEU A 181 -31.55 -12.56 -17.37
CA LEU A 181 -30.31 -12.99 -16.76
C LEU A 181 -30.04 -14.43 -17.19
N VAL A 182 -28.85 -14.70 -17.75
CA VAL A 182 -28.48 -16.04 -18.21
C VAL A 182 -27.43 -16.68 -17.35
N GLY A 183 -26.38 -15.93 -17.05
CA GLY A 183 -25.27 -16.46 -16.25
C GLY A 183 -24.47 -15.39 -15.56
N ALA A 184 -23.86 -15.72 -14.45
CA ALA A 184 -23.05 -14.80 -13.68
C ALA A 184 -22.13 -15.59 -12.79
N PRO A 185 -20.87 -15.15 -12.66
CA PRO A 185 -19.98 -15.84 -11.73
C PRO A 185 -20.36 -15.45 -10.30
N PRO A 186 -19.85 -16.16 -9.28
CA PRO A 186 -20.07 -15.70 -7.90
C PRO A 186 -19.38 -14.36 -7.69
N SER A 187 -19.82 -13.58 -6.70
CA SER A 187 -19.22 -12.28 -6.42
C SER A 187 -17.72 -12.36 -6.14
N SER A 188 -17.23 -13.49 -5.63
CA SER A 188 -15.82 -13.70 -5.35
C SER A 188 -14.93 -13.61 -6.63
N ILE A 189 -15.53 -13.77 -7.82
CA ILE A 189 -14.85 -13.62 -9.09
C ILE A 189 -15.28 -12.28 -9.73
N GLY A 190 -16.59 -12.05 -9.84
CA GLY A 190 -17.20 -10.86 -10.43
C GLY A 190 -16.75 -9.54 -9.86
N LYS A 191 -16.45 -9.54 -8.55
CA LYS A 191 -15.88 -8.39 -7.85
C LYS A 191 -14.72 -8.82 -6.93
N PHE A 192 -13.75 -9.59 -7.45
CA PHE A 192 -12.62 -10.06 -6.65
C PHE A 192 -11.88 -8.96 -5.90
N GLY A 193 -11.49 -7.89 -6.57
CA GLY A 193 -10.79 -6.82 -5.88
C GLY A 193 -11.67 -6.14 -4.83
N ALA A 194 -12.97 -6.03 -5.17
CA ALA A 194 -14.03 -5.40 -4.43
C ALA A 194 -13.65 -3.87 -4.29
N ASP A 195 -13.75 -3.18 -3.13
CA ASP A 195 -13.39 -1.77 -3.07
C ASP A 195 -11.87 -1.54 -3.04
N THR A 196 -11.10 -2.51 -2.49
CA THR A 196 -9.64 -2.37 -2.39
C THR A 196 -8.97 -2.19 -3.75
N ASP A 197 -9.33 -3.04 -4.71
CA ASP A 197 -8.77 -2.96 -6.04
C ASP A 197 -9.55 -2.06 -7.01
N ASN A 198 -10.49 -1.21 -6.55
CA ASN A 198 -11.19 -0.30 -7.45
C ASN A 198 -10.21 0.74 -8.01
N TRP A 199 -10.21 0.92 -9.34
CA TRP A 199 -9.27 1.79 -10.07
C TRP A 199 -7.83 1.31 -10.00
N ILE A 200 -7.60 0.05 -9.63
CA ILE A 200 -6.24 -0.47 -9.47
C ILE A 200 -5.81 -1.40 -10.61
N TRP A 201 -4.60 -1.17 -11.07
CA TRP A 201 -3.93 -2.06 -12.00
C TRP A 201 -2.59 -2.33 -11.32
N PRO A 202 -2.14 -3.61 -11.17
CA PRO A 202 -2.71 -4.86 -11.69
C PRO A 202 -4.07 -5.19 -11.11
N ARG A 203 -4.89 -5.90 -11.88
CA ARG A 203 -6.22 -6.22 -11.47
C ARG A 203 -6.52 -7.68 -11.78
N HIS A 204 -7.25 -8.38 -10.88
CA HIS A 204 -7.53 -9.81 -11.02
C HIS A 204 -9.00 -10.18 -10.96
N THR A 205 -9.86 -9.25 -11.35
CA THR A 205 -11.30 -9.40 -11.29
C THR A 205 -11.95 -9.96 -12.57
N GLY A 206 -12.83 -10.97 -12.40
CA GLY A 206 -13.60 -11.59 -13.46
C GLY A 206 -14.94 -10.86 -13.63
N ASP A 207 -14.85 -9.58 -13.98
CA ASP A 207 -15.99 -8.70 -14.10
C ASP A 207 -16.84 -8.95 -15.33
N PHE A 208 -17.70 -9.96 -15.27
CA PHE A 208 -18.62 -10.28 -16.33
C PHE A 208 -19.95 -10.86 -15.80
N SER A 209 -20.99 -10.74 -16.62
CA SER A 209 -22.32 -11.29 -16.46
C SER A 209 -22.93 -11.49 -17.87
N ILE A 210 -23.81 -12.49 -18.00
CA ILE A 210 -24.42 -12.91 -19.25
C ILE A 210 -25.95 -12.69 -19.23
N PHE A 211 -26.47 -12.12 -20.30
CA PHE A 211 -27.89 -11.85 -20.45
C PHE A 211 -28.37 -12.34 -21.83
N ARG A 212 -29.66 -12.24 -22.11
CA ARG A 212 -30.18 -12.60 -23.42
C ARG A 212 -31.30 -11.66 -23.78
N ILE A 213 -31.28 -11.15 -25.01
CA ILE A 213 -32.33 -10.29 -25.53
C ILE A 213 -33.48 -11.17 -26.06
N TYR A 214 -34.70 -10.89 -25.62
CA TYR A 214 -35.89 -11.58 -26.10
C TYR A 214 -36.74 -10.58 -26.88
N ALA A 215 -37.48 -11.08 -27.86
CA ALA A 215 -38.29 -10.26 -28.74
C ALA A 215 -39.58 -11.03 -29.16
N ASP A 216 -40.51 -10.40 -29.93
CA ASP A 216 -41.69 -11.10 -30.41
C ASP A 216 -41.25 -12.10 -31.52
N LYS A 217 -42.21 -12.88 -32.08
CA LYS A 217 -41.95 -13.88 -33.11
C LYS A 217 -41.16 -13.34 -34.32
N ASN A 218 -41.30 -12.04 -34.62
CA ASN A 218 -40.62 -11.43 -35.76
C ASN A 218 -39.32 -10.71 -35.42
N GLY A 219 -38.81 -10.88 -34.20
CA GLY A 219 -37.59 -10.23 -33.75
C GLY A 219 -37.73 -8.76 -33.43
N ASN A 220 -38.98 -8.27 -33.30
CA ASN A 220 -39.24 -6.87 -32.98
C ASN A 220 -39.33 -6.68 -31.48
N PRO A 221 -38.91 -5.50 -30.98
CA PRO A 221 -38.97 -5.26 -29.54
C PRO A 221 -40.35 -5.50 -28.92
N ALA A 222 -40.34 -6.08 -27.72
CA ALA A 222 -41.57 -6.39 -26.99
C ALA A 222 -41.24 -6.49 -25.50
N PRO A 223 -42.13 -5.98 -24.63
CA PRO A 223 -41.91 -6.14 -23.19
C PRO A 223 -42.02 -7.61 -22.79
N TYR A 224 -41.62 -7.97 -21.57
CA TYR A 224 -41.70 -9.34 -21.10
C TYR A 224 -43.09 -9.99 -21.32
N SER A 225 -43.05 -11.20 -21.89
CA SER A 225 -44.16 -12.09 -22.16
C SER A 225 -43.59 -13.50 -22.14
N GLU A 226 -44.35 -14.45 -21.56
CA GLU A 226 -43.93 -15.85 -21.55
C GLU A 226 -43.77 -16.41 -22.99
N ASP A 227 -44.40 -15.75 -23.99
CA ASP A 227 -44.39 -16.10 -25.40
C ASP A 227 -43.20 -15.50 -26.18
N ASN A 228 -42.31 -14.74 -25.51
CA ASN A 228 -41.18 -14.14 -26.19
C ASN A 228 -40.11 -15.16 -26.50
N VAL A 229 -39.48 -14.96 -27.65
CA VAL A 229 -38.48 -15.85 -28.23
C VAL A 229 -37.13 -15.10 -28.34
N PRO A 230 -35.97 -15.79 -28.16
CA PRO A 230 -34.67 -15.10 -28.27
C PRO A 230 -34.50 -14.32 -29.56
N LEU A 231 -33.81 -13.17 -29.49
CA LEU A 231 -33.62 -12.34 -30.67
C LEU A 231 -32.53 -12.90 -31.58
N LYS A 232 -32.84 -13.07 -32.87
CA LYS A 232 -31.82 -13.48 -33.84
C LYS A 232 -31.28 -12.12 -34.32
N PRO A 233 -30.03 -11.77 -33.98
CA PRO A 233 -29.54 -10.44 -34.32
C PRO A 233 -28.96 -10.29 -35.73
N LYS A 234 -28.92 -9.05 -36.18
CA LYS A 234 -28.32 -8.56 -37.42
C LYS A 234 -26.83 -8.97 -37.44
N ARG A 235 -26.14 -8.89 -36.29
CA ARG A 235 -24.71 -9.13 -36.16
C ARG A 235 -24.34 -9.49 -34.70
N PHE A 236 -23.34 -10.36 -34.52
CA PHE A 236 -22.82 -10.74 -33.22
C PHE A 236 -21.29 -10.90 -33.31
N PHE A 237 -20.59 -10.83 -32.17
CA PHE A 237 -19.14 -10.93 -32.15
C PHE A 237 -18.67 -12.37 -32.16
N ASN A 238 -17.54 -12.63 -32.82
CA ASN A 238 -16.90 -13.94 -32.72
C ASN A 238 -15.96 -13.83 -31.50
N ILE A 239 -15.82 -14.90 -30.74
CA ILE A 239 -14.91 -14.92 -29.59
C ILE A 239 -13.55 -15.44 -30.05
N SER A 240 -12.46 -14.70 -29.75
CA SER A 240 -11.12 -15.19 -30.11
C SER A 240 -10.49 -15.95 -28.94
N LEU A 241 -9.76 -17.02 -29.23
CA LEU A 241 -9.00 -17.73 -28.19
C LEU A 241 -7.46 -17.58 -28.37
N GLY A 242 -7.05 -16.84 -29.41
CA GLY A 242 -5.66 -16.52 -29.71
C GLY A 242 -4.96 -15.67 -28.67
N GLY A 243 -5.77 -14.95 -27.89
CA GLY A 243 -5.31 -14.12 -26.79
C GLY A 243 -4.73 -12.78 -27.17
N VAL A 244 -3.96 -12.21 -26.26
CA VAL A 244 -3.28 -10.94 -26.45
C VAL A 244 -1.80 -11.08 -26.14
N GLN A 245 -1.01 -10.25 -26.80
CA GLN A 245 0.42 -10.16 -26.61
C GLN A 245 0.79 -8.71 -26.44
N GLU A 246 1.92 -8.42 -25.83
CA GLU A 246 2.38 -7.04 -25.65
C GLU A 246 2.50 -6.36 -27.00
N ASN A 247 1.91 -5.17 -27.11
CA ASN A 247 1.92 -4.30 -28.28
C ASN A 247 0.84 -4.61 -29.28
N ASP A 248 0.03 -5.67 -29.09
CA ASP A 248 -1.06 -6.00 -29.99
C ASP A 248 -2.06 -4.88 -30.11
N TYR A 249 -2.64 -4.68 -31.28
CA TYR A 249 -3.63 -3.68 -31.54
C TYR A 249 -4.91 -4.09 -30.83
N ALA A 250 -5.55 -3.11 -30.18
CA ALA A 250 -6.82 -3.35 -29.52
C ALA A 250 -7.79 -2.15 -29.75
N MET A 251 -9.07 -2.42 -29.93
CA MET A 251 -10.07 -1.37 -30.12
C MET A 251 -11.30 -1.61 -29.31
N ILE A 252 -12.01 -0.54 -28.96
CA ILE A 252 -13.23 -0.62 -28.15
C ILE A 252 -14.31 0.24 -28.75
N MET A 253 -15.55 -0.19 -28.64
CA MET A 253 -16.73 0.55 -29.01
C MET A 253 -17.60 0.57 -27.74
N GLY A 254 -18.19 1.72 -27.43
CA GLY A 254 -19.01 1.85 -26.24
C GLY A 254 -19.67 3.20 -26.12
N PHE A 255 -20.20 3.50 -24.95
CA PHE A 255 -20.92 4.76 -24.75
C PHE A 255 -20.30 5.61 -23.65
N PRO A 256 -19.09 6.17 -23.87
CA PRO A 256 -18.49 7.03 -22.84
C PRO A 256 -19.40 8.22 -22.52
N GLY A 257 -19.58 8.48 -21.24
CA GLY A 257 -20.52 9.48 -20.75
C GLY A 257 -20.08 10.92 -20.81
N THR A 258 -18.97 11.28 -20.15
CA THR A 258 -18.53 12.68 -20.08
C THR A 258 -17.04 12.81 -20.08
N THR A 259 -16.54 13.88 -20.74
CA THR A 259 -15.15 14.31 -20.74
C THR A 259 -15.16 15.85 -20.69
N HIS A 260 -13.99 16.47 -20.42
CA HIS A 260 -13.81 17.90 -20.36
C HIS A 260 -12.51 18.23 -21.08
N ARG A 261 -12.40 17.80 -22.33
CA ARG A 261 -11.22 17.96 -23.17
C ARG A 261 -10.95 19.38 -23.60
N TYR A 262 -11.95 20.25 -23.52
CA TYR A 262 -11.79 21.66 -23.94
C TYR A 262 -11.90 22.62 -22.78
N PHE A 263 -11.50 22.16 -21.59
CA PHE A 263 -11.45 22.97 -20.40
C PHE A 263 -10.38 24.03 -20.62
N THR A 264 -10.60 25.25 -20.09
CA THR A 264 -9.53 26.25 -20.11
C THR A 264 -8.61 25.93 -18.91
N ALA A 265 -7.44 26.57 -18.86
CA ALA A 265 -6.52 26.43 -17.73
C ALA A 265 -7.20 26.91 -16.43
N SER A 266 -8.04 27.96 -16.52
CA SER A 266 -8.80 28.47 -15.36
C SER A 266 -9.83 27.48 -14.83
N GLU A 267 -10.40 26.62 -15.72
CA GLU A 267 -11.36 25.58 -15.35
C GLU A 267 -10.65 24.41 -14.67
N VAL A 268 -9.39 24.11 -15.08
CA VAL A 268 -8.54 23.09 -14.44
C VAL A 268 -8.13 23.60 -13.05
N ASP A 269 -7.80 24.91 -12.91
CA ASP A 269 -7.44 25.44 -11.59
C ASP A 269 -8.60 25.37 -10.64
N GLU A 270 -9.80 25.69 -11.12
CA GLU A 270 -11.05 25.67 -10.36
C GLU A 270 -11.42 24.24 -9.92
N TRP A 271 -11.30 23.28 -10.86
CA TRP A 271 -11.55 21.86 -10.63
C TRP A 271 -10.63 21.36 -9.51
N LYS A 272 -9.37 21.76 -9.55
CA LYS A 272 -8.41 21.40 -8.54
C LYS A 272 -8.71 22.07 -7.18
N SER A 273 -8.71 23.42 -7.13
CA SER A 273 -8.77 24.19 -5.90
C SER A 273 -10.14 24.33 -5.24
N ILE A 274 -11.22 24.08 -5.96
CA ILE A 274 -12.53 24.15 -5.37
C ILE A 274 -13.12 22.75 -5.29
N ASP A 275 -13.50 22.18 -6.42
CA ASP A 275 -14.12 20.87 -6.52
C ASP A 275 -13.34 19.79 -5.80
N ASN A 276 -12.11 19.53 -6.26
CA ASN A 276 -11.29 18.46 -5.69
C ASN A 276 -10.78 18.75 -4.28
N ASP A 277 -10.15 19.90 -4.03
CA ASP A 277 -9.64 20.20 -2.68
C ASP A 277 -10.72 20.15 -1.58
N ILE A 278 -11.96 20.65 -1.86
CA ILE A 278 -13.06 20.62 -0.88
C ILE A 278 -13.52 19.18 -0.66
N ARG A 279 -13.74 18.44 -1.74
CA ARG A 279 -14.17 17.04 -1.66
C ARG A 279 -13.13 16.20 -0.88
N ILE A 280 -11.83 16.40 -1.15
CA ILE A 280 -10.76 15.70 -0.46
C ILE A 280 -10.75 16.06 1.02
N ARG A 281 -10.77 17.38 1.32
CA ARG A 281 -10.76 17.85 2.70
C ARG A 281 -11.97 17.36 3.54
N MET A 282 -13.20 17.56 3.03
CA MET A 282 -14.40 17.20 3.78
C MET A 282 -14.61 15.71 3.91
N ARG A 283 -14.32 14.94 2.84
CA ARG A 283 -14.45 13.49 2.92
C ARG A 283 -13.42 12.87 3.82
N ASP A 284 -12.23 13.48 3.96
CA ASP A 284 -11.23 12.95 4.89
C ASP A 284 -11.68 13.12 6.34
N ILE A 285 -12.31 14.26 6.66
CA ILE A 285 -12.86 14.45 8.01
C ILE A 285 -13.99 13.44 8.28
N ARG A 286 -14.92 13.32 7.35
CA ARG A 286 -16.05 12.41 7.47
C ARG A 286 -15.64 10.94 7.64
N GLN A 287 -14.77 10.44 6.74
CA GLN A 287 -14.25 9.08 6.71
C GLN A 287 -13.42 8.80 7.95
N GLY A 288 -12.61 9.75 8.37
CA GLY A 288 -11.84 9.64 9.59
C GLY A 288 -12.68 9.35 10.83
N VAL A 289 -13.81 10.05 11.00
CA VAL A 289 -14.67 9.82 12.16
C VAL A 289 -15.38 8.46 12.03
N MET A 290 -15.86 8.13 10.81
CA MET A 290 -16.52 6.85 10.56
C MET A 290 -15.61 5.67 10.87
N LEU A 291 -14.35 5.75 10.46
CA LEU A 291 -13.39 4.71 10.70
C LEU A 291 -13.16 4.46 12.19
N ARG A 292 -12.93 5.53 12.98
CA ARG A 292 -12.74 5.39 14.43
C ARG A 292 -13.90 4.71 15.12
N GLU A 293 -15.15 4.95 14.63
CA GLU A 293 -16.36 4.37 15.22
C GLU A 293 -16.60 2.95 14.76
N MET A 294 -16.31 2.66 13.49
CA MET A 294 -16.47 1.33 12.93
C MET A 294 -15.45 0.36 13.57
N LEU A 295 -14.21 0.84 13.82
CA LEU A 295 -13.18 0.03 14.48
C LEU A 295 -13.48 -0.25 15.94
N ALA A 296 -14.17 0.65 16.62
CA ALA A 296 -14.49 0.49 18.03
C ALA A 296 -15.80 -0.28 18.31
N ASP A 297 -16.66 -0.46 17.30
CA ASP A 297 -17.94 -1.15 17.47
C ASP A 297 -18.23 -1.98 16.24
N PRO A 298 -18.20 -3.31 16.35
CA PRO A 298 -18.50 -4.16 15.18
C PRO A 298 -19.89 -3.97 14.59
N GLN A 299 -20.85 -3.50 15.40
CA GLN A 299 -22.20 -3.22 14.96
C GLN A 299 -22.18 -1.90 14.14
N ILE A 300 -21.36 -0.90 14.54
CA ILE A 300 -21.19 0.36 13.79
C ILE A 300 -20.50 0.09 12.45
N LYS A 301 -19.62 -0.92 12.40
CA LYS A 301 -18.97 -1.33 11.17
C LYS A 301 -20.02 -1.91 10.21
N ILE A 302 -20.91 -2.75 10.73
CA ILE A 302 -22.01 -3.30 9.92
C ILE A 302 -22.91 -2.17 9.38
N MET A 303 -23.35 -1.26 10.24
CA MET A 303 -24.22 -0.17 9.83
C MET A 303 -23.58 0.86 8.89
N TYR A 304 -22.29 1.19 9.07
CA TYR A 304 -21.66 2.26 8.28
C TYR A 304 -20.72 1.84 7.17
N SER A 305 -20.49 0.54 6.98
CA SER A 305 -19.59 0.05 5.95
C SER A 305 -19.90 0.52 4.54
N ALA A 306 -21.15 0.48 4.14
CA ALA A 306 -21.52 0.88 2.78
C ALA A 306 -21.42 2.40 2.58
N LYS A 307 -21.79 3.21 3.59
CA LYS A 307 -21.67 4.67 3.54
C LYS A 307 -20.20 5.09 3.50
N TYR A 308 -19.36 4.39 4.24
CA TYR A 308 -17.93 4.68 4.27
C TYR A 308 -17.32 4.41 2.89
N ALA A 309 -17.63 3.24 2.31
CA ALA A 309 -17.18 2.83 0.97
C ALA A 309 -17.70 3.80 -0.12
N ALA A 310 -18.97 4.18 -0.04
CA ALA A 310 -19.57 5.09 -1.03
C ALA A 310 -18.88 6.45 -1.00
N SER A 311 -18.51 6.93 0.20
CA SER A 311 -17.83 8.22 0.31
C SER A 311 -16.39 8.15 -0.23
N GLN A 312 -15.72 7.01 -0.01
CA GLN A 312 -14.36 6.76 -0.47
C GLN A 312 -14.24 6.73 -1.98
N ASN A 313 -15.26 6.27 -2.69
CA ASN A 313 -15.23 6.19 -4.16
C ASN A 313 -14.80 7.50 -4.85
N ALA A 314 -15.60 8.59 -4.73
CA ALA A 314 -15.24 9.87 -5.34
C ALA A 314 -14.09 10.58 -4.64
N TYR A 315 -13.83 10.23 -3.37
CA TYR A 315 -12.68 10.71 -2.62
C TYR A 315 -11.38 10.22 -3.31
N LYS A 316 -11.28 8.90 -3.62
N LYS A 316 -11.28 8.93 -3.59
CA LYS A 316 -10.14 8.24 -4.30
CA LYS A 316 -10.09 8.38 -4.25
C LYS A 316 -9.93 8.81 -5.70
C LYS A 316 -9.93 9.00 -5.63
N ARG A 317 -11.02 9.11 -6.39
CA ARG A 317 -11.00 9.69 -7.73
C ARG A 317 -10.46 11.12 -7.72
N ALA A 318 -10.84 11.91 -6.71
CA ALA A 318 -10.36 13.28 -6.56
C ALA A 318 -8.86 13.32 -6.24
N ILE A 319 -8.34 12.35 -5.45
CA ILE A 319 -6.91 12.22 -5.15
C ILE A 319 -6.14 11.89 -6.45
N GLY A 320 -6.66 10.95 -7.25
CA GLY A 320 -6.05 10.57 -8.52
C GLY A 320 -6.05 11.70 -9.54
N ALA A 321 -7.16 12.49 -9.58
CA ALA A 321 -7.33 13.64 -10.49
C ALA A 321 -6.37 14.74 -10.11
N ASN A 322 -6.23 15.01 -8.79
CA ASN A 322 -5.32 16.05 -8.28
C ASN A 322 -3.85 15.67 -8.48
N TRP A 323 -3.54 14.37 -8.48
CA TRP A 323 -2.20 13.89 -8.73
C TRP A 323 -1.84 14.22 -10.19
N ALA A 324 -2.78 13.99 -11.14
CA ALA A 324 -2.52 14.31 -12.54
C ALA A 324 -2.36 15.81 -12.74
N ILE A 325 -3.17 16.64 -12.08
CA ILE A 325 -3.06 18.09 -12.23
C ILE A 325 -1.69 18.57 -11.77
N LYS A 326 -1.21 18.00 -10.67
CA LYS A 326 0.07 18.33 -10.07
C LYS A 326 1.29 17.79 -10.82
N THR A 327 1.22 16.55 -11.33
CA THR A 327 2.37 15.92 -11.93
C THR A 327 2.40 15.82 -13.45
N ARG A 328 1.25 15.83 -14.13
CA ARG A 328 1.21 15.62 -15.57
C ARG A 328 1.03 16.88 -16.42
N GLY A 329 1.05 18.04 -15.79
CA GLY A 329 0.93 19.32 -16.49
C GLY A 329 -0.38 19.52 -17.21
N LEU A 330 -1.50 19.19 -16.54
CA LEU A 330 -2.83 19.33 -17.15
C LEU A 330 -3.17 20.77 -17.43
N ARG A 331 -2.85 21.65 -16.47
CA ARG A 331 -3.13 23.08 -16.57
C ARG A 331 -2.36 23.71 -17.71
N GLN A 332 -1.07 23.39 -17.81
CA GLN A 332 -0.15 23.93 -18.80
C GLN A 332 -0.52 23.53 -20.21
N ASN A 333 -1.00 22.30 -20.41
CA ASN A 333 -1.37 21.86 -21.74
C ASN A 333 -2.67 22.50 -22.23
N LYS A 334 -3.57 22.87 -21.31
CA LYS A 334 -4.78 23.59 -21.67
C LYS A 334 -4.41 25.04 -22.01
N GLN A 335 -3.47 25.63 -21.25
CA GLN A 335 -2.96 26.97 -21.48
C GLN A 335 -2.27 27.05 -22.85
N ALA A 336 -1.47 26.03 -23.22
CA ALA A 336 -0.78 25.95 -24.51
C ALA A 336 -1.77 25.80 -25.68
N MET A 337 -2.90 25.13 -25.44
CA MET A 337 -3.97 24.91 -26.40
C MET A 337 -4.64 26.25 -26.70
N GLN A 338 -5.01 27.01 -25.64
CA GLN A 338 -5.69 28.28 -25.83
C GLN A 338 -4.75 29.37 -26.35
N ASP A 339 -3.46 29.35 -25.95
CA ASP A 339 -2.48 30.34 -26.43
C ASP A 339 -2.26 30.20 -27.92
N ARG A 340 -2.20 28.95 -28.40
CA ARG A 340 -1.99 28.60 -29.80
C ARG A 340 -3.18 29.07 -30.66
N LEU A 341 -4.41 28.92 -30.15
CA LEU A 341 -5.60 29.39 -30.87
C LEU A 341 -5.66 30.93 -30.90
N ILE A 342 -5.33 31.57 -29.77
CA ILE A 342 -5.30 33.03 -29.65
C ILE A 342 -4.29 33.67 -30.62
N ALA A 343 -3.10 33.04 -30.76
CA ALA A 343 -2.04 33.48 -31.68
C ALA A 343 -2.49 33.32 -33.12
N TRP A 344 -3.19 32.21 -33.42
CA TRP A 344 -3.69 31.95 -34.77
C TRP A 344 -4.83 32.89 -35.14
N GLY A 345 -5.69 33.21 -34.16
CA GLY A 345 -6.79 34.13 -34.35
C GLY A 345 -6.31 35.54 -34.59
N ALA A 346 -5.21 35.93 -33.91
CA ALA A 346 -4.61 37.25 -34.06
C ALA A 346 -4.06 37.42 -35.48
N LYS A 347 -3.39 36.37 -35.99
CA LYS A 347 -2.82 36.35 -37.32
C LYS A 347 -3.89 36.38 -38.41
N GLN A 348 -5.06 35.80 -38.16
CA GLN A 348 -6.17 35.80 -39.13
C GLN A 348 -7.06 37.05 -39.07
N GLY A 349 -6.91 37.88 -38.04
CA GLY A 349 -7.76 39.06 -37.86
C GLY A 349 -9.12 38.73 -37.28
N THR A 350 -9.24 37.62 -36.53
CA THR A 350 -10.50 37.17 -35.91
C THR A 350 -10.37 37.15 -34.39
N PRO A 351 -10.77 38.23 -33.71
CA PRO A 351 -10.60 38.27 -32.24
C PRO A 351 -11.59 37.47 -31.41
N ARG A 352 -12.66 36.93 -32.01
CA ARG A 352 -13.69 36.21 -31.28
C ARG A 352 -13.23 35.01 -30.44
N TYR A 353 -12.08 34.39 -30.78
CA TYR A 353 -11.58 33.23 -30.03
C TYR A 353 -10.95 33.66 -28.73
N GLU A 354 -10.11 34.69 -28.77
CA GLU A 354 -9.50 35.24 -27.57
C GLU A 354 -10.58 35.83 -26.65
N GLU A 355 -11.60 36.48 -27.24
CA GLU A 355 -12.73 37.04 -26.52
C GLU A 355 -13.52 35.93 -25.82
N ALA A 356 -13.70 34.77 -26.49
CA ALA A 356 -14.39 33.59 -25.94
C ALA A 356 -13.63 32.98 -24.75
N VAL A 357 -12.29 32.85 -24.83
CA VAL A 357 -11.47 32.34 -23.74
C VAL A 357 -11.53 33.32 -22.56
N HIS A 358 -11.42 34.63 -22.83
CA HIS A 358 -11.52 35.67 -21.81
C HIS A 358 -12.85 35.58 -21.06
N GLU A 359 -13.95 35.32 -21.78
CA GLU A 359 -15.30 35.17 -21.20
C GLU A 359 -15.33 34.02 -20.20
N ILE A 360 -14.76 32.87 -20.59
CA ILE A 360 -14.71 31.69 -19.73
C ILE A 360 -13.90 31.99 -18.46
N ASP A 361 -12.72 32.60 -18.61
CA ASP A 361 -11.86 32.97 -17.50
C ASP A 361 -12.58 33.93 -16.54
N ALA A 362 -13.22 34.98 -17.09
CA ALA A 362 -13.92 35.96 -16.28
C ALA A 362 -15.09 35.32 -15.53
N THR A 363 -15.80 34.37 -16.16
CA THR A 363 -16.93 33.70 -15.52
C THR A 363 -16.39 32.84 -14.39
N VAL A 364 -15.31 32.08 -14.63
CA VAL A 364 -14.69 31.24 -13.61
C VAL A 364 -14.24 32.09 -12.39
N ALA A 365 -13.54 33.20 -12.65
CA ALA A 365 -13.09 34.09 -11.58
C ALA A 365 -14.27 34.67 -10.79
N LYS A 366 -15.33 35.11 -11.48
CA LYS A 366 -16.52 35.70 -10.88
C LYS A 366 -17.33 34.74 -9.99
N ARG A 367 -17.48 33.46 -10.39
CA ARG A 367 -18.25 32.51 -9.57
C ARG A 367 -17.44 31.79 -8.47
N ALA A 368 -16.16 32.11 -8.30
CA ALA A 368 -15.26 31.44 -7.34
C ALA A 368 -15.75 31.34 -5.88
N ASP A 369 -16.16 32.45 -5.25
CA ASP A 369 -16.64 32.42 -3.88
C ASP A 369 -17.93 31.61 -3.74
N LEU A 370 -18.88 31.81 -4.64
CA LEU A 370 -20.15 31.09 -4.65
C LEU A 370 -19.96 29.58 -4.82
N ARG A 371 -19.08 29.19 -5.77
CA ARG A 371 -18.79 27.78 -6.05
C ARG A 371 -18.10 27.09 -4.85
N ARG A 372 -17.24 27.84 -4.16
CA ARG A 372 -16.57 27.38 -2.96
C ARG A 372 -17.62 27.12 -1.86
N ARG A 373 -18.55 28.05 -1.70
CA ARG A 373 -19.64 27.93 -0.73
C ARG A 373 -20.57 26.77 -1.05
N TYR A 374 -20.80 26.50 -2.35
CA TYR A 374 -21.65 25.41 -2.80
C TYR A 374 -21.00 24.04 -2.49
N TRP A 375 -19.74 23.85 -2.85
CA TRP A 375 -19.03 22.61 -2.58
C TRP A 375 -18.81 22.42 -1.07
N MET A 376 -18.62 23.52 -0.34
CA MET A 376 -18.45 23.44 1.10
C MET A 376 -19.72 22.89 1.77
N ILE A 377 -20.91 23.39 1.39
CA ILE A 377 -22.16 22.91 1.99
C ILE A 377 -22.56 21.53 1.45
N GLU A 378 -22.26 21.24 0.18
CA GLU A 378 -22.58 19.95 -0.41
C GLU A 378 -21.76 18.83 0.20
N GLU A 379 -20.42 19.00 0.24
CA GLU A 379 -19.52 17.99 0.81
C GLU A 379 -19.59 17.97 2.34
N GLY A 380 -19.62 19.16 2.94
CA GLY A 380 -19.64 19.30 4.39
C GLY A 380 -20.91 18.94 5.11
N ILE A 381 -22.07 19.33 4.56
CA ILE A 381 -23.34 19.12 5.25
C ILE A 381 -24.33 18.21 4.50
N ILE A 382 -24.70 18.56 3.24
CA ILE A 382 -25.68 17.83 2.43
C ILE A 382 -25.32 16.33 2.33
N ARG A 383 -24.04 16.04 2.05
CA ARG A 383 -23.53 14.67 2.01
C ARG A 383 -22.91 14.30 3.34
N GLY A 384 -22.21 15.24 3.97
CA GLY A 384 -21.45 14.99 5.18
C GLY A 384 -22.19 14.62 6.45
N ILE A 385 -23.39 15.20 6.68
CA ILE A 385 -24.19 15.02 7.89
C ILE A 385 -25.54 14.37 7.61
N GLU A 386 -25.78 13.19 8.19
CA GLU A 386 -27.03 12.45 7.95
C GLU A 386 -28.28 13.16 8.42
N PHE A 387 -28.22 13.90 9.55
CA PHE A 387 -29.42 14.61 10.02
C PHE A 387 -29.71 15.87 9.19
N ALA A 388 -28.89 16.19 8.15
CA ALA A 388 -29.25 17.24 7.20
C ALA A 388 -30.47 16.71 6.38
N ARG A 389 -30.52 15.39 6.11
CA ARG A 389 -31.61 14.74 5.38
C ARG A 389 -32.68 14.14 6.33
N SER A 390 -32.84 14.77 7.50
CA SER A 390 -33.86 14.40 8.47
C SER A 390 -35.22 14.98 7.99
N PRO A 391 -36.38 14.53 8.52
CA PRO A 391 -37.66 15.00 7.99
C PRO A 391 -37.98 16.49 8.12
N ILE A 392 -38.45 17.07 7.01
CA ILE A 392 -38.94 18.43 6.98
C ILE A 392 -40.42 18.36 6.63
N PRO A 393 -41.29 18.80 7.56
CA PRO A 393 -42.75 18.77 7.31
C PRO A 393 -43.14 19.66 6.12
N THR A 394 -43.89 19.09 5.18
CA THR A 394 -44.32 19.81 3.99
C THR A 394 -45.34 20.95 4.32
N GLU A 395 -45.65 21.84 3.34
CA GLU A 395 -46.64 22.91 3.51
C GLU A 395 -48.03 22.31 3.82
N ASP A 396 -48.39 21.21 3.11
CA ASP A 396 -49.64 20.48 3.29
C ASP A 396 -49.62 19.58 4.55
N GLU A 397 -48.44 19.04 4.94
CA GLU A 397 -48.31 18.25 6.17
C GLU A 397 -48.53 19.20 7.37
N THR A 398 -47.85 20.35 7.38
CA THR A 398 -48.00 21.38 8.41
C THR A 398 -49.46 21.86 8.49
N LYS A 399 -50.07 22.20 7.33
CA LYS A 399 -51.45 22.66 7.27
C LYS A 399 -52.42 21.64 7.87
N ALA A 400 -52.27 20.36 7.53
CA ALA A 400 -53.12 19.29 8.06
C ALA A 400 -53.07 19.16 9.60
N LEU A 401 -51.99 19.63 10.24
CA LEU A 401 -51.85 19.56 11.69
C LEU A 401 -52.53 20.74 12.40
N GLN A 402 -52.60 21.92 11.73
CA GLN A 402 -53.23 23.10 12.33
C GLN A 402 -54.69 23.22 11.91
N ASP A 405 -57.75 20.47 12.02
CA ASP A 405 -58.97 20.01 12.70
C ASP A 405 -59.78 19.06 11.81
N ALA A 406 -59.19 17.92 11.41
CA ALA A 406 -59.82 16.90 10.55
C ALA A 406 -59.18 15.51 10.84
N SER A 407 -59.62 14.40 10.18
CA SER A 407 -58.94 13.09 10.35
C SER A 407 -57.59 13.04 9.56
N ALA A 408 -57.20 14.15 8.89
CA ALA A 408 -55.98 14.33 8.11
C ALA A 408 -54.72 14.57 8.97
N ARG A 409 -54.91 14.73 10.31
CA ARG A 409 -53.85 14.90 11.31
C ARG A 409 -53.09 13.57 11.41
N LYS A 410 -53.83 12.45 11.54
CA LYS A 410 -53.25 11.12 11.62
C LYS A 410 -52.59 10.67 10.30
N GLU A 411 -53.01 11.27 9.16
CA GLU A 411 -52.47 10.99 7.85
C GLU A 411 -51.10 11.69 7.74
N ALA A 412 -51.00 12.95 8.24
CA ALA A 412 -49.79 13.76 8.24
C ALA A 412 -48.73 13.16 9.18
N ILE A 413 -49.14 12.68 10.35
CA ILE A 413 -48.24 12.02 11.30
C ILE A 413 -47.73 10.70 10.75
N ASP A 414 -48.55 9.95 9.99
CA ASP A 414 -48.09 8.69 9.42
C ASP A 414 -47.11 8.92 8.25
N LYS A 415 -47.25 10.04 7.54
CA LYS A 415 -46.36 10.38 6.44
C LYS A 415 -45.00 10.81 7.01
N ILE A 416 -45.03 11.62 8.10
CA ILE A 416 -43.84 12.09 8.79
C ILE A 416 -43.11 10.92 9.45
N ARG A 417 -43.85 9.97 10.03
CA ARG A 417 -43.29 8.80 10.70
C ARG A 417 -42.57 7.89 9.71
N THR A 418 -43.14 7.75 8.50
CA THR A 418 -42.56 6.92 7.45
C THR A 418 -41.20 7.49 7.03
N ARG A 419 -41.10 8.84 6.93
CA ARG A 419 -39.87 9.55 6.59
C ARG A 419 -38.88 9.50 7.72
N TYR A 420 -39.35 9.56 8.97
CA TYR A 420 -38.51 9.49 10.13
C TYR A 420 -37.88 8.07 10.23
N SER A 421 -38.65 7.02 9.91
CA SER A 421 -38.14 5.64 9.94
C SER A 421 -37.11 5.40 8.84
N LYS A 422 -37.24 6.10 7.70
CA LYS A 422 -36.28 5.99 6.61
C LYS A 422 -34.98 6.67 7.03
N PHE A 423 -35.05 7.84 7.68
CA PHE A 423 -33.88 8.58 8.17
C PHE A 423 -33.19 7.80 9.31
N ALA A 424 -33.91 7.51 10.38
CA ALA A 424 -33.35 6.77 11.51
C ALA A 424 -33.61 5.28 11.29
N ASN A 425 -32.93 4.68 10.29
CA ASN A 425 -33.14 3.27 9.98
C ASN A 425 -32.18 2.31 10.75
N LYS A 426 -32.13 1.00 10.38
CA LYS A 426 -31.27 0.00 11.02
C LYS A 426 -29.76 0.32 10.92
N ASP A 427 -29.38 1.17 9.95
CA ASP A 427 -28.00 1.58 9.74
C ASP A 427 -27.67 2.99 10.23
N TYR A 428 -28.65 3.67 10.86
CA TYR A 428 -28.43 5.02 11.35
C TYR A 428 -28.10 5.02 12.83
N SER A 429 -26.97 5.63 13.18
CA SER A 429 -26.57 5.81 14.56
C SER A 429 -26.49 7.32 14.84
N ALA A 430 -27.33 7.78 15.75
CA ALA A 430 -27.38 9.17 16.18
C ALA A 430 -26.07 9.59 16.83
N GLU A 431 -25.41 8.67 17.58
CA GLU A 431 -24.14 8.96 18.24
C GLU A 431 -23.01 9.15 17.24
N VAL A 432 -22.93 8.26 16.23
CA VAL A 432 -21.93 8.39 15.15
C VAL A 432 -22.22 9.68 14.36
N ASP A 433 -23.51 9.98 14.11
CA ASP A 433 -23.89 11.19 13.40
C ASP A 433 -23.54 12.47 14.13
N LYS A 434 -23.71 12.49 15.46
CA LYS A 434 -23.34 13.66 16.25
C LYS A 434 -21.82 13.88 16.16
N LYS A 435 -21.02 12.80 16.17
CA LYS A 435 -19.58 12.91 16.09
C LYS A 435 -19.13 13.37 14.72
N VAL A 436 -19.74 12.85 13.65
CA VAL A 436 -19.41 13.27 12.30
C VAL A 436 -19.81 14.75 12.11
N ALA A 437 -21.02 15.13 12.52
CA ALA A 437 -21.48 16.51 12.43
C ALA A 437 -20.61 17.47 13.23
N VAL A 438 -20.14 17.09 14.43
CA VAL A 438 -19.31 18.01 15.21
C VAL A 438 -17.98 18.33 14.47
N ALA A 439 -17.31 17.33 13.89
CA ALA A 439 -16.07 17.55 13.14
C ALA A 439 -16.31 18.27 11.77
N MET A 440 -17.40 17.90 11.08
CA MET A 440 -17.76 18.49 9.77
C MET A 440 -18.18 19.95 9.92
N LEU A 441 -18.96 20.26 10.96
CA LEU A 441 -19.39 21.63 11.21
C LEU A 441 -18.25 22.48 11.72
N THR A 442 -17.34 21.92 12.52
CA THR A 442 -16.17 22.67 13.02
C THR A 442 -15.33 23.17 11.83
N GLU A 443 -15.17 22.33 10.81
CA GLU A 443 -14.43 22.70 9.61
C GLU A 443 -15.23 23.67 8.72
N TYR A 444 -16.54 23.45 8.62
CA TYR A 444 -17.42 24.30 7.85
C TYR A 444 -17.46 25.71 8.40
N LEU A 445 -17.61 25.85 9.73
CA LEU A 445 -17.66 27.14 10.41
C LEU A 445 -16.35 27.93 10.33
N LYS A 446 -15.24 27.22 10.18
CA LYS A 446 -13.91 27.77 10.00
C LYS A 446 -13.74 28.29 8.54
N GLU A 447 -14.39 27.66 7.56
CA GLU A 447 -14.29 28.07 6.16
C GLU A 447 -15.33 29.06 5.66
N ILE A 448 -16.55 29.02 6.20
CA ILE A 448 -17.64 29.87 5.74
C ILE A 448 -17.95 30.91 6.82
N PRO A 449 -17.90 32.21 6.48
CA PRO A 449 -18.14 33.24 7.51
C PRO A 449 -19.58 33.37 7.97
N TYR A 450 -19.80 34.03 9.11
CA TYR A 450 -21.12 34.23 9.73
C TYR A 450 -22.17 34.76 8.73
N GLU A 451 -21.79 35.78 7.94
CA GLU A 451 -22.70 36.38 6.96
C GLU A 451 -23.09 35.43 5.83
N ASN A 452 -22.28 34.40 5.58
CA ASN A 452 -22.53 33.41 4.53
C ASN A 452 -23.11 32.06 5.06
N LEU A 453 -23.36 31.96 6.37
CA LEU A 453 -23.81 30.71 6.98
C LEU A 453 -25.29 30.45 6.77
N PRO A 454 -25.71 29.16 6.67
CA PRO A 454 -27.15 28.87 6.75
C PRO A 454 -27.66 29.43 8.10
N LEU A 455 -28.80 30.17 8.08
CA LEU A 455 -29.34 30.90 9.23
C LEU A 455 -29.28 30.16 10.59
N HIS A 456 -29.54 28.84 10.65
CA HIS A 456 -29.52 28.11 11.91
C HIS A 456 -28.11 27.96 12.46
N LEU A 457 -27.10 27.87 11.57
CA LEU A 457 -25.69 27.74 11.98
C LEU A 457 -25.16 29.01 12.64
N ARG A 458 -25.86 30.14 12.50
CA ARG A 458 -25.53 31.38 13.19
C ARG A 458 -25.69 31.22 14.70
N LEU A 459 -26.61 30.32 15.15
CA LEU A 459 -26.84 30.00 16.56
C LEU A 459 -25.62 29.45 17.26
N VAL A 460 -24.63 28.90 16.52
CA VAL A 460 -23.41 28.39 17.13
C VAL A 460 -22.69 29.53 17.85
N LYS A 461 -22.52 30.67 17.17
CA LYS A 461 -21.88 31.85 17.75
C LYS A 461 -22.82 32.61 18.69
N ASP A 462 -24.04 32.89 18.25
CA ASP A 462 -25.03 33.66 19.00
C ASP A 462 -25.58 33.03 20.28
N ARG A 463 -25.98 31.75 20.22
CA ARG A 463 -26.61 31.08 21.35
C ARG A 463 -25.69 30.13 22.11
N PHE A 464 -24.69 29.54 21.42
CA PHE A 464 -23.86 28.51 22.07
C PHE A 464 -22.42 28.91 22.35
N ALA A 465 -22.08 30.21 22.17
CA ALA A 465 -20.71 30.71 22.40
C ALA A 465 -19.63 29.92 21.62
N GLY A 466 -19.94 29.49 20.40
CA GLY A 466 -19.02 28.75 19.54
C GLY A 466 -18.85 27.29 19.87
N ASP A 467 -19.66 26.75 20.78
CA ASP A 467 -19.58 25.34 21.16
C ASP A 467 -20.38 24.50 20.17
N VAL A 468 -19.68 23.92 19.17
CA VAL A 468 -20.30 23.09 18.14
C VAL A 468 -20.87 21.82 18.79
N GLN A 469 -20.19 21.24 19.78
CA GLN A 469 -20.68 20.06 20.49
C GLN A 469 -21.99 20.36 21.21
N ALA A 470 -22.12 21.54 21.86
CA ALA A 470 -23.35 21.91 22.55
C ALA A 470 -24.50 22.15 21.58
N TYR A 471 -24.20 22.76 20.46
CA TYR A 471 -25.19 23.03 19.42
C TYR A 471 -25.76 21.71 18.88
N VAL A 472 -24.88 20.74 18.53
CA VAL A 472 -25.28 19.43 18.02
C VAL A 472 -26.01 18.63 19.10
N ASP A 473 -25.55 18.73 20.37
CA ASP A 473 -26.20 18.03 21.48
C ASP A 473 -27.61 18.56 21.67
N ASP A 474 -27.79 19.88 21.55
CA ASP A 474 -29.08 20.52 21.72
C ASP A 474 -30.07 20.09 20.63
N ILE A 475 -29.59 19.95 19.37
CA ILE A 475 -30.42 19.53 18.25
C ILE A 475 -31.06 18.18 18.56
N PHE A 476 -30.28 17.22 19.03
CA PHE A 476 -30.77 15.89 19.34
C PHE A 476 -31.57 15.82 20.64
N ALA A 477 -31.16 16.59 21.65
CA ALA A 477 -31.84 16.58 22.95
C ALA A 477 -33.24 17.16 22.86
N ARG A 478 -33.44 18.19 22.02
CA ARG A 478 -34.74 18.85 21.92
C ARG A 478 -35.58 18.48 20.71
N SER A 479 -34.98 17.81 19.72
CA SER A 479 -35.73 17.45 18.52
C SER A 479 -36.65 16.28 18.66
N VAL A 480 -37.78 16.40 17.99
CA VAL A 480 -38.80 15.38 17.78
C VAL A 480 -38.16 14.17 17.00
N PHE A 481 -37.10 14.40 16.21
CA PHE A 481 -36.42 13.32 15.47
C PHE A 481 -35.09 12.90 16.12
N GLY A 482 -34.84 13.33 17.36
CA GLY A 482 -33.63 13.00 18.11
C GLY A 482 -33.60 11.58 18.63
N SER A 483 -34.76 10.97 18.82
CA SER A 483 -34.88 9.58 19.28
C SER A 483 -36.28 9.05 18.96
N GLU A 484 -36.49 7.74 19.05
CA GLU A 484 -37.80 7.15 18.81
C GLU A 484 -38.78 7.64 19.87
N ALA A 485 -38.37 7.71 21.14
CA ALA A 485 -39.23 8.17 22.23
C ALA A 485 -39.65 9.63 22.05
N GLN A 486 -38.73 10.46 21.54
CA GLN A 486 -39.04 11.86 21.29
C GLN A 486 -40.03 12.00 20.17
N PHE A 487 -39.91 11.15 19.13
CA PHE A 487 -40.87 11.19 18.03
C PHE A 487 -42.25 10.74 18.48
N ASP A 488 -42.35 9.61 19.19
CA ASP A 488 -43.63 9.09 19.66
C ASP A 488 -44.34 10.07 20.58
N ALA A 489 -43.59 10.85 21.37
CA ALA A 489 -44.16 11.87 22.26
C ALA A 489 -44.74 13.02 21.46
N PHE A 490 -44.13 13.33 20.31
CA PHE A 490 -44.63 14.36 19.41
C PHE A 490 -45.88 13.82 18.71
N ALA A 491 -45.81 12.62 18.13
CA ALA A 491 -46.90 11.96 17.42
C ALA A 491 -48.16 11.81 18.28
N ALA A 492 -48.00 11.69 19.61
CA ALA A 492 -49.13 11.59 20.51
C ALA A 492 -49.79 12.95 20.67
N VAL A 493 -49.00 14.04 20.78
CA VAL A 493 -49.55 15.39 20.93
C VAL A 493 -48.85 16.33 19.92
N PRO A 494 -49.22 16.22 18.64
CA PRO A 494 -48.54 17.01 17.61
C PRO A 494 -49.01 18.43 17.46
N SER A 495 -48.11 19.40 17.62
CA SER A 495 -48.47 20.80 17.41
C SER A 495 -47.55 21.41 16.35
N VAL A 496 -48.12 22.17 15.41
CA VAL A 496 -47.35 22.83 14.34
C VAL A 496 -46.30 23.78 14.93
N GLU A 497 -46.60 24.38 16.09
CA GLU A 497 -45.74 25.28 16.82
C GLU A 497 -44.46 24.57 17.27
N LYS A 498 -44.58 23.27 17.65
CA LYS A 498 -43.45 22.44 18.08
C LYS A 498 -42.54 22.16 16.89
N LEU A 499 -43.13 21.85 15.73
CA LEU A 499 -42.39 21.57 14.50
C LEU A 499 -41.71 22.81 13.94
N ALA A 500 -42.36 23.97 14.08
CA ALA A 500 -41.80 25.23 13.58
C ALA A 500 -40.55 25.69 14.39
N GLU A 501 -40.45 25.26 15.65
CA GLU A 501 -39.31 25.62 16.48
C GLU A 501 -38.31 24.44 16.65
N ASP A 502 -38.58 23.27 16.05
CA ASP A 502 -37.73 22.11 16.18
C ASP A 502 -36.31 22.38 15.68
N PRO A 503 -35.30 22.20 16.57
CA PRO A 503 -33.91 22.47 16.19
C PRO A 503 -33.38 21.64 15.02
N MET A 504 -33.79 20.37 14.87
CA MET A 504 -33.33 19.56 13.74
C MET A 504 -34.03 19.99 12.45
N VAL A 505 -35.34 20.31 12.51
CA VAL A 505 -36.10 20.77 11.35
C VAL A 505 -35.52 22.11 10.85
N LEU A 506 -35.22 23.05 11.77
CA LEU A 506 -34.65 24.36 11.46
C LEU A 506 -33.28 24.23 10.85
N PHE A 507 -32.46 23.26 11.33
CA PHE A 507 -31.13 22.97 10.78
C PHE A 507 -31.30 22.44 9.36
N ALA A 508 -32.11 21.40 9.17
CA ALA A 508 -32.30 20.76 7.87
C ALA A 508 -32.87 21.71 6.82
N SER A 509 -33.85 22.53 7.20
CA SER A 509 -34.47 23.52 6.33
C SER A 509 -33.44 24.57 5.97
N SER A 510 -32.70 25.07 6.96
CA SER A 510 -31.70 26.11 6.81
C SER A 510 -30.58 25.72 5.87
N VAL A 511 -30.05 24.49 6.02
CA VAL A 511 -28.95 24.07 5.17
C VAL A 511 -29.47 23.81 3.75
N PHE A 512 -30.71 23.32 3.58
CA PHE A 512 -31.26 23.10 2.26
C PHE A 512 -31.67 24.43 1.58
N ASP A 513 -32.02 25.46 2.36
CA ASP A 513 -32.30 26.78 1.79
C ASP A 513 -31.04 27.33 1.14
N GLU A 514 -29.92 27.33 1.86
CA GLU A 514 -28.63 27.85 1.43
C GLU A 514 -28.05 27.08 0.25
N TYR A 515 -28.23 25.77 0.25
CA TYR A 515 -27.82 24.89 -0.83
C TYR A 515 -28.56 25.27 -2.12
N ARG A 516 -29.89 25.49 -2.04
CA ARG A 516 -30.67 25.91 -3.22
C ARG A 516 -30.40 27.36 -3.64
N LYS A 517 -30.20 28.26 -2.68
CA LYS A 517 -29.86 29.65 -2.97
C LYS A 517 -28.52 29.72 -3.73
N LEU A 518 -27.54 28.87 -3.32
CA LEU A 518 -26.23 28.83 -3.97
C LEU A 518 -26.34 28.23 -5.38
N TYR A 519 -27.08 27.13 -5.53
CA TYR A 519 -27.31 26.48 -6.81
C TYR A 519 -27.98 27.47 -7.79
N ASN A 520 -29.02 28.19 -7.35
CA ASN A 520 -29.75 29.14 -8.18
C ASN A 520 -28.90 30.35 -8.57
N GLU A 521 -27.98 30.76 -7.71
CA GLU A 521 -27.08 31.86 -8.03
C GLU A 521 -26.00 31.41 -8.98
N LEU A 522 -25.56 30.14 -8.88
CA LEU A 522 -24.50 29.63 -9.72
C LEU A 522 -24.91 29.22 -11.12
N ARG A 523 -26.18 28.77 -11.30
CA ARG A 523 -26.73 28.33 -12.58
C ARG A 523 -26.55 29.34 -13.73
N PRO A 524 -26.83 30.65 -13.54
CA PRO A 524 -26.64 31.61 -14.64
C PRO A 524 -25.24 31.67 -15.24
N TYR A 525 -24.22 31.22 -14.49
CA TYR A 525 -22.84 31.27 -14.95
C TYR A 525 -22.48 30.13 -15.90
N ASP A 526 -23.31 29.08 -16.01
CA ASP A 526 -23.01 27.97 -16.91
C ASP A 526 -23.14 28.36 -18.38
N ASP A 527 -24.17 29.19 -18.69
CA ASP A 527 -24.51 29.61 -20.06
C ASP A 527 -23.44 30.41 -20.77
N PRO A 528 -22.83 31.46 -20.15
CA PRO A 528 -21.77 32.20 -20.84
C PRO A 528 -20.60 31.30 -21.22
N ILE A 529 -20.22 30.35 -20.35
CA ILE A 529 -19.13 29.39 -20.57
C ILE A 529 -19.50 28.49 -21.74
N LEU A 530 -20.72 27.96 -21.72
CA LEU A 530 -21.22 27.11 -22.78
C LEU A 530 -21.21 27.82 -24.15
N ARG A 531 -21.73 29.06 -24.21
CA ARG A 531 -21.76 29.83 -25.46
C ARG A 531 -20.34 30.13 -25.93
N ALA A 532 -19.43 30.48 -25.00
CA ALA A 532 -18.05 30.76 -25.37
C ALA A 532 -17.31 29.49 -25.82
N GLN A 533 -17.68 28.33 -25.28
CA GLN A 533 -17.11 27.06 -25.70
C GLN A 533 -17.51 26.71 -27.13
N ARG A 534 -18.68 27.18 -27.59
CA ARG A 534 -19.11 26.96 -28.97
C ARG A 534 -18.14 27.68 -29.90
N THR A 535 -17.78 28.94 -29.59
CA THR A 535 -16.82 29.72 -30.37
C THR A 535 -15.40 29.15 -30.25
N TYR A 536 -14.98 28.79 -29.03
CA TYR A 536 -13.67 28.22 -28.74
C TYR A 536 -13.44 26.90 -29.50
N ILE A 537 -14.34 25.92 -29.38
CA ILE A 537 -14.22 24.65 -30.09
C ILE A 537 -14.32 24.86 -31.60
N ALA A 538 -15.14 25.85 -32.06
CA ALA A 538 -15.20 26.15 -33.50
C ALA A 538 -13.82 26.61 -34.01
N GLY A 539 -13.15 27.50 -33.25
CA GLY A 539 -11.82 27.95 -33.57
C GLY A 539 -10.82 26.81 -33.63
N LEU A 540 -10.80 25.96 -32.58
CA LEU A 540 -9.87 24.84 -32.51
C LEU A 540 -10.01 23.92 -33.71
N LEU A 541 -11.23 23.64 -34.12
CA LEU A 541 -11.52 22.78 -35.28
C LEU A 541 -11.13 23.45 -36.61
N GLU A 542 -11.43 24.74 -36.77
CA GLU A 542 -11.05 25.48 -37.97
C GLU A 542 -9.51 25.58 -38.11
N MET A 543 -8.80 25.60 -36.96
CA MET A 543 -7.35 25.69 -36.95
C MET A 543 -6.65 24.34 -37.18
N ASP A 544 -6.87 23.35 -36.32
CA ASP A 544 -6.15 22.07 -36.39
C ASP A 544 -6.96 20.90 -36.95
N GLY A 545 -8.26 21.08 -37.10
CA GLY A 545 -9.14 20.04 -37.62
C GLY A 545 -9.66 19.02 -36.62
N ASP A 546 -10.79 18.39 -37.01
CA ASP A 546 -11.48 17.30 -36.30
C ASP A 546 -10.74 16.01 -36.71
N GLN A 547 -9.46 15.93 -36.32
CA GLN A 547 -8.64 14.81 -36.72
C GLN A 547 -7.88 14.33 -35.52
N ASP A 548 -7.19 15.21 -34.79
CA ASP A 548 -6.49 14.77 -33.57
C ASP A 548 -7.10 15.40 -32.28
N GLN A 549 -8.34 15.94 -32.40
CA GLN A 549 -9.15 16.45 -31.30
C GLN A 549 -10.59 15.96 -31.44
N PHE A 550 -10.94 15.00 -30.57
CA PHE A 550 -12.20 14.30 -30.50
C PHE A 550 -13.28 15.13 -29.82
N PRO A 551 -14.58 14.88 -30.12
CA PRO A 551 -15.62 15.64 -29.41
C PRO A 551 -15.81 15.07 -28.01
N ASP A 552 -16.12 15.93 -27.03
CA ASP A 552 -16.35 15.46 -25.65
C ASP A 552 -17.38 14.28 -25.62
N ALA A 553 -17.18 13.30 -24.73
CA ALA A 553 -18.11 12.20 -24.56
C ALA A 553 -19.47 12.78 -24.11
N ASN A 554 -20.59 12.21 -24.62
CA ASN A 554 -21.93 12.67 -24.28
C ASN A 554 -22.94 11.50 -24.27
N LEU A 555 -22.49 10.34 -23.82
CA LEU A 555 -23.26 9.11 -23.76
C LEU A 555 -23.68 8.62 -25.14
N THR A 556 -22.85 8.87 -26.15
CA THR A 556 -23.10 8.36 -27.50
C THR A 556 -22.01 7.40 -27.91
N LEU A 557 -22.32 6.54 -28.88
CA LEU A 557 -21.47 5.49 -29.41
C LEU A 557 -20.15 6.04 -29.96
N ARG A 558 -19.04 5.56 -29.40
CA ARG A 558 -17.71 6.00 -29.83
C ARG A 558 -16.79 4.81 -29.98
N PHE A 559 -15.72 5.00 -30.76
CA PHE A 559 -14.68 3.98 -30.85
C PHE A 559 -13.36 4.57 -30.36
N THR A 560 -12.51 3.71 -29.84
CA THR A 560 -11.18 4.07 -29.39
C THR A 560 -10.24 2.94 -29.75
N TYR A 561 -8.97 3.25 -30.02
CA TYR A 561 -7.99 2.23 -30.38
C TYR A 561 -6.66 2.53 -29.69
N GLY A 562 -5.90 1.49 -29.50
CA GLY A 562 -4.58 1.55 -28.88
C GLY A 562 -3.91 0.20 -28.95
N GLN A 563 -3.13 -0.11 -27.94
CA GLN A 563 -2.41 -1.38 -27.88
C GLN A 563 -2.43 -1.97 -26.51
N VAL A 564 -2.26 -3.30 -26.42
CA VAL A 564 -2.13 -4.00 -25.16
C VAL A 564 -0.74 -3.63 -24.63
N LYS A 565 -0.69 -2.84 -23.55
CA LYS A 565 0.58 -2.33 -23.04
C LYS A 565 0.50 -1.96 -21.56
N GLY A 566 1.55 -2.28 -20.83
CA GLY A 566 1.65 -1.90 -19.43
C GLY A 566 2.23 -0.51 -19.26
N TYR A 567 2.76 -0.19 -18.08
CA TYR A 567 3.32 1.14 -17.81
C TYR A 567 4.08 1.15 -16.49
N SER A 568 4.88 2.20 -16.29
CA SER A 568 5.65 2.44 -15.08
C SER A 568 4.93 3.46 -14.19
N PRO A 569 4.32 3.02 -13.07
CA PRO A 569 3.60 3.95 -12.18
C PRO A 569 4.50 4.91 -11.38
N ARG A 570 5.68 4.45 -11.05
CA ARG A 570 6.67 5.18 -10.27
C ARG A 570 8.03 4.61 -10.59
N ASP A 571 9.09 5.33 -10.16
CA ASP A 571 10.49 4.97 -10.38
C ASP A 571 10.79 3.53 -9.95
N ASN A 572 11.40 2.77 -10.87
CA ASN A 572 11.84 1.40 -10.67
C ASN A 572 10.69 0.35 -10.59
N VAL A 573 9.46 0.71 -10.92
CA VAL A 573 8.33 -0.23 -10.88
C VAL A 573 7.70 -0.34 -12.27
N TYR A 574 7.47 -1.56 -12.75
CA TYR A 574 6.78 -1.74 -14.02
C TYR A 574 5.62 -2.65 -13.82
N TYR A 575 4.45 -2.23 -14.30
CA TYR A 575 3.26 -3.06 -14.27
C TYR A 575 3.10 -3.54 -15.69
N GLY A 576 3.18 -4.85 -15.90
CA GLY A 576 3.02 -5.42 -17.23
C GLY A 576 1.62 -5.28 -17.79
N HIS A 577 1.42 -5.81 -19.00
CA HIS A 577 0.14 -5.70 -19.71
C HIS A 577 -0.89 -6.76 -19.35
N GLN A 578 -0.50 -7.85 -18.68
CA GLN A 578 -1.41 -8.96 -18.44
C GLN A 578 -1.36 -9.56 -17.01
N THR A 579 -2.54 -9.80 -16.40
CA THR A 579 -2.57 -10.49 -15.11
C THR A 579 -2.94 -11.97 -15.31
N THR A 580 -2.54 -12.83 -14.36
CA THR A 580 -2.82 -14.26 -14.47
C THR A 580 -3.58 -14.79 -13.24
N LEU A 581 -4.07 -16.04 -13.32
CA LEU A 581 -4.77 -16.72 -12.24
C LEU A 581 -3.91 -16.87 -10.98
N ASP A 582 -2.56 -16.86 -11.13
CA ASP A 582 -1.61 -16.91 -10.01
C ASP A 582 -1.78 -15.69 -9.13
N GLY A 583 -2.05 -14.53 -9.73
CA GLY A 583 -2.24 -13.29 -9.00
C GLY A 583 -3.47 -13.28 -8.13
N VAL A 584 -4.50 -14.06 -8.53
CA VAL A 584 -5.72 -14.26 -7.77
C VAL A 584 -5.36 -15.10 -6.54
N MET A 585 -4.60 -16.19 -6.75
CA MET A 585 -4.19 -17.09 -5.68
C MET A 585 -3.23 -16.42 -4.69
N GLU A 586 -2.40 -15.49 -5.17
CA GLU A 586 -1.49 -14.69 -4.37
C GLU A 586 -2.27 -13.76 -3.45
N LYS A 587 -3.38 -13.19 -3.93
CA LYS A 587 -4.25 -12.24 -3.23
C LYS A 587 -5.28 -12.90 -2.30
N GLU A 588 -5.43 -14.23 -2.36
CA GLU A 588 -6.41 -14.93 -1.53
C GLU A 588 -6.27 -14.67 -0.03
N ASP A 589 -7.41 -14.38 0.63
CA ASP A 589 -7.49 -14.14 2.06
C ASP A 589 -8.86 -14.64 2.44
N PRO A 590 -8.97 -15.85 3.00
CA PRO A 590 -10.30 -16.39 3.37
C PRO A 590 -11.04 -15.57 4.43
N ASP A 591 -10.31 -14.81 5.26
CA ASP A 591 -10.96 -14.01 6.30
C ASP A 591 -11.21 -12.55 5.89
N ASN A 592 -11.27 -12.29 4.56
CA ASN A 592 -11.55 -10.97 3.99
C ASN A 592 -12.48 -11.24 2.82
N TRP A 593 -13.76 -10.82 2.96
CA TRP A 593 -14.81 -11.04 1.98
C TRP A 593 -14.46 -10.65 0.57
N GLU A 594 -13.56 -9.66 0.42
CA GLU A 594 -13.14 -9.14 -0.88
C GLU A 594 -12.22 -10.12 -1.59
N PHE A 595 -11.36 -10.81 -0.85
CA PHE A 595 -10.36 -11.67 -1.47
C PHE A 595 -10.55 -13.15 -1.23
N VAL A 596 -11.80 -13.58 -1.05
CA VAL A 596 -12.09 -15.00 -0.93
C VAL A 596 -12.06 -15.59 -2.35
N VAL A 597 -11.48 -16.78 -2.51
CA VAL A 597 -11.39 -17.43 -3.82
C VAL A 597 -12.38 -18.59 -3.90
N ASP A 598 -13.24 -18.58 -4.94
CA ASP A 598 -14.22 -19.64 -5.18
C ASP A 598 -13.52 -21.03 -5.25
N PRO A 599 -14.09 -22.02 -4.53
CA PRO A 599 -13.46 -23.34 -4.47
C PRO A 599 -13.30 -24.07 -5.80
N LYS A 600 -14.27 -23.90 -6.70
CA LYS A 600 -14.19 -24.55 -8.02
C LYS A 600 -13.01 -23.95 -8.81
N LEU A 601 -12.79 -22.62 -8.69
CA LEU A 601 -11.72 -21.90 -9.36
C LEU A 601 -10.33 -22.23 -8.78
N LYS A 602 -10.22 -22.31 -7.45
CA LYS A 602 -8.96 -22.66 -6.79
C LYS A 602 -8.46 -24.05 -7.23
N ALA A 603 -9.40 -25.00 -7.40
CA ALA A 603 -9.08 -26.35 -7.83
C ALA A 603 -8.73 -26.41 -9.30
N VAL A 604 -9.35 -25.56 -10.17
CA VAL A 604 -9.04 -25.44 -11.61
C VAL A 604 -7.57 -25.05 -11.72
N TYR A 605 -7.14 -24.05 -10.93
CA TYR A 605 -5.79 -23.55 -10.86
C TYR A 605 -4.81 -24.65 -10.40
N GLU A 606 -5.19 -25.39 -9.34
CA GLU A 606 -4.35 -26.45 -8.79
C GLU A 606 -4.17 -27.59 -9.80
N ARG A 607 -5.25 -27.95 -10.46
CA ARG A 607 -5.30 -28.98 -11.49
C ARG A 607 -4.72 -28.53 -12.83
N LYS A 608 -4.49 -27.22 -13.01
CA LYS A 608 -4.09 -26.57 -14.26
C LYS A 608 -5.08 -26.94 -15.38
N ASP A 609 -6.40 -27.01 -15.03
CA ASP A 609 -7.48 -27.40 -15.95
C ASP A 609 -7.87 -26.16 -16.76
N PHE A 610 -6.96 -25.71 -17.61
CA PHE A 610 -7.16 -24.47 -18.35
C PHE A 610 -7.65 -24.64 -19.78
N GLY A 611 -7.71 -25.88 -20.29
CA GLY A 611 -8.20 -26.18 -21.63
C GLY A 611 -7.52 -25.38 -22.73
N ARG A 612 -8.32 -24.81 -23.63
CA ARG A 612 -7.78 -23.97 -24.71
C ARG A 612 -7.62 -22.46 -24.34
N TYR A 613 -7.97 -22.11 -23.07
CA TYR A 613 -8.02 -20.77 -22.50
C TYR A 613 -6.69 -20.27 -21.92
N ALA A 614 -5.69 -21.15 -21.80
CA ALA A 614 -4.39 -20.74 -21.26
C ALA A 614 -3.51 -20.14 -22.36
N ASP A 615 -2.49 -19.35 -21.99
CA ASP A 615 -1.58 -18.81 -22.99
C ASP A 615 -0.49 -19.84 -23.38
N ARG A 616 0.35 -19.52 -24.38
CA ARG A 616 1.40 -20.39 -24.91
C ARG A 616 2.26 -21.00 -23.79
N SER A 617 2.55 -20.22 -22.74
CA SER A 617 3.36 -20.71 -21.62
C SER A 617 2.61 -21.62 -20.63
N GLY A 618 1.31 -21.81 -20.86
CA GLY A 618 0.47 -22.62 -19.99
C GLY A 618 -0.08 -21.87 -18.78
N ARG A 619 0.07 -20.54 -18.76
CA ARG A 619 -0.42 -19.69 -17.69
C ARG A 619 -1.87 -19.32 -17.98
N MET A 620 -2.70 -19.16 -16.94
CA MET A 620 -4.11 -18.82 -17.15
C MET A 620 -4.31 -17.32 -17.07
N PRO A 621 -4.60 -16.60 -18.19
CA PRO A 621 -4.77 -15.15 -18.10
C PRO A 621 -6.05 -14.75 -17.40
N VAL A 622 -6.05 -13.58 -16.80
CA VAL A 622 -7.24 -13.07 -16.12
C VAL A 622 -7.71 -11.75 -16.75
N ALA A 623 -6.81 -10.78 -16.81
CA ALA A 623 -7.12 -9.44 -17.29
C ALA A 623 -5.95 -8.89 -18.07
N PHE A 624 -6.20 -7.86 -18.86
CA PHE A 624 -5.13 -7.15 -19.55
C PHE A 624 -5.43 -5.66 -19.57
N CYS A 625 -4.47 -4.86 -19.94
CA CYS A 625 -4.68 -3.42 -20.01
C CYS A 625 -4.26 -2.88 -21.36
N ALA A 626 -4.84 -1.73 -21.76
CA ALA A 626 -4.55 -1.18 -23.08
C ALA A 626 -4.52 0.33 -23.10
N THR A 627 -3.88 0.92 -24.11
CA THR A 627 -3.78 2.37 -24.23
C THR A 627 -5.02 3.01 -24.88
N THR A 628 -6.17 2.29 -24.90
CA THR A 628 -7.43 2.81 -25.37
C THR A 628 -7.93 3.92 -24.40
N HIS A 629 -8.75 4.83 -24.92
CA HIS A 629 -9.23 5.95 -24.15
C HIS A 629 -10.70 5.74 -23.78
N THR A 630 -10.93 5.35 -22.53
CA THR A 630 -12.22 5.04 -21.97
C THR A 630 -12.51 5.91 -20.74
N THR A 631 -13.79 6.01 -20.40
CA THR A 631 -14.31 6.71 -19.25
C THR A 631 -15.58 6.00 -18.79
N GLY A 632 -16.26 6.51 -17.75
CA GLY A 632 -17.54 5.96 -17.29
C GLY A 632 -18.55 5.89 -18.42
N GLY A 633 -19.26 4.79 -18.51
CA GLY A 633 -20.14 4.52 -19.62
C GLY A 633 -19.57 3.44 -20.50
N ASN A 634 -18.24 3.20 -20.42
CA ASN A 634 -17.51 2.18 -21.15
C ASN A 634 -17.45 0.82 -20.41
N SER A 635 -18.03 0.71 -19.21
CA SER A 635 -18.09 -0.57 -18.49
C SER A 635 -18.88 -1.56 -19.34
N GLY A 636 -18.30 -2.73 -19.57
CA GLY A 636 -18.90 -3.80 -20.35
C GLY A 636 -18.58 -3.75 -21.84
N SER A 637 -17.83 -2.72 -22.28
CA SER A 637 -17.48 -2.53 -23.67
C SER A 637 -16.71 -3.68 -24.29
N PRO A 638 -17.06 -4.05 -25.53
CA PRO A 638 -16.27 -5.08 -26.21
C PRO A 638 -14.86 -4.59 -26.56
N VAL A 639 -13.87 -5.45 -26.34
CA VAL A 639 -12.50 -5.17 -26.74
C VAL A 639 -12.24 -6.08 -27.93
N MET A 640 -11.78 -5.50 -29.04
CA MET A 640 -11.55 -6.22 -30.27
C MET A 640 -10.07 -6.26 -30.66
N ASN A 641 -9.75 -7.37 -31.31
CA ASN A 641 -8.55 -7.75 -32.01
C ASN A 641 -8.36 -6.85 -33.22
N ALA A 642 -7.23 -7.04 -33.91
CA ALA A 642 -6.93 -6.48 -35.21
C ALA A 642 -8.02 -6.94 -36.24
N ASN A 643 -8.66 -8.13 -36.03
CA ASN A 643 -9.69 -8.72 -36.87
C ASN A 643 -11.13 -8.48 -36.38
N GLY A 644 -11.32 -7.66 -35.35
CA GLY A 644 -12.64 -7.39 -34.80
C GLY A 644 -13.20 -8.50 -33.94
N GLU A 645 -12.36 -9.46 -33.51
CA GLU A 645 -12.84 -10.55 -32.67
C GLU A 645 -12.76 -10.16 -31.22
N LEU A 646 -13.74 -10.57 -30.42
CA LEU A 646 -13.76 -10.25 -29.00
C LEU A 646 -12.59 -10.90 -28.28
N ILE A 647 -11.75 -10.07 -27.62
CA ILE A 647 -10.61 -10.47 -26.78
C ILE A 647 -10.80 -10.16 -25.29
N GLY A 648 -11.79 -9.34 -24.96
CA GLY A 648 -12.10 -9.03 -23.57
C GLY A 648 -13.26 -8.07 -23.42
N LEU A 649 -13.53 -7.68 -22.17
CA LEU A 649 -14.56 -6.69 -21.84
C LEU A 649 -13.91 -5.65 -20.98
N ASN A 650 -14.04 -4.39 -21.34
CA ASN A 650 -13.53 -3.29 -20.51
C ASN A 650 -14.37 -3.24 -19.21
N PHE A 651 -13.73 -3.04 -18.05
CA PHE A 651 -14.49 -2.96 -16.80
C PHE A 651 -14.04 -1.86 -15.86
N ASP A 652 -12.89 -1.22 -16.14
CA ASP A 652 -12.38 -0.15 -15.29
C ASP A 652 -11.23 0.58 -16.00
N ARG A 653 -10.59 1.50 -15.29
CA ARG A 653 -9.39 2.20 -15.72
C ARG A 653 -8.58 2.52 -14.46
N ASN A 654 -7.26 2.59 -14.59
CA ASN A 654 -6.39 2.82 -13.44
C ASN A 654 -6.50 4.27 -12.96
N TRP A 655 -6.25 4.50 -11.66
CA TRP A 655 -6.37 5.81 -11.06
C TRP A 655 -5.42 6.85 -11.62
N GLU A 656 -4.21 6.44 -12.03
CA GLU A 656 -3.28 7.37 -12.64
C GLU A 656 -3.87 7.99 -13.92
N GLY A 657 -4.93 7.38 -14.48
CA GLY A 657 -5.62 7.88 -15.66
C GLY A 657 -6.97 8.54 -15.42
N VAL A 658 -7.43 8.78 -14.13
CA VAL A 658 -8.73 9.43 -13.93
C VAL A 658 -8.72 10.91 -14.49
N GLY A 659 -7.56 11.57 -14.53
CA GLY A 659 -7.47 12.90 -15.14
C GLY A 659 -7.55 12.88 -16.67
N GLY A 660 -7.65 11.67 -17.25
CA GLY A 660 -7.76 11.40 -18.67
C GLY A 660 -9.01 11.95 -19.31
N ASP A 661 -10.02 12.34 -18.50
CA ASP A 661 -11.22 12.98 -19.00
C ASP A 661 -10.94 14.44 -19.43
N ILE A 662 -9.84 15.04 -18.98
CA ILE A 662 -9.41 16.38 -19.34
C ILE A 662 -8.21 16.24 -20.30
N GLN A 663 -7.25 15.40 -19.94
CA GLN A 663 -6.06 15.17 -20.75
C GLN A 663 -5.64 13.70 -20.65
N TYR A 664 -5.68 13.01 -21.77
CA TYR A 664 -5.25 11.61 -21.88
C TYR A 664 -3.77 11.50 -21.53
N LEU A 665 -3.41 10.48 -20.75
CA LEU A 665 -2.04 10.30 -20.30
C LEU A 665 -1.41 9.08 -20.89
N ALA A 666 -0.76 9.20 -22.04
CA ALA A 666 -0.15 8.12 -22.78
C ALA A 666 0.74 7.19 -21.96
N ASP A 667 1.52 7.73 -21.02
CA ASP A 667 2.39 6.91 -20.20
C ASP A 667 1.78 6.37 -18.92
N TYR A 668 0.48 6.67 -18.63
CA TYR A 668 -0.13 6.20 -17.39
C TYR A 668 -1.50 5.62 -17.55
N GLN A 669 -2.34 6.24 -18.35
CA GLN A 669 -3.72 5.82 -18.55
C GLN A 669 -3.91 4.51 -19.31
N ARG A 670 -4.58 3.53 -18.69
CA ARG A 670 -4.86 2.25 -19.30
C ARG A 670 -6.32 1.81 -19.03
N SER A 671 -6.92 1.11 -20.00
CA SER A 671 -8.25 0.55 -19.81
C SER A 671 -8.00 -0.83 -19.21
N ILE A 672 -8.75 -1.19 -18.18
CA ILE A 672 -8.60 -2.45 -17.49
C ILE A 672 -9.68 -3.34 -18.00
N ILE A 673 -9.26 -4.40 -18.69
CA ILE A 673 -10.11 -5.32 -19.44
C ILE A 673 -10.05 -6.74 -18.89
N VAL A 674 -11.20 -7.44 -18.78
CA VAL A 674 -11.17 -8.84 -18.37
C VAL A 674 -10.96 -9.66 -19.63
N ASP A 675 -9.96 -10.55 -19.64
CA ASP A 675 -9.61 -11.38 -20.80
C ASP A 675 -10.78 -12.30 -21.08
N ILE A 676 -11.18 -12.40 -22.35
CA ILE A 676 -12.29 -13.25 -22.77
C ILE A 676 -12.01 -14.73 -22.49
N ARG A 677 -10.74 -15.13 -22.49
CA ARG A 677 -10.31 -16.51 -22.19
C ARG A 677 -10.64 -16.89 -20.72
N TYR A 678 -10.55 -15.90 -19.80
CA TYR A 678 -10.90 -16.09 -18.40
C TYR A 678 -12.44 -16.14 -18.24
N VAL A 679 -13.19 -15.38 -19.07
CA VAL A 679 -14.65 -15.37 -19.10
C VAL A 679 -15.12 -16.77 -19.47
N LEU A 680 -14.59 -17.30 -20.59
CA LEU A 680 -14.92 -18.62 -21.11
C LEU A 680 -14.45 -19.74 -20.21
N LEU A 681 -13.39 -19.52 -19.40
CA LEU A 681 -12.92 -20.48 -18.41
C LEU A 681 -13.93 -20.57 -17.28
N VAL A 682 -14.46 -19.43 -16.81
CA VAL A 682 -15.39 -19.40 -15.69
C VAL A 682 -16.72 -20.01 -16.10
N ILE A 683 -17.21 -19.70 -17.31
CA ILE A 683 -18.47 -20.27 -17.81
C ILE A 683 -18.37 -21.80 -17.88
N ASP A 684 -17.23 -22.28 -18.38
CA ASP A 684 -16.91 -23.69 -18.56
C ASP A 684 -16.60 -24.48 -17.28
N LYS A 685 -15.58 -24.07 -16.54
CA LYS A 685 -15.08 -24.81 -15.38
C LYS A 685 -15.69 -24.39 -14.04
N VAL A 686 -16.41 -23.26 -13.97
CA VAL A 686 -17.04 -22.84 -12.71
C VAL A 686 -18.58 -22.92 -12.80
N GLY A 687 -19.11 -22.57 -13.97
CA GLY A 687 -20.55 -22.61 -14.19
C GLY A 687 -21.07 -23.88 -14.84
N GLY A 688 -20.17 -24.62 -15.50
CA GLY A 688 -20.48 -25.85 -16.23
C GLY A 688 -21.55 -25.63 -17.28
N CYS A 689 -21.61 -24.40 -17.84
CA CYS A 689 -22.63 -24.01 -18.80
C CYS A 689 -22.21 -24.16 -20.24
N GLN A 690 -22.03 -25.42 -20.68
CA GLN A 690 -21.61 -25.74 -22.03
C GLN A 690 -22.50 -25.17 -23.13
N ARG A 691 -23.81 -25.09 -22.90
CA ARG A 691 -24.76 -24.56 -23.90
C ARG A 691 -24.41 -23.12 -24.33
N LEU A 692 -23.82 -22.32 -23.43
CA LEU A 692 -23.42 -20.95 -23.74
C LEU A 692 -22.19 -20.93 -24.61
N LEU A 693 -21.22 -21.83 -24.32
CA LEU A 693 -20.02 -21.97 -25.12
C LEU A 693 -20.36 -22.42 -26.52
N ASP A 694 -21.31 -23.38 -26.64
CA ASP A 694 -21.77 -23.96 -27.89
C ASP A 694 -22.49 -22.97 -28.81
N GLU A 695 -23.24 -22.01 -28.26
CA GLU A 695 -23.96 -21.04 -29.09
C GLU A 695 -23.09 -19.88 -29.58
N MET A 696 -21.90 -19.68 -28.99
CA MET A 696 -20.96 -18.66 -29.43
C MET A 696 -20.13 -19.18 -30.62
N ASN A 697 -19.64 -18.29 -31.48
CA ASN A 697 -18.77 -18.66 -32.57
C ASN A 697 -17.32 -18.39 -32.11
N ILE A 698 -16.62 -19.44 -31.69
CA ILE A 698 -15.27 -19.34 -31.18
C ILE A 698 -14.23 -19.69 -32.24
N VAL A 699 -13.24 -18.80 -32.42
CA VAL A 699 -12.20 -19.00 -33.43
C VAL A 699 -10.90 -19.46 -32.77
N PRO A 700 -10.21 -20.43 -33.40
CA PRO A 700 -8.93 -20.93 -32.84
C PRO A 700 -7.87 -19.87 -32.51
N GLU B 3 23.82 -17.72 -2.93
CA GLU B 3 23.08 -18.38 -1.86
C GLU B 3 23.79 -18.45 -0.51
N GLY B 4 25.09 -18.21 -0.40
CA GLY B 4 25.73 -18.36 0.92
C GLY B 4 26.52 -17.23 1.53
N MET B 5 26.86 -17.38 2.81
CA MET B 5 27.71 -16.47 3.56
C MET B 5 28.91 -17.35 3.90
N TRP B 6 29.91 -17.32 3.01
CA TRP B 6 31.07 -18.18 3.02
C TRP B 6 32.23 -17.70 3.85
N LEU B 7 32.93 -18.67 4.48
CA LEU B 7 34.16 -18.41 5.23
C LEU B 7 35.22 -17.94 4.26
N MET B 8 36.21 -17.13 4.71
CA MET B 8 37.28 -16.71 3.82
C MET B 8 38.07 -17.90 3.29
N GLN B 9 38.23 -18.99 4.09
CA GLN B 9 38.87 -20.29 3.75
C GLN B 9 38.24 -20.91 2.49
N GLN B 10 36.93 -20.67 2.28
CA GLN B 10 36.16 -21.21 1.19
C GLN B 10 36.27 -20.44 -0.13
N LEU B 11 36.99 -19.31 -0.16
CA LEU B 11 37.18 -18.54 -1.38
C LEU B 11 37.89 -19.38 -2.46
N GLY B 12 38.92 -20.15 -2.10
CA GLY B 12 39.63 -21.02 -3.04
C GLY B 12 38.70 -21.97 -3.77
N ARG B 13 37.86 -22.65 -2.99
CA ARG B 13 36.85 -23.61 -3.45
C ARG B 13 35.65 -23.00 -4.21
N LYS B 14 35.51 -21.67 -4.19
CA LYS B 14 34.41 -20.95 -4.83
C LYS B 14 34.89 -20.09 -6.00
N TYR B 15 36.18 -19.71 -6.02
CA TYR B 15 36.81 -18.83 -7.00
C TYR B 15 36.41 -19.13 -8.44
N ALA B 16 36.41 -20.42 -8.84
CA ALA B 16 36.03 -20.83 -10.19
C ALA B 16 34.59 -20.47 -10.53
N GLN B 17 33.66 -20.63 -9.57
CA GLN B 17 32.26 -20.26 -9.81
C GLN B 17 32.12 -18.74 -9.88
N MET B 18 32.82 -18.01 -9.00
CA MET B 18 32.77 -16.55 -8.98
C MET B 18 33.33 -15.97 -10.26
N LYS B 19 34.41 -16.58 -10.80
CA LYS B 19 35.03 -16.18 -12.07
C LYS B 19 34.06 -16.44 -13.22
N GLU B 20 33.34 -17.56 -13.18
CA GLU B 20 32.33 -17.87 -14.18
C GLU B 20 31.16 -16.88 -14.08
N ARG B 21 30.84 -16.37 -12.86
CA ARG B 21 29.78 -15.38 -12.66
C ARG B 21 30.22 -13.92 -12.98
N GLY B 22 31.48 -13.70 -13.35
CA GLY B 22 31.95 -12.37 -13.70
C GLY B 22 33.09 -11.76 -12.91
N LEU B 23 33.61 -12.46 -11.87
CA LEU B 23 34.71 -11.93 -11.05
C LEU B 23 36.00 -11.84 -11.87
N LYS B 24 36.60 -10.65 -11.94
CA LYS B 24 37.81 -10.42 -12.74
C LYS B 24 39.08 -10.30 -11.92
N MET B 25 38.97 -9.98 -10.64
CA MET B 25 40.14 -9.78 -9.81
C MET B 25 40.79 -11.13 -9.38
N LYS B 26 42.12 -11.11 -9.11
CA LYS B 26 42.88 -12.28 -8.68
C LYS B 26 42.43 -12.73 -7.27
N GLU B 27 42.40 -14.06 -6.99
CA GLU B 27 41.94 -14.68 -5.74
C GLU B 27 42.57 -14.05 -4.52
N TYR B 28 43.92 -13.97 -4.52
CA TYR B 28 44.68 -13.43 -3.41
C TYR B 28 44.64 -11.92 -3.30
N ASP B 29 44.19 -11.20 -4.33
CA ASP B 29 43.98 -9.75 -4.23
C ASP B 29 42.73 -9.44 -3.39
N LEU B 30 41.76 -10.40 -3.34
CA LEU B 30 40.53 -10.30 -2.56
C LEU B 30 40.73 -10.88 -1.13
N TYR B 31 41.36 -12.05 -1.04
CA TYR B 31 41.69 -12.65 0.25
C TYR B 31 42.97 -13.46 0.18
N ASN B 32 43.95 -13.00 0.94
CA ASN B 32 45.22 -13.65 1.04
C ASN B 32 45.40 -14.09 2.48
N PRO B 33 45.58 -15.39 2.71
CA PRO B 33 45.82 -15.87 4.09
C PRO B 33 47.20 -15.51 4.66
N ASN B 34 48.16 -15.13 3.81
CA ASN B 34 49.52 -14.78 4.26
C ASN B 34 50.08 -13.65 3.39
N GLY B 35 49.34 -12.54 3.36
CA GLY B 35 49.66 -11.34 2.59
C GLY B 35 48.49 -10.36 2.58
N THR B 36 48.72 -9.12 2.12
CA THR B 36 47.70 -8.07 2.09
C THR B 36 46.72 -8.26 0.93
N SER B 37 45.41 -8.09 1.23
CA SER B 37 44.30 -8.24 0.29
C SER B 37 43.16 -7.27 0.63
N LEU B 38 42.10 -7.22 -0.19
CA LEU B 38 40.96 -6.36 0.05
C LEU B 38 40.30 -6.61 1.38
N LYS B 39 40.36 -7.86 1.89
CA LYS B 39 39.84 -8.27 3.20
C LYS B 39 40.35 -7.32 4.32
N ASP B 40 41.57 -6.76 4.11
CA ASP B 40 42.21 -5.88 5.07
C ASP B 40 41.66 -4.47 5.11
N ALA B 41 40.70 -4.15 4.22
CA ALA B 41 40.04 -2.86 4.24
C ALA B 41 38.61 -2.95 4.86
N VAL B 42 38.18 -4.14 5.34
CA VAL B 42 36.88 -4.38 5.92
C VAL B 42 36.98 -4.34 7.44
N VAL B 43 36.03 -3.63 8.11
CA VAL B 43 36.03 -3.54 9.57
C VAL B 43 34.68 -3.89 10.20
N LEU B 44 34.70 -4.34 11.44
CA LEU B 44 33.50 -4.58 12.20
C LEU B 44 33.31 -3.24 12.91
N PHE B 45 32.35 -2.46 12.47
CA PHE B 45 32.11 -1.12 12.97
C PHE B 45 31.24 -1.18 14.22
N ASP B 46 31.77 -0.72 15.35
CA ASP B 46 31.02 -0.65 16.62
C ASP B 46 30.34 -1.98 17.04
N GLY B 47 31.04 -3.09 16.84
CA GLY B 47 30.56 -4.42 17.24
C GLY B 47 29.31 -5.00 16.61
N GLY B 48 28.66 -4.25 15.72
CA GLY B 48 27.45 -4.73 15.07
C GLY B 48 27.46 -4.54 13.57
N CYS B 49 27.79 -3.34 13.12
CA CYS B 49 27.80 -3.01 11.72
C CYS B 49 29.11 -3.43 11.04
N THR B 50 29.19 -3.20 9.73
CA THR B 50 30.36 -3.38 8.91
C THR B 50 30.73 -1.99 8.39
N GLY B 51 32.00 -1.83 8.11
CA GLY B 51 32.54 -0.61 7.54
C GLY B 51 33.64 -0.94 6.57
N GLU B 52 34.19 0.09 5.97
CA GLU B 52 35.27 -0.09 5.01
C GLU B 52 36.11 1.14 4.92
N VAL B 53 37.43 0.91 4.88
CA VAL B 53 38.45 1.94 4.74
C VAL B 53 38.49 2.30 3.26
N VAL B 54 38.33 3.60 2.95
CA VAL B 54 38.27 4.12 1.60
C VAL B 54 39.38 5.14 1.27
N SER B 55 40.34 5.36 2.18
CA SER B 55 41.48 6.26 1.91
C SER B 55 42.73 5.85 2.68
N ASP B 56 43.90 6.33 2.22
CA ASP B 56 45.20 6.11 2.89
C ASP B 56 45.32 6.84 4.24
N ARG B 57 44.29 7.61 4.63
CA ARG B 57 44.27 8.29 5.92
C ARG B 57 43.16 7.74 6.84
N GLY B 58 42.79 6.48 6.66
CA GLY B 58 41.85 5.80 7.55
C GLY B 58 40.40 6.26 7.53
N LEU B 59 39.97 6.86 6.40
CA LEU B 59 38.59 7.30 6.25
C LEU B 59 37.74 6.04 6.11
N VAL B 60 36.60 6.00 6.79
CA VAL B 60 35.73 4.83 6.83
C VAL B 60 34.32 5.20 6.44
N LEU B 61 33.70 4.37 5.60
CA LEU B 61 32.30 4.53 5.27
C LEU B 61 31.52 3.40 5.92
N THR B 62 30.35 3.72 6.45
CA THR B 62 29.40 2.78 7.03
C THR B 62 27.98 3.38 6.78
N ASN B 63 26.93 2.81 7.35
CA ASN B 63 25.59 3.35 7.20
C ASN B 63 25.34 4.53 8.13
N HIS B 64 24.31 5.31 7.80
CA HIS B 64 23.84 6.43 8.61
C HIS B 64 23.24 5.82 9.87
N HIS B 65 22.44 4.76 9.73
CA HIS B 65 21.86 4.10 10.89
C HIS B 65 22.91 3.43 11.77
N CYS B 66 24.14 3.23 11.27
CA CYS B 66 25.27 2.65 12.00
C CYS B 66 26.02 3.70 12.82
N GLY B 67 26.14 4.89 12.26
CA GLY B 67 26.77 6.01 12.95
C GLY B 67 25.78 6.93 13.63
N TYR B 68 24.47 6.57 13.63
CA TYR B 68 23.37 7.35 14.20
C TYR B 68 23.59 7.79 15.67
N ASP B 69 23.96 6.86 16.55
CA ASP B 69 24.19 7.22 17.96
C ASP B 69 25.34 8.22 18.12
N MET B 70 26.39 8.13 17.28
CA MET B 70 27.50 9.07 17.37
C MET B 70 27.06 10.45 16.87
N ILE B 71 26.22 10.52 15.81
CA ILE B 71 25.71 11.79 15.28
C ILE B 71 24.77 12.48 16.28
N GLN B 72 23.99 11.68 17.02
CA GLN B 72 23.05 12.12 18.04
C GLN B 72 23.80 12.65 19.28
N ALA B 73 24.86 11.95 19.71
CA ALA B 73 25.67 12.34 20.88
C ALA B 73 26.38 13.70 20.70
N HIS B 74 26.68 14.07 19.45
CA HIS B 74 27.30 15.35 19.16
C HIS B 74 26.28 16.43 18.75
N SER B 75 24.99 16.09 18.71
CA SER B 75 23.94 17.03 18.31
C SER B 75 23.36 17.73 19.52
N THR B 76 23.27 19.05 19.40
CA THR B 76 22.76 19.97 20.41
C THR B 76 21.64 20.85 19.76
N LEU B 77 20.95 21.73 20.53
CA LEU B 77 19.94 22.62 19.92
C LEU B 77 20.63 23.57 18.93
N GLU B 78 21.81 24.08 19.30
CA GLU B 78 22.62 25.00 18.49
C GLU B 78 23.23 24.31 17.23
N HIS B 79 23.76 23.09 17.41
CA HIS B 79 24.33 22.34 16.29
C HIS B 79 23.60 21.01 16.16
N ASN B 80 22.49 20.98 15.43
CA ASN B 80 21.72 19.75 15.25
C ASN B 80 22.23 18.96 14.06
N TYR B 81 23.30 18.16 14.26
CA TYR B 81 23.88 17.36 13.19
C TYR B 81 22.95 16.22 12.74
N LEU B 82 22.05 15.74 13.61
CA LEU B 82 21.12 14.70 13.24
C LEU B 82 20.16 15.14 12.13
N GLU B 83 19.53 16.34 12.26
CA GLU B 83 18.64 16.82 11.21
C GLU B 83 19.39 17.62 10.12
N ASN B 84 20.54 18.23 10.43
CA ASN B 84 21.25 19.07 9.47
C ASN B 84 22.48 18.49 8.82
N GLY B 85 22.89 17.31 9.25
CA GLY B 85 24.12 16.71 8.75
C GLY B 85 25.35 17.35 9.37
N PHE B 86 26.50 16.73 9.20
CA PHE B 86 27.74 17.22 9.77
C PHE B 86 28.85 17.03 8.75
N TRP B 87 29.69 18.03 8.55
CA TRP B 87 30.78 17.93 7.59
C TRP B 87 32.01 18.65 8.13
N ALA B 88 32.93 17.90 8.76
CA ALA B 88 34.16 18.47 9.33
C ALA B 88 35.00 19.03 8.19
N MET B 89 35.25 20.36 8.18
CA MET B 89 36.00 20.95 7.08
C MET B 89 37.54 20.77 7.19
N ARG B 90 38.02 20.23 8.29
CA ARG B 90 39.42 19.93 8.50
C ARG B 90 39.47 18.71 9.42
N GLU B 91 40.56 17.93 9.36
CA GLU B 91 40.72 16.75 10.23
C GLU B 91 40.63 17.06 11.72
N ALA B 92 41.08 18.26 12.13
CA ALA B 92 41.04 18.70 13.51
C ALA B 92 39.61 18.92 14.03
N ASP B 93 38.65 19.13 13.12
CA ASP B 93 37.22 19.33 13.44
C ASP B 93 36.45 17.99 13.57
N GLU B 94 37.06 16.86 13.17
CA GLU B 94 36.42 15.54 13.28
C GLU B 94 36.27 15.21 14.76
N LEU B 95 35.05 14.83 15.15
CA LEU B 95 34.62 14.61 16.52
C LEU B 95 34.90 13.22 17.08
N PRO B 96 35.67 13.13 18.19
CA PRO B 96 35.90 11.82 18.82
C PRO B 96 34.62 11.23 19.42
N ASN B 97 34.59 9.90 19.57
CA ASN B 97 33.41 9.25 20.09
C ASN B 97 33.80 8.31 21.19
N LYS B 98 33.18 8.44 22.37
CA LYS B 98 33.46 7.53 23.48
C LYS B 98 32.71 6.23 23.21
N ASP B 99 33.33 5.10 23.57
CA ASP B 99 32.78 3.75 23.45
C ASP B 99 32.61 3.29 22.01
N ILE B 100 33.50 3.68 21.13
CA ILE B 100 33.45 3.25 19.73
C ILE B 100 34.62 2.30 19.44
N SER B 101 34.46 1.44 18.44
CA SER B 101 35.55 0.56 18.01
C SER B 101 35.43 0.15 16.55
N VAL B 102 36.56 -0.20 15.93
CA VAL B 102 36.61 -0.83 14.60
C VAL B 102 37.56 -2.01 14.75
N VAL B 103 37.12 -3.16 14.23
CA VAL B 103 37.95 -4.36 14.31
C VAL B 103 38.39 -4.84 12.93
N PHE B 104 39.69 -5.01 12.75
CA PHE B 104 40.24 -5.55 11.51
C PHE B 104 40.49 -7.04 11.71
N ILE B 105 40.24 -7.85 10.67
CA ILE B 105 40.53 -9.28 10.75
C ILE B 105 41.92 -9.54 10.14
N ASP B 106 42.96 -9.45 10.99
CA ASP B 106 44.36 -9.57 10.58
C ASP B 106 44.71 -10.93 9.97
N LYS B 107 44.43 -12.00 10.69
CA LYS B 107 44.65 -13.37 10.25
C LYS B 107 43.42 -14.23 10.66
N ILE B 108 43.20 -15.32 9.94
CA ILE B 108 42.16 -16.30 10.20
C ILE B 108 42.82 -17.66 9.98
N GLU B 109 42.71 -18.58 10.93
CA GLU B 109 43.32 -19.90 10.78
C GLU B 109 42.37 -21.05 11.20
N ASP B 110 42.37 -22.13 10.42
CA ASP B 110 41.61 -23.32 10.74
C ASP B 110 42.29 -24.05 11.92
N VAL B 111 41.61 -24.11 13.07
CA VAL B 111 42.14 -24.79 14.25
C VAL B 111 41.23 -25.97 14.64
N THR B 112 40.55 -26.59 13.66
CA THR B 112 39.61 -27.66 13.93
C THR B 112 40.26 -28.85 14.62
N ASP B 113 41.34 -29.42 14.02
CA ASP B 113 42.02 -30.58 14.60
C ASP B 113 42.61 -30.30 15.96
N TYR B 114 43.08 -29.06 16.18
CA TYR B 114 43.60 -28.61 17.47
C TYR B 114 42.45 -28.62 18.53
N VAL B 115 41.33 -27.97 18.22
CA VAL B 115 40.20 -27.90 19.15
C VAL B 115 39.58 -29.30 19.42
N LYS B 116 39.40 -30.09 18.36
CA LYS B 116 38.86 -31.44 18.47
C LYS B 116 39.76 -32.36 19.29
N LYS B 117 41.10 -32.21 19.17
CA LYS B 117 42.01 -33.01 19.99
C LYS B 117 41.94 -32.55 21.44
N GLU B 118 41.88 -31.24 21.69
CA GLU B 118 41.77 -30.71 23.05
C GLU B 118 40.47 -31.17 23.72
N LEU B 119 39.38 -31.23 22.94
CA LEU B 119 38.05 -31.65 23.40
C LEU B 119 37.98 -33.11 23.82
N LYS B 120 38.85 -33.99 23.22
CA LYS B 120 38.90 -35.42 23.56
C LYS B 120 39.15 -35.68 25.05
N ALA B 121 39.75 -34.70 25.75
CA ALA B 121 40.01 -34.78 27.19
C ALA B 121 38.79 -34.39 28.05
N ILE B 122 37.58 -34.17 27.46
CA ILE B 122 36.39 -33.76 28.22
C ILE B 122 35.91 -34.83 29.19
N LYS B 123 35.59 -36.03 28.65
CA LYS B 123 35.07 -37.17 29.40
C LYS B 123 33.54 -37.17 29.41
N ASP B 124 32.89 -36.09 29.90
CA ASP B 124 31.42 -35.99 29.86
C ASP B 124 30.98 -35.75 28.41
N PRO B 125 30.25 -36.70 27.78
CA PRO B 125 29.85 -36.50 26.37
C PRO B 125 28.81 -35.39 26.13
N ASN B 126 28.08 -34.97 27.18
CA ASN B 126 27.09 -33.90 27.08
C ASN B 126 27.66 -32.51 27.44
N SER B 127 28.97 -32.39 27.65
CA SER B 127 29.58 -31.11 27.97
C SER B 127 29.37 -30.10 26.82
N MET B 128 28.95 -28.89 27.17
CA MET B 128 28.74 -27.84 26.18
C MET B 128 29.98 -26.95 25.99
N ASP B 129 31.14 -27.38 26.53
CA ASP B 129 32.39 -26.66 26.42
C ASP B 129 32.81 -26.43 24.98
N TYR B 130 32.42 -27.32 24.05
CA TYR B 130 32.76 -27.17 22.63
C TYR B 130 32.17 -25.89 21.99
N LEU B 131 31.17 -25.27 22.63
CA LEU B 131 30.56 -24.03 22.21
C LEU B 131 30.79 -22.88 23.21
N SER B 132 31.52 -23.13 24.31
CA SER B 132 31.77 -22.16 25.36
C SER B 132 32.80 -21.11 24.99
N PRO B 133 32.43 -19.83 25.03
CA PRO B 133 33.39 -18.76 24.74
C PRO B 133 34.55 -18.77 25.73
N LYS B 134 34.29 -19.08 27.01
CA LYS B 134 35.32 -19.21 28.04
C LYS B 134 36.29 -20.39 27.72
N TYR B 135 35.75 -21.56 27.37
CA TYR B 135 36.61 -22.70 27.02
C TYR B 135 37.45 -22.43 25.78
N LEU B 136 36.81 -21.95 24.70
CA LEU B 136 37.47 -21.66 23.43
C LEU B 136 38.48 -20.55 23.56
N GLN B 137 38.26 -19.59 24.48
CA GLN B 137 39.23 -18.52 24.75
C GLN B 137 40.48 -19.07 25.44
N LYS B 138 40.29 -20.01 26.39
CA LYS B 138 41.43 -20.65 27.05
C LYS B 138 42.28 -21.42 26.01
N LEU B 139 41.62 -22.01 24.98
CA LEU B 139 42.32 -22.73 23.91
C LEU B 139 43.05 -21.78 22.98
N ALA B 140 42.42 -20.61 22.71
CA ALA B 140 42.95 -19.57 21.85
C ALA B 140 44.22 -18.98 22.47
N ASP B 141 44.19 -18.71 23.78
CA ASP B 141 45.33 -18.19 24.55
C ASP B 141 46.47 -19.21 24.59
N LYS B 142 46.13 -20.50 24.71
CA LYS B 142 47.14 -21.56 24.72
C LYS B 142 47.90 -21.59 23.40
N LYS B 143 47.19 -21.42 22.28
CA LYS B 143 47.81 -21.44 20.97
C LYS B 143 48.60 -20.17 20.63
N ALA B 144 48.06 -18.98 20.96
CA ALA B 144 48.72 -17.72 20.64
C ALA B 144 49.93 -17.45 21.51
N GLY B 145 49.82 -17.73 22.80
CA GLY B 145 50.91 -17.51 23.75
C GLY B 145 50.45 -16.95 25.07
N LYS B 146 51.30 -17.06 26.12
CA LYS B 146 50.98 -16.56 27.45
C LYS B 146 50.85 -15.04 27.42
N ASN B 147 51.90 -14.32 26.96
CA ASN B 147 51.85 -12.86 26.88
C ASN B 147 51.59 -12.33 25.43
N PHE B 148 50.67 -12.95 24.68
CA PHE B 148 50.41 -12.55 23.29
C PHE B 148 50.02 -11.07 23.10
N SER B 149 48.99 -10.57 23.82
CA SER B 149 48.54 -9.19 23.62
C SER B 149 49.60 -8.14 24.01
N ALA B 150 50.51 -8.50 24.93
CA ALA B 150 51.59 -7.59 25.34
C ALA B 150 52.71 -7.63 24.30
N LYS B 151 53.04 -8.82 23.77
CA LYS B 151 54.08 -8.98 22.73
C LYS B 151 53.65 -8.43 21.36
N ASN B 152 52.33 -8.38 21.11
CA ASN B 152 51.74 -7.87 19.87
C ASN B 152 50.62 -6.88 20.29
N PRO B 153 50.93 -5.61 20.60
CA PRO B 153 49.89 -4.69 21.09
C PRO B 153 48.84 -4.29 20.05
N GLY B 154 47.59 -4.19 20.49
CA GLY B 154 46.46 -3.89 19.58
C GLY B 154 45.80 -5.15 19.05
N LEU B 155 46.56 -6.27 19.02
CA LEU B 155 46.13 -7.58 18.61
C LEU B 155 45.47 -8.36 19.73
N SER B 156 44.58 -9.28 19.35
CA SER B 156 43.87 -10.22 20.23
C SER B 156 43.48 -11.46 19.42
N VAL B 157 43.22 -12.58 20.10
CA VAL B 157 42.82 -13.80 19.41
C VAL B 157 41.43 -14.28 19.87
N GLU B 158 40.78 -15.09 19.05
CA GLU B 158 39.46 -15.61 19.36
C GLU B 158 39.16 -16.88 18.56
N ILE B 159 38.70 -17.95 19.23
CA ILE B 159 38.27 -19.16 18.54
C ILE B 159 36.75 -19.22 18.53
N LYS B 160 36.17 -19.54 17.38
CA LYS B 160 34.73 -19.65 17.24
C LYS B 160 34.35 -21.00 16.62
N ALA B 161 33.23 -21.56 17.03
CA ALA B 161 32.71 -22.79 16.45
C ALA B 161 31.88 -22.46 15.19
N PHE B 162 31.93 -23.33 14.18
CA PHE B 162 31.20 -23.23 12.93
C PHE B 162 30.60 -24.60 12.62
N TYR B 163 29.54 -24.63 11.78
CA TYR B 163 28.88 -25.88 11.39
C TYR B 163 28.42 -26.74 12.59
N GLY B 164 27.86 -26.10 13.61
CA GLY B 164 27.38 -26.78 14.82
C GLY B 164 28.44 -27.40 15.72
N GLY B 165 29.69 -26.96 15.58
CA GLY B 165 30.80 -27.51 16.36
C GLY B 165 31.68 -28.47 15.57
N ASN B 166 31.54 -28.47 14.22
CA ASN B 166 32.33 -29.33 13.33
C ASN B 166 33.54 -28.64 12.69
N LEU B 167 33.63 -27.31 12.82
CA LEU B 167 34.75 -26.55 12.30
C LEU B 167 35.10 -25.42 13.27
N TYR B 168 36.40 -25.16 13.51
CA TYR B 168 36.81 -24.07 14.40
C TYR B 168 37.80 -23.19 13.69
N LEU B 169 37.67 -21.86 13.85
CA LEU B 169 38.60 -20.90 13.28
C LEU B 169 39.09 -19.98 14.36
N MET B 170 40.38 -19.65 14.33
CA MET B 170 40.95 -18.67 15.24
C MET B 170 41.13 -17.38 14.45
N PHE B 171 40.69 -16.27 15.02
CA PHE B 171 40.80 -14.98 14.38
C PHE B 171 41.80 -14.16 15.15
N THR B 172 42.69 -13.49 14.43
CA THR B 172 43.62 -12.56 15.05
C THR B 172 43.05 -11.19 14.67
N LYS B 173 42.62 -10.42 15.68
CA LYS B 173 41.96 -9.13 15.48
C LYS B 173 42.78 -7.94 15.94
N LYS B 174 42.71 -6.83 15.19
CA LYS B 174 43.36 -5.58 15.52
C LYS B 174 42.22 -4.60 15.84
N THR B 175 42.13 -4.12 17.10
CA THR B 175 41.04 -3.24 17.50
C THR B 175 41.50 -1.80 17.69
N TYR B 176 40.79 -0.83 17.05
CA TYR B 176 41.08 0.62 17.15
C TYR B 176 39.90 1.29 17.86
N THR B 177 40.17 2.12 18.88
CA THR B 177 39.06 2.71 19.65
C THR B 177 38.97 4.23 19.56
N ASP B 178 39.79 4.85 18.73
CA ASP B 178 39.69 6.29 18.49
C ASP B 178 39.14 6.42 17.06
N VAL B 179 37.82 6.42 16.91
CA VAL B 179 37.19 6.49 15.60
C VAL B 179 36.31 7.72 15.62
N ARG B 180 36.66 8.74 14.85
CA ARG B 180 35.99 10.02 14.90
C ARG B 180 34.99 10.26 13.80
N LEU B 181 33.90 10.97 14.11
CA LEU B 181 32.84 11.32 13.15
C LEU B 181 33.40 12.36 12.20
N VAL B 182 33.31 12.10 10.89
CA VAL B 182 33.84 12.99 9.87
C VAL B 182 32.74 13.69 9.08
N GLY B 183 31.76 12.91 8.64
CA GLY B 183 30.67 13.46 7.85
C GLY B 183 29.42 12.63 7.91
N ALA B 184 28.28 13.25 7.69
CA ALA B 184 26.99 12.58 7.70
C ALA B 184 26.00 13.46 6.97
N PRO B 185 25.14 12.85 6.16
CA PRO B 185 24.09 13.63 5.51
C PRO B 185 23.03 14.00 6.54
N PRO B 186 22.11 14.94 6.21
CA PRO B 186 20.98 15.19 7.13
C PRO B 186 20.15 13.91 7.27
N SER B 187 19.36 13.81 8.34
CA SER B 187 18.49 12.64 8.55
C SER B 187 17.49 12.47 7.40
N SER B 188 17.13 13.56 6.68
CA SER B 188 16.22 13.47 5.53
C SER B 188 16.82 12.61 4.42
N ILE B 189 18.18 12.58 4.28
CA ILE B 189 18.82 11.72 3.29
C ILE B 189 19.17 10.35 3.87
N GLY B 190 19.85 10.34 5.01
CA GLY B 190 20.31 9.11 5.65
C GLY B 190 19.20 8.19 6.14
N LYS B 191 18.00 8.74 6.32
CA LYS B 191 16.88 7.97 6.79
C LYS B 191 15.64 8.37 6.03
N PHE B 192 15.74 8.65 4.69
CA PHE B 192 14.60 9.10 3.87
C PHE B 192 13.33 8.29 4.03
N GLY B 193 13.42 6.98 3.86
CA GLY B 193 12.23 6.14 4.03
C GLY B 193 11.65 6.21 5.43
N ALA B 194 12.57 6.33 6.41
CA ALA B 194 12.36 6.34 7.85
C ALA B 194 11.71 4.94 8.18
N ASP B 195 10.61 4.81 8.98
CA ASP B 195 10.06 3.51 9.29
C ASP B 195 9.18 2.97 8.18
N THR B 196 8.53 3.85 7.36
CA THR B 196 7.68 3.40 6.24
C THR B 196 8.41 2.55 5.20
N ASP B 197 9.62 2.98 4.79
CA ASP B 197 10.38 2.23 3.78
C ASP B 197 11.31 1.17 4.37
N ASN B 198 11.28 0.92 5.70
CA ASN B 198 12.13 -0.13 6.30
C ASN B 198 11.79 -1.49 5.70
N TRP B 199 12.82 -2.23 5.26
CA TRP B 199 12.71 -3.51 4.56
C TRP B 199 12.04 -3.39 3.21
N ILE B 200 11.96 -2.18 2.64
CA ILE B 200 11.24 -1.99 1.38
C ILE B 200 12.16 -1.77 0.18
N TRP B 201 11.87 -2.45 -0.89
CA TRP B 201 12.48 -2.22 -2.18
C TRP B 201 11.30 -2.01 -3.13
N PRO B 202 11.27 -0.94 -3.96
CA PRO B 202 12.30 0.08 -4.21
C PRO B 202 12.63 0.94 -2.99
N ARG B 203 13.86 1.43 -2.89
CA ARG B 203 14.30 2.23 -1.75
C ARG B 203 15.04 3.44 -2.25
N HIS B 204 14.89 4.57 -1.58
CA HIS B 204 15.51 5.83 -1.98
C HIS B 204 16.31 6.53 -0.87
N THR B 205 16.83 5.73 0.06
CA THR B 205 17.57 6.20 1.22
C THR B 205 19.08 6.31 0.95
N GLY B 206 19.68 7.45 1.29
CA GLY B 206 21.13 7.62 1.20
C GLY B 206 21.79 7.27 2.52
N ASP B 207 21.66 6.01 2.91
CA ASP B 207 22.12 5.47 4.17
C ASP B 207 23.63 5.35 4.29
N PHE B 208 24.27 6.49 4.60
CA PHE B 208 25.72 6.52 4.81
C PHE B 208 26.13 7.55 5.89
N SER B 209 27.30 7.33 6.46
CA SER B 209 28.02 8.18 7.40
C SER B 209 29.51 7.90 7.25
N ILE B 210 30.33 8.90 7.51
CA ILE B 210 31.78 8.90 7.34
C ILE B 210 32.50 9.05 8.70
N PHE B 211 33.50 8.23 8.92
CA PHE B 211 34.30 8.24 10.15
C PHE B 211 35.78 8.19 9.78
N ARG B 212 36.66 8.28 10.77
CA ARG B 212 38.09 8.15 10.53
C ARG B 212 38.72 7.42 11.69
N ILE B 213 39.58 6.44 11.38
CA ILE B 213 40.34 5.71 12.38
C ILE B 213 41.59 6.51 12.75
N TYR B 214 41.80 6.73 14.04
CA TYR B 214 42.98 7.40 14.56
C TYR B 214 43.81 6.38 15.34
N ALA B 215 45.13 6.57 15.35
CA ALA B 215 46.05 5.66 16.00
C ALA B 215 47.26 6.46 16.59
N ASP B 216 48.20 5.78 17.31
CA ASP B 216 49.40 6.47 17.79
C ASP B 216 50.31 6.80 16.60
N LYS B 217 51.46 7.47 16.84
CA LYS B 217 52.40 7.87 15.80
C LYS B 217 52.84 6.72 14.90
N ASN B 218 52.84 5.48 15.42
CA ASN B 218 53.28 4.31 14.65
C ASN B 218 52.15 3.51 14.01
N GLY B 219 50.93 4.05 14.00
CA GLY B 219 49.77 3.39 13.43
C GLY B 219 49.21 2.26 14.28
N ASN B 220 49.63 2.17 15.55
CA ASN B 220 49.16 1.13 16.45
C ASN B 220 47.93 1.61 17.19
N PRO B 221 47.01 0.69 17.51
CA PRO B 221 45.81 1.08 18.26
C PRO B 221 46.09 1.87 19.55
N ALA B 222 45.26 2.88 19.79
CA ALA B 222 45.37 3.72 20.97
C ALA B 222 44.00 4.35 21.27
N PRO B 223 43.62 4.48 22.55
CA PRO B 223 42.38 5.19 22.87
C PRO B 223 42.50 6.67 22.54
N TYR B 224 41.38 7.41 22.55
CA TYR B 224 41.40 8.83 22.25
C TYR B 224 42.47 9.62 23.06
N SER B 225 43.23 10.43 22.30
CA SER B 225 44.25 11.35 22.74
C SER B 225 44.31 12.47 21.72
N GLU B 226 44.50 13.71 22.19
CA GLU B 226 44.62 14.85 21.29
C GLU B 226 45.83 14.70 20.34
N ASP B 227 46.80 13.85 20.73
CA ASP B 227 48.03 13.54 19.99
C ASP B 227 47.89 12.42 18.96
N ASN B 228 46.69 11.84 18.82
CA ASN B 228 46.49 10.78 17.84
C ASN B 228 46.44 11.31 16.42
N VAL B 229 46.99 10.52 15.52
CA VAL B 229 47.15 10.84 14.10
C VAL B 229 46.35 9.83 13.25
N PRO B 230 45.78 10.25 12.10
CA PRO B 230 45.02 9.31 11.26
C PRO B 230 45.77 8.04 10.91
N LEU B 231 45.07 6.89 10.84
CA LEU B 231 45.72 5.62 10.54
C LEU B 231 46.02 5.47 9.06
N LYS B 232 47.26 5.09 8.69
CA LYS B 232 47.60 4.80 7.31
C LYS B 232 47.43 3.28 7.18
N PRO B 233 46.34 2.80 6.57
CA PRO B 233 46.08 1.35 6.53
C PRO B 233 46.83 0.62 5.41
N LYS B 234 46.99 -0.71 5.54
CA LYS B 234 47.69 -1.48 4.51
C LYS B 234 46.87 -1.63 3.21
N ARG B 235 45.55 -1.50 3.33
CA ARG B 235 44.64 -1.58 2.20
C ARG B 235 43.42 -0.67 2.42
N PHE B 236 42.98 -0.08 1.35
CA PHE B 236 41.76 0.72 1.31
C PHE B 236 41.06 0.46 -0.03
N PHE B 237 39.76 0.73 -0.11
CA PHE B 237 39.01 0.48 -1.34
C PHE B 237 39.14 1.62 -2.32
N ASN B 238 39.18 1.31 -3.61
CA ASN B 238 39.10 2.35 -4.62
C ASN B 238 37.60 2.55 -4.88
N ILE B 239 37.17 3.79 -5.13
CA ILE B 239 35.77 4.07 -5.43
C ILE B 239 35.58 4.01 -6.94
N SER B 240 34.61 3.24 -7.42
CA SER B 240 34.33 3.20 -8.86
C SER B 240 33.24 4.22 -9.21
N LEU B 241 33.41 4.91 -10.34
CA LEU B 241 32.35 5.79 -10.86
C LEU B 241 31.69 5.24 -12.16
N GLY B 242 32.06 4.02 -12.56
CA GLY B 242 31.49 3.33 -13.71
C GLY B 242 30.05 2.90 -13.49
N GLY B 243 29.67 2.72 -12.22
CA GLY B 243 28.31 2.38 -11.88
C GLY B 243 27.97 0.91 -11.98
N VAL B 244 26.66 0.64 -12.01
CA VAL B 244 26.13 -0.71 -12.13
C VAL B 244 25.17 -0.83 -13.29
N GLN B 245 25.08 -2.03 -13.81
CA GLN B 245 24.16 -2.39 -14.87
C GLN B 245 23.48 -3.68 -14.48
N GLU B 246 22.30 -3.95 -15.05
CA GLU B 246 21.58 -5.18 -14.77
C GLU B 246 22.44 -6.38 -15.14
N ASN B 247 22.54 -7.33 -14.21
CA ASN B 247 23.26 -8.58 -14.34
C ASN B 247 24.74 -8.49 -13.98
N ASP B 248 25.25 -7.28 -13.68
CA ASP B 248 26.65 -7.11 -13.28
C ASP B 248 26.97 -7.93 -12.04
N TYR B 249 28.19 -8.47 -11.96
CA TYR B 249 28.65 -9.24 -10.84
C TYR B 249 28.83 -8.29 -9.68
N ALA B 250 28.38 -8.72 -8.49
CA ALA B 250 28.57 -7.92 -7.29
C ALA B 250 28.95 -8.85 -6.11
N MET B 251 29.84 -8.39 -5.22
CA MET B 251 30.23 -9.16 -4.06
C MET B 251 30.27 -8.30 -2.81
N ILE B 252 30.09 -8.93 -1.65
CA ILE B 252 30.08 -8.23 -0.37
C ILE B 252 30.89 -9.01 0.62
N MET B 253 31.57 -8.29 1.50
CA MET B 253 32.29 -8.83 2.63
C MET B 253 31.70 -8.10 3.85
N GLY B 254 31.46 -8.83 4.93
CA GLY B 254 30.89 -8.26 6.13
C GLY B 254 30.78 -9.23 7.28
N PHE B 255 30.03 -8.86 8.31
CA PHE B 255 29.91 -9.69 9.49
C PHE B 255 28.47 -10.11 9.78
N PRO B 256 27.87 -10.97 8.94
CA PRO B 256 26.50 -11.42 9.22
C PRO B 256 26.42 -12.09 10.58
N GLY B 257 25.42 -11.72 11.36
CA GLY B 257 25.26 -12.16 12.73
C GLY B 257 24.72 -13.54 12.95
N THR B 258 23.51 -13.83 12.48
CA THR B 258 22.87 -15.13 12.73
C THR B 258 22.02 -15.58 11.55
N THR B 259 22.02 -16.90 11.33
CA THR B 259 21.16 -17.58 10.36
C THR B 259 20.72 -18.91 11.01
N HIS B 260 19.71 -19.58 10.43
CA HIS B 260 19.19 -20.84 10.92
C HIS B 260 18.97 -21.76 9.72
N ARG B 261 20.04 -21.96 8.96
CA ARG B 261 20.04 -22.75 7.73
C ARG B 261 19.86 -24.23 7.95
N TYR B 262 20.11 -24.72 9.16
CA TYR B 262 19.98 -26.15 9.45
C TYR B 262 18.83 -26.45 10.41
N PHE B 263 17.79 -25.60 10.37
CA PHE B 263 16.58 -25.77 11.15
C PHE B 263 15.89 -27.04 10.67
N THR B 264 15.26 -27.78 11.57
CA THR B 264 14.46 -28.93 11.14
C THR B 264 13.09 -28.36 10.74
N ALA B 265 12.27 -29.17 10.08
CA ALA B 265 10.92 -28.77 9.73
C ALA B 265 10.11 -28.43 11.01
N SER B 266 10.37 -29.16 12.12
CA SER B 266 9.71 -28.91 13.41
C SER B 266 10.09 -27.58 14.03
N GLU B 267 11.32 -27.10 13.77
CA GLU B 267 11.80 -25.80 14.24
C GLU B 267 11.18 -24.66 13.42
N VAL B 268 10.92 -24.89 12.11
CA VAL B 268 10.23 -23.94 11.24
C VAL B 268 8.74 -23.87 11.68
N ASP B 269 8.12 -25.02 12.04
CA ASP B 269 6.72 -24.99 12.51
C ASP B 269 6.61 -24.22 13.79
N GLU B 270 7.57 -24.40 14.70
CA GLU B 270 7.61 -23.74 16.00
C GLU B 270 7.83 -22.23 15.85
N TRP B 271 8.76 -21.84 14.98
CA TRP B 271 9.08 -20.47 14.67
C TRP B 271 7.83 -19.76 14.13
N LYS B 272 7.09 -20.44 13.26
CA LYS B 272 5.84 -19.92 12.73
C LYS B 272 4.74 -19.83 13.81
N SER B 273 4.35 -20.96 14.41
CA SER B 273 3.19 -21.07 15.28
C SER B 273 3.34 -20.57 16.71
N ILE B 274 4.56 -20.41 17.19
CA ILE B 274 4.78 -19.88 18.52
C ILE B 274 5.37 -18.49 18.40
N ASP B 275 6.65 -18.39 18.02
CA ASP B 275 7.39 -17.16 17.93
C ASP B 275 6.67 -16.10 17.13
N ASN B 276 6.46 -16.38 15.83
CA ASN B 276 5.86 -15.41 14.93
C ASN B 276 4.37 -15.16 15.19
N ASP B 277 3.53 -16.20 15.29
CA ASP B 277 2.10 -16.00 15.52
C ASP B 277 1.80 -15.21 16.81
N ILE B 278 2.54 -15.47 17.93
CA ILE B 278 2.31 -14.74 19.18
C ILE B 278 2.76 -13.28 19.03
N ARG B 279 3.96 -13.06 18.47
CA ARG B 279 4.48 -11.71 18.25
C ARG B 279 3.51 -10.90 17.35
N ILE B 280 2.99 -11.51 16.27
CA ILE B 280 2.05 -10.87 15.37
C ILE B 280 0.75 -10.55 16.09
N ARG B 281 0.18 -11.53 16.79
CA ARG B 281 -1.08 -11.33 17.53
C ARG B 281 -1.00 -10.26 18.65
N MET B 282 0.01 -10.36 19.51
CA MET B 282 0.15 -9.42 20.64
C MET B 282 0.53 -8.01 20.21
N ARG B 283 1.43 -7.90 19.24
CA ARG B 283 1.83 -6.59 18.73
C ARG B 283 0.72 -5.91 17.97
N ASP B 284 -0.17 -6.65 17.32
CA ASP B 284 -1.30 -6.04 16.64
C ASP B 284 -2.29 -5.44 17.66
N ILE B 285 -2.53 -6.13 18.79
CA ILE B 285 -3.38 -5.59 19.85
C ILE B 285 -2.74 -4.32 20.42
N ARG B 286 -1.45 -4.37 20.76
CA ARG B 286 -0.71 -3.26 21.35
C ARG B 286 -0.70 -2.02 20.44
N GLN B 287 -0.30 -2.20 19.17
CA GLN B 287 -0.20 -1.16 18.15
C GLN B 287 -1.57 -0.58 17.83
N GLY B 288 -2.59 -1.43 17.75
CA GLY B 288 -3.95 -0.98 17.54
C GLY B 288 -4.45 0.00 18.59
N VAL B 289 -4.16 -0.25 19.89
CA VAL B 289 -4.57 0.67 20.95
C VAL B 289 -3.76 1.96 20.88
N MET B 290 -2.45 1.83 20.66
CA MET B 290 -1.57 3.00 20.54
C MET B 290 -1.99 3.93 19.40
N LEU B 291 -2.35 3.36 18.25
CA LEU B 291 -2.77 4.13 17.10
C LEU B 291 -4.03 4.93 17.39
N ARG B 292 -5.09 4.30 17.94
CA ARG B 292 -6.30 4.98 18.35
C ARG B 292 -6.00 6.23 19.22
N GLU B 293 -5.11 6.07 20.21
CA GLU B 293 -4.77 7.13 21.16
C GLU B 293 -3.91 8.20 20.56
N MET B 294 -2.97 7.82 19.69
CA MET B 294 -2.09 8.78 19.03
C MET B 294 -2.88 9.63 18.04
N LEU B 295 -3.86 9.02 17.33
CA LEU B 295 -4.71 9.75 16.39
C LEU B 295 -5.65 10.71 17.08
N ALA B 296 -6.09 10.39 18.30
CA ALA B 296 -7.03 11.24 19.02
C ALA B 296 -6.38 12.35 19.87
N ASP B 297 -5.06 12.27 20.09
CA ASP B 297 -4.36 13.27 20.89
C ASP B 297 -2.99 13.52 20.32
N PRO B 298 -2.76 14.72 19.77
CA PRO B 298 -1.42 15.03 19.20
C PRO B 298 -0.27 14.94 20.19
N GLN B 299 -0.57 15.12 21.49
CA GLN B 299 0.44 15.02 22.54
C GLN B 299 0.75 13.53 22.78
N ILE B 300 -0.26 12.64 22.69
CA ILE B 300 -0.06 11.18 22.79
C ILE B 300 0.73 10.66 21.60
N LYS B 301 0.57 11.27 20.43
CA LYS B 301 1.34 10.94 19.24
C LYS B 301 2.80 11.29 19.47
N ILE B 302 3.08 12.46 20.05
CA ILE B 302 4.44 12.86 20.38
C ILE B 302 5.07 11.87 21.36
N MET B 303 4.36 11.57 22.46
CA MET B 303 4.88 10.67 23.48
C MET B 303 5.04 9.21 23.05
N TYR B 304 4.13 8.69 22.21
CA TYR B 304 4.17 7.26 21.86
C TYR B 304 4.68 6.91 20.48
N SER B 305 5.07 7.89 19.66
CA SER B 305 5.55 7.64 18.31
C SER B 305 6.74 6.70 18.21
N ALA B 306 7.73 6.87 19.08
CA ALA B 306 8.93 6.03 19.04
C ALA B 306 8.64 4.60 19.51
N LYS B 307 7.80 4.43 20.55
CA LYS B 307 7.41 3.11 21.07
C LYS B 307 6.55 2.37 20.04
N TYR B 308 5.68 3.09 19.34
CA TYR B 308 4.85 2.51 18.31
C TYR B 308 5.71 1.99 17.15
N ALA B 309 6.65 2.82 16.67
CA ALA B 309 7.59 2.47 15.63
C ALA B 309 8.51 1.29 16.04
N ALA B 310 9.03 1.31 17.27
CA ALA B 310 9.90 0.25 17.75
C ALA B 310 9.15 -1.09 17.80
N SER B 311 7.87 -1.08 18.16
CA SER B 311 7.08 -2.31 18.21
C SER B 311 6.78 -2.85 16.80
N GLN B 312 6.55 -1.94 15.85
CA GLN B 312 6.28 -2.25 14.45
C GLN B 312 7.46 -2.92 13.76
N ASN B 313 8.70 -2.58 14.13
CA ASN B 313 9.88 -3.16 13.49
C ASN B 313 9.87 -4.70 13.44
N ALA B 314 9.89 -5.40 14.60
CA ALA B 314 9.87 -6.87 14.61
C ALA B 314 8.50 -7.44 14.25
N TYR B 315 7.44 -6.66 14.40
CA TYR B 315 6.11 -7.03 13.97
C TYR B 315 6.10 -7.25 12.44
N LYS B 316 6.70 -6.31 11.70
CA LYS B 316 6.75 -6.39 10.25
C LYS B 316 7.61 -7.58 9.83
N ARG B 317 8.81 -7.74 10.45
N ARG B 317 8.79 -7.74 10.48
CA ARG B 317 9.72 -8.84 10.15
CA ARG B 317 9.74 -8.83 10.26
C ARG B 317 9.03 -10.20 10.34
C ARG B 317 9.04 -10.18 10.36
N ALA B 318 8.17 -10.32 11.36
CA ALA B 318 7.42 -11.55 11.62
C ALA B 318 6.37 -11.82 10.53
N ILE B 319 5.72 -10.76 10.01
CA ILE B 319 4.76 -10.89 8.91
C ILE B 319 5.49 -11.36 7.63
N GLY B 320 6.68 -10.82 7.40
CA GLY B 320 7.51 -11.15 6.25
C GLY B 320 8.03 -12.57 6.30
N ALA B 321 8.41 -13.02 7.51
CA ALA B 321 8.91 -14.35 7.78
C ALA B 321 7.80 -15.38 7.61
N ASN B 322 6.60 -15.07 8.12
CA ASN B 322 5.43 -15.95 8.01
C ASN B 322 4.92 -16.07 6.58
N TRP B 323 5.11 -15.02 5.77
CA TRP B 323 4.74 -15.04 4.37
C TRP B 323 5.66 -16.06 3.67
N ALA B 324 6.96 -16.06 3.96
CA ALA B 324 7.88 -17.02 3.33
C ALA B 324 7.55 -18.45 3.77
N ILE B 325 7.23 -18.67 5.05
CA ILE B 325 6.88 -20.02 5.51
C ILE B 325 5.65 -20.54 4.79
N LYS B 326 4.67 -19.66 4.56
CA LYS B 326 3.43 -19.99 3.89
C LYS B 326 3.55 -20.14 2.36
N THR B 327 4.32 -19.29 1.70
CA THR B 327 4.38 -19.28 0.25
C THR B 327 5.62 -19.89 -0.40
N ARG B 328 6.77 -19.91 0.29
CA ARG B 328 8.01 -20.36 -0.34
C ARG B 328 8.44 -21.78 0.03
N GLY B 329 7.59 -22.52 0.74
CA GLY B 329 7.85 -23.90 1.12
C GLY B 329 9.06 -24.08 1.99
N LEU B 330 9.22 -23.23 3.02
CA LEU B 330 10.36 -23.30 3.92
C LEU B 330 10.38 -24.61 4.70
N ARG B 331 9.21 -25.01 5.19
CA ARG B 331 9.05 -26.22 5.99
C ARG B 331 9.40 -27.45 5.20
N GLN B 332 8.87 -27.53 3.97
CA GLN B 332 9.01 -28.65 3.06
C GLN B 332 10.44 -28.87 2.63
N ASN B 333 11.19 -27.78 2.42
CA ASN B 333 12.58 -27.90 1.99
C ASN B 333 13.50 -28.36 3.14
N LYS B 334 13.14 -28.05 4.39
CA LYS B 334 13.88 -28.55 5.53
C LYS B 334 13.57 -30.04 5.71
N GLN B 335 12.30 -30.43 5.51
CA GLN B 335 11.84 -31.82 5.60
C GLN B 335 12.54 -32.66 4.51
N ALA B 336 12.67 -32.13 3.29
CA ALA B 336 13.35 -32.82 2.18
C ALA B 336 14.87 -32.98 2.45
N MET B 337 15.45 -32.03 3.18
CA MET B 337 16.86 -32.01 3.55
C MET B 337 17.09 -33.13 4.56
N GLN B 338 16.25 -33.24 5.59
CA GLN B 338 16.43 -34.26 6.62
C GLN B 338 16.03 -35.65 6.12
N ASP B 339 15.03 -35.75 5.22
CA ASP B 339 14.63 -37.05 4.67
C ASP B 339 15.76 -37.66 3.82
N ARG B 340 16.43 -36.80 3.05
CA ARG B 340 17.53 -37.20 2.18
C ARG B 340 18.74 -37.70 3.00
N LEU B 341 19.03 -37.04 4.14
CA LEU B 341 20.12 -37.46 5.02
C LEU B 341 19.76 -38.79 5.72
N ILE B 342 18.51 -38.92 6.17
CA ILE B 342 18.02 -40.14 6.83
C ILE B 342 18.10 -41.37 5.90
N ALA B 343 17.75 -41.17 4.61
CA ALA B 343 17.80 -42.22 3.58
C ALA B 343 19.25 -42.62 3.31
N TRP B 344 20.15 -41.63 3.29
CA TRP B 344 21.56 -41.87 3.07
C TRP B 344 22.22 -42.56 4.26
N GLY B 345 21.81 -42.20 5.46
CA GLY B 345 22.29 -42.80 6.69
C GLY B 345 21.86 -44.24 6.81
N ALA B 346 20.63 -44.56 6.35
CA ALA B 346 20.10 -45.92 6.36
C ALA B 346 20.91 -46.81 5.43
N LYS B 347 21.25 -46.29 4.23
CA LYS B 347 22.03 -47.01 3.24
C LYS B 347 23.47 -47.27 3.75
N GLN B 348 24.03 -46.36 4.53
CA GLN B 348 25.37 -46.51 5.07
C GLN B 348 25.47 -47.35 6.35
N GLY B 349 24.34 -47.62 7.00
CA GLY B 349 24.33 -48.35 8.27
C GLY B 349 24.67 -47.47 9.46
N THR B 350 24.42 -46.15 9.35
CA THR B 350 24.72 -45.18 10.41
C THR B 350 23.43 -44.50 10.89
N PRO B 351 22.83 -45.03 11.97
CA PRO B 351 21.56 -44.46 12.44
C PRO B 351 21.64 -43.15 13.23
N ARG B 352 22.83 -42.70 13.60
CA ARG B 352 23.00 -41.48 14.42
C ARG B 352 22.39 -40.19 13.83
N TYR B 353 22.22 -40.10 12.49
CA TYR B 353 21.66 -38.89 11.87
C TYR B 353 20.16 -38.83 12.05
N GLU B 354 19.48 -39.95 11.81
CA GLU B 354 18.04 -40.03 12.02
C GLU B 354 17.72 -39.85 13.51
N GLU B 355 18.56 -40.42 14.40
CA GLU B 355 18.42 -40.30 15.84
C GLU B 355 18.57 -38.83 16.26
N ALA B 356 19.54 -38.09 15.64
CA ALA B 356 19.78 -36.67 15.91
C ALA B 356 18.58 -35.80 15.49
N VAL B 357 17.97 -36.05 14.32
CA VAL B 357 16.79 -35.32 13.85
C VAL B 357 15.62 -35.62 14.81
N HIS B 358 15.42 -36.91 15.17
CA HIS B 358 14.37 -37.31 16.10
C HIS B 358 14.52 -36.59 17.46
N GLU B 359 15.76 -36.42 17.95
CA GLU B 359 16.06 -35.73 19.19
C GLU B 359 15.59 -34.27 19.13
N ILE B 360 15.90 -33.58 18.02
CA ILE B 360 15.50 -32.19 17.81
C ILE B 360 13.98 -32.07 17.79
N ASP B 361 13.29 -32.96 17.05
CA ASP B 361 11.84 -33.00 16.98
C ASP B 361 11.22 -33.24 18.36
N ALA B 362 11.76 -34.21 19.12
CA ALA B 362 11.24 -34.53 20.45
C ALA B 362 11.45 -33.36 21.43
N THR B 363 12.57 -32.65 21.32
CA THR B 363 12.84 -31.51 22.19
C THR B 363 11.87 -30.38 21.84
N VAL B 364 11.67 -30.11 20.54
CA VAL B 364 10.72 -29.10 20.11
C VAL B 364 9.31 -29.42 20.59
N ALA B 365 8.86 -30.66 20.41
CA ALA B 365 7.53 -31.07 20.87
C ALA B 365 7.37 -30.94 22.38
N LYS B 366 8.39 -31.36 23.15
CA LYS B 366 8.40 -31.30 24.61
C LYS B 366 8.35 -29.88 25.19
N ARG B 367 9.06 -28.92 24.59
CA ARG B 367 9.07 -27.55 25.12
C ARG B 367 7.93 -26.65 24.58
N ALA B 368 7.02 -27.18 23.78
CA ALA B 368 5.94 -26.40 23.12
C ALA B 368 5.07 -25.55 24.04
N ASP B 369 4.48 -26.12 25.09
CA ASP B 369 3.63 -25.37 26.00
C ASP B 369 4.43 -24.31 26.77
N LEU B 370 5.61 -24.65 27.27
CA LEU B 370 6.47 -23.70 27.97
C LEU B 370 6.89 -22.52 27.09
N ARG B 371 7.31 -22.81 25.83
CA ARG B 371 7.73 -21.78 24.88
C ARG B 371 6.57 -20.84 24.52
N ARG B 372 5.36 -21.39 24.41
CA ARG B 372 4.15 -20.64 24.13
C ARG B 372 3.89 -19.68 25.32
N ARG B 373 4.02 -20.18 26.54
CA ARG B 373 3.84 -19.40 27.75
C ARG B 373 4.88 -18.29 27.88
N TYR B 374 6.13 -18.57 27.44
CA TYR B 374 7.21 -17.60 27.47
C TYR B 374 6.95 -16.44 26.48
N TRP B 375 6.62 -16.76 25.22
CA TRP B 375 6.33 -15.74 24.21
C TRP B 375 5.04 -14.97 24.55
N MET B 376 4.08 -15.65 25.17
CA MET B 376 2.84 -15.00 25.57
C MET B 376 3.11 -13.93 26.62
N ILE B 377 3.93 -14.24 27.67
CA ILE B 377 4.24 -13.26 28.70
C ILE B 377 5.23 -12.17 28.21
N GLU B 378 6.17 -12.55 27.34
CA GLU B 378 7.14 -11.61 26.81
C GLU B 378 6.49 -10.60 25.90
N GLU B 379 5.73 -11.04 24.90
CA GLU B 379 5.05 -10.14 23.97
C GLU B 379 3.85 -9.45 24.63
N GLY B 380 3.08 -10.20 25.41
CA GLY B 380 1.88 -9.69 26.04
C GLY B 380 2.07 -8.75 27.20
N ILE B 381 3.02 -9.05 28.10
CA ILE B 381 3.18 -8.25 29.32
C ILE B 381 4.54 -7.54 29.44
N ILE B 382 5.67 -8.29 29.37
CA ILE B 382 7.05 -7.78 29.53
C ILE B 382 7.32 -6.63 28.55
N ARG B 383 6.98 -6.81 27.26
CA ARG B 383 7.14 -5.70 26.31
C ARG B 383 5.77 -5.05 25.96
N GLY B 384 4.64 -5.72 26.21
CA GLY B 384 3.32 -5.17 25.93
C GLY B 384 2.77 -4.12 26.89
N ILE B 385 3.04 -4.24 28.22
CA ILE B 385 2.51 -3.35 29.25
C ILE B 385 3.63 -2.57 29.96
N GLU B 386 3.59 -1.23 29.88
CA GLU B 386 4.63 -0.38 30.46
C GLU B 386 4.74 -0.47 31.97
N PHE B 387 3.60 -0.64 32.69
CA PHE B 387 3.67 -0.76 34.15
C PHE B 387 4.18 -2.13 34.61
N ALA B 388 4.53 -3.05 33.67
CA ALA B 388 5.22 -4.28 34.04
C ALA B 388 6.65 -3.88 34.48
N ARG B 389 7.24 -2.83 33.84
CA ARG B 389 8.57 -2.32 34.15
C ARG B 389 8.52 -1.14 35.16
N SER B 390 7.50 -1.11 36.00
CA SER B 390 7.37 -0.11 37.05
C SER B 390 8.33 -0.49 38.22
N PRO B 391 8.61 0.42 39.18
CA PRO B 391 9.61 0.10 40.21
C PRO B 391 9.30 -1.04 41.17
N ILE B 392 10.31 -1.89 41.38
CA ILE B 392 10.21 -2.97 42.36
C ILE B 392 11.29 -2.69 43.42
N PRO B 393 10.87 -2.45 44.67
CA PRO B 393 11.85 -2.16 45.73
C PRO B 393 12.80 -3.32 45.99
N THR B 394 14.11 -3.02 46.02
CA THR B 394 15.18 -4.00 46.28
C THR B 394 15.13 -4.47 47.75
N GLU B 395 15.80 -5.61 48.07
CA GLU B 395 15.87 -6.08 49.47
C GLU B 395 16.60 -5.05 50.35
N ASP B 396 17.61 -4.34 49.77
CA ASP B 396 18.38 -3.28 50.44
C ASP B 396 17.50 -2.08 50.74
N GLU B 397 16.57 -1.75 49.83
CA GLU B 397 15.65 -0.62 49.98
C GLU B 397 14.58 -0.88 51.03
N THR B 398 14.04 -2.11 51.11
CA THR B 398 13.05 -2.43 52.13
C THR B 398 13.74 -2.62 53.51
N LYS B 399 14.94 -3.23 53.51
CA LYS B 399 15.74 -3.33 54.74
C LYS B 399 16.58 -2.05 54.79
N ALA B 400 15.88 -0.92 54.95
CA ALA B 400 16.30 0.48 55.05
C ALA B 400 15.08 1.32 55.46
N LEU B 401 13.89 0.99 54.93
CA LEU B 401 12.66 1.67 55.32
C LEU B 401 12.21 1.13 56.68
N GLN B 402 12.39 -0.19 56.93
CA GLN B 402 11.99 -0.86 58.17
C GLN B 402 12.62 -2.26 58.24
N ALA B 406 17.11 4.67 60.94
CA ALA B 406 18.16 5.53 60.39
C ALA B 406 17.68 6.43 59.22
N SER B 407 18.45 7.53 58.90
CA SER B 407 18.15 8.41 57.76
C SER B 407 18.44 7.75 56.38
N ALA B 408 18.73 6.45 56.39
CA ALA B 408 18.90 5.61 55.20
C ALA B 408 17.50 5.34 54.54
N ARG B 409 16.40 5.77 55.20
CA ARG B 409 15.05 5.75 54.70
C ARG B 409 14.99 6.79 53.55
N LYS B 410 15.57 7.99 53.77
CA LYS B 410 15.63 9.08 52.81
C LYS B 410 16.46 8.75 51.58
N GLU B 411 17.50 7.91 51.76
CA GLU B 411 18.34 7.48 50.62
C GLU B 411 17.60 6.44 49.76
N ALA B 412 16.83 5.54 50.42
CA ALA B 412 16.06 4.51 49.76
C ALA B 412 14.94 5.16 48.95
N ILE B 413 14.19 6.11 49.54
CA ILE B 413 13.12 6.83 48.87
C ILE B 413 13.62 7.61 47.67
N ASP B 414 14.85 8.13 47.72
CA ASP B 414 15.40 8.87 46.57
C ASP B 414 15.80 7.91 45.42
N LYS B 415 16.18 6.68 45.76
CA LYS B 415 16.53 5.69 44.75
C LYS B 415 15.24 5.20 44.06
N ILE B 416 14.17 4.97 44.86
CA ILE B 416 12.87 4.55 44.34
C ILE B 416 12.25 5.66 43.50
N ARG B 417 12.39 6.93 43.92
CA ARG B 417 11.85 8.09 43.21
C ARG B 417 12.51 8.27 41.85
N THR B 418 13.83 8.03 41.79
CA THR B 418 14.61 8.13 40.55
C THR B 418 14.09 7.10 39.53
N ARG B 419 13.79 5.88 39.99
CA ARG B 419 13.26 4.79 39.17
C ARG B 419 11.82 5.07 38.75
N TYR B 420 11.03 5.66 39.65
CA TYR B 420 9.66 6.02 39.37
C TYR B 420 9.62 7.13 38.29
N SER B 421 10.55 8.09 38.34
CA SER B 421 10.61 9.17 37.34
C SER B 421 11.04 8.63 35.96
N LYS B 422 11.85 7.57 35.94
CA LYS B 422 12.28 6.95 34.68
C LYS B 422 11.07 6.20 34.07
N PHE B 423 10.28 5.49 34.91
CA PHE B 423 9.08 4.78 34.47
C PHE B 423 7.99 5.77 34.00
N ALA B 424 7.56 6.67 34.87
CA ALA B 424 6.54 7.65 34.54
C ALA B 424 7.23 8.91 34.01
N ASN B 425 7.85 8.83 32.83
CA ASN B 425 8.58 9.97 32.26
C ASN B 425 7.72 10.89 31.38
N LYS B 426 8.34 11.85 30.62
CA LYS B 426 7.64 12.78 29.73
C LYS B 426 6.83 12.09 28.63
N ASP B 427 7.20 10.83 28.29
CA ASP B 427 6.52 10.04 27.26
C ASP B 427 5.59 8.95 27.81
N TYR B 428 5.40 8.89 29.15
CA TYR B 428 4.53 7.89 29.74
C TYR B 428 3.17 8.45 30.04
N SER B 429 2.13 7.79 29.53
CA SER B 429 0.76 8.14 29.81
C SER B 429 0.10 6.95 30.51
N ALA B 430 -0.32 7.16 31.76
CA ALA B 430 -0.99 6.15 32.55
C ALA B 430 -2.33 5.73 31.92
N GLU B 431 -3.03 6.67 31.29
CA GLU B 431 -4.30 6.39 30.63
C GLU B 431 -4.13 5.51 29.40
N VAL B 432 -3.14 5.80 28.57
CA VAL B 432 -2.82 4.98 27.40
C VAL B 432 -2.37 3.60 27.87
N ASP B 433 -1.55 3.55 28.94
CA ASP B 433 -1.07 2.26 29.47
C ASP B 433 -2.19 1.41 30.07
N LYS B 434 -3.20 2.01 30.72
CA LYS B 434 -4.34 1.26 31.24
C LYS B 434 -5.13 0.65 30.08
N LYS B 435 -5.29 1.39 28.97
CA LYS B 435 -6.00 0.90 27.81
C LYS B 435 -5.24 -0.20 27.12
N VAL B 436 -3.92 -0.06 26.97
CA VAL B 436 -3.12 -1.10 26.35
C VAL B 436 -3.14 -2.36 27.21
N ALA B 437 -2.91 -2.21 28.54
CA ALA B 437 -2.96 -3.34 29.47
C ALA B 437 -4.30 -4.03 29.49
N VAL B 438 -5.43 -3.31 29.43
CA VAL B 438 -6.75 -3.96 29.45
C VAL B 438 -6.93 -4.89 28.22
N ALA B 439 -6.55 -4.44 27.01
CA ALA B 439 -6.64 -5.27 25.81
C ALA B 439 -5.58 -6.43 25.78
N MET B 440 -4.37 -6.14 26.22
CA MET B 440 -3.27 -7.12 26.26
C MET B 440 -3.54 -8.20 27.30
N LEU B 441 -4.07 -7.83 28.47
CA LEU B 441 -4.38 -8.80 29.51
C LEU B 441 -5.61 -9.60 29.16
N THR B 442 -6.61 -9.00 28.48
CA THR B 442 -7.81 -9.72 28.06
C THR B 442 -7.42 -10.89 27.11
N GLU B 443 -6.48 -10.64 26.22
CA GLU B 443 -5.96 -11.66 25.33
C GLU B 443 -5.08 -12.69 26.07
N TYR B 444 -4.25 -12.22 26.99
CA TYR B 444 -3.36 -13.06 27.75
C TYR B 444 -4.15 -14.03 28.62
N LEU B 445 -5.18 -13.54 29.31
CA LEU B 445 -6.03 -14.34 30.20
C LEU B 445 -6.89 -15.38 29.45
N LYS B 446 -7.15 -15.13 28.19
CA LYS B 446 -7.85 -16.01 27.27
C LYS B 446 -6.89 -17.15 26.80
N GLU B 447 -5.58 -16.87 26.68
CA GLU B 447 -4.61 -17.85 26.23
C GLU B 447 -3.89 -18.64 27.28
N ILE B 448 -3.70 -18.07 28.47
CA ILE B 448 -2.96 -18.74 29.53
C ILE B 448 -3.93 -19.12 30.65
N PRO B 449 -3.99 -20.41 31.04
CA PRO B 449 -4.96 -20.80 32.09
C PRO B 449 -4.59 -20.35 33.50
N TYR B 450 -5.56 -20.37 34.42
CA TYR B 450 -5.41 -19.95 35.81
C TYR B 450 -4.19 -20.57 36.50
N GLU B 451 -4.00 -21.90 36.33
CA GLU B 451 -2.87 -22.61 36.94
C GLU B 451 -1.51 -22.17 36.39
N ASN B 452 -1.48 -21.60 35.18
CA ASN B 452 -0.25 -21.13 34.54
C ASN B 452 -0.05 -19.59 34.63
N LEU B 453 -0.93 -18.87 35.30
CA LEU B 453 -0.88 -17.42 35.38
C LEU B 453 0.12 -16.90 36.36
N PRO B 454 0.76 -15.73 36.10
CA PRO B 454 1.52 -15.07 37.18
C PRO B 454 0.56 -14.85 38.37
N LEU B 455 0.99 -15.21 39.59
CA LEU B 455 0.15 -15.20 40.82
C LEU B 455 -0.79 -13.99 40.97
N HIS B 456 -0.35 -12.76 40.64
CA HIS B 456 -1.21 -11.59 40.79
C HIS B 456 -2.36 -11.57 39.79
N LEU B 457 -2.16 -12.13 38.59
CA LEU B 457 -3.20 -12.19 37.56
C LEU B 457 -4.35 -13.15 37.93
N ARG B 458 -4.15 -14.01 38.94
CA ARG B 458 -5.20 -14.87 39.48
C ARG B 458 -6.30 -14.01 40.13
N LEU B 459 -5.95 -12.81 40.64
CA LEU B 459 -6.89 -11.87 41.25
C LEU B 459 -7.96 -11.39 40.29
N VAL B 460 -7.74 -11.49 38.97
CA VAL B 460 -8.76 -11.09 38.00
C VAL B 460 -10.00 -11.94 38.18
N LYS B 461 -9.83 -13.26 38.28
CA LYS B 461 -10.94 -14.20 38.48
C LYS B 461 -11.41 -14.21 39.94
N ASP B 462 -10.47 -14.34 40.88
CA ASP B 462 -10.76 -14.43 42.31
C ASP B 462 -11.35 -13.17 42.98
N ARG B 463 -10.76 -12.00 42.74
CA ARG B 463 -11.18 -10.78 43.40
C ARG B 463 -12.03 -9.86 42.55
N PHE B 464 -11.86 -9.90 41.21
CA PHE B 464 -12.56 -8.94 40.34
C PHE B 464 -13.63 -9.54 39.45
N ALA B 465 -14.01 -10.81 39.65
CA ALA B 465 -15.03 -11.49 38.84
C ALA B 465 -14.78 -11.40 37.32
N GLY B 466 -13.53 -11.50 36.92
CA GLY B 466 -13.14 -11.46 35.52
C GLY B 466 -13.12 -10.10 34.87
N ASP B 467 -13.30 -9.02 35.68
CA ASP B 467 -13.29 -7.66 35.15
C ASP B 467 -11.84 -7.15 35.06
N VAL B 468 -11.25 -7.27 33.85
CA VAL B 468 -9.89 -6.83 33.58
C VAL B 468 -9.79 -5.31 33.77
N GLN B 469 -10.82 -4.55 33.34
CA GLN B 469 -10.83 -3.10 33.50
C GLN B 469 -10.80 -2.72 34.99
N ALA B 470 -11.56 -3.42 35.85
CA ALA B 470 -11.56 -3.15 37.29
C ALA B 470 -10.23 -3.49 37.94
N TYR B 471 -9.61 -4.59 37.51
CA TYR B 471 -8.33 -5.02 38.03
C TYR B 471 -7.24 -3.96 37.71
N VAL B 472 -7.18 -3.50 36.46
CA VAL B 472 -6.23 -2.50 36.02
C VAL B 472 -6.53 -1.15 36.69
N ASP B 473 -7.82 -0.80 36.84
CA ASP B 473 -8.20 0.44 37.50
C ASP B 473 -7.74 0.42 38.96
N ASP B 474 -7.89 -0.72 39.62
CA ASP B 474 -7.50 -0.87 41.01
C ASP B 474 -5.98 -0.73 41.19
N ILE B 475 -5.18 -1.29 40.25
CA ILE B 475 -3.72 -1.21 40.30
C ILE B 475 -3.28 0.25 40.36
N PHE B 476 -3.82 1.08 39.49
CA PHE B 476 -3.48 2.51 39.43
C PHE B 476 -4.09 3.34 40.56
N ALA B 477 -5.34 3.01 40.95
CA ALA B 477 -6.02 3.74 42.01
C ALA B 477 -5.35 3.55 43.36
N ARG B 478 -4.83 2.36 43.64
CA ARG B 478 -4.24 2.06 44.94
C ARG B 478 -2.71 2.07 44.98
N SER B 479 -2.05 2.05 43.83
CA SER B 479 -0.60 2.03 43.81
C SER B 479 0.09 3.36 44.11
N VAL B 480 1.23 3.27 44.87
CA VAL B 480 2.14 4.40 45.12
C VAL B 480 2.86 4.84 43.78
N PHE B 481 2.75 4.05 42.69
CA PHE B 481 3.29 4.45 41.40
C PHE B 481 2.15 4.77 40.38
N GLY B 482 0.91 4.88 40.84
CA GLY B 482 -0.24 5.18 40.00
C GLY B 482 -0.32 6.64 39.56
N SER B 483 0.30 7.54 40.30
CA SER B 483 0.33 8.98 39.98
C SER B 483 1.44 9.65 40.79
N GLU B 484 1.83 10.89 40.42
CA GLU B 484 2.84 11.61 41.17
C GLU B 484 2.35 11.90 42.58
N ALA B 485 1.08 12.27 42.75
CA ALA B 485 0.51 12.56 44.06
C ALA B 485 0.49 11.33 44.95
N GLN B 486 0.22 10.16 44.37
CA GLN B 486 0.22 8.93 45.13
C GLN B 486 1.62 8.56 45.57
N PHE B 487 2.63 8.82 44.72
CA PHE B 487 4.01 8.56 45.10
C PHE B 487 4.46 9.47 46.20
N ASP B 488 4.22 10.78 46.08
CA ASP B 488 4.62 11.76 47.10
C ASP B 488 3.99 11.49 48.46
N ALA B 489 2.74 10.97 48.48
CA ALA B 489 2.06 10.61 49.72
C ALA B 489 2.72 9.39 50.36
N PHE B 490 3.26 8.47 49.56
CA PHE B 490 3.99 7.32 50.07
C PHE B 490 5.35 7.81 50.60
N ALA B 491 6.09 8.60 49.79
CA ALA B 491 7.41 9.13 50.13
C ALA B 491 7.40 9.95 51.44
N ALA B 492 6.26 10.58 51.77
CA ALA B 492 6.13 11.33 53.00
C ALA B 492 5.99 10.37 54.20
N VAL B 493 5.21 9.27 54.03
CA VAL B 493 5.03 8.30 55.12
C VAL B 493 5.28 6.88 54.57
N PRO B 494 6.56 6.53 54.33
CA PRO B 494 6.84 5.23 53.71
C PRO B 494 6.87 4.06 54.66
N SER B 495 6.03 3.05 54.40
CA SER B 495 6.07 1.83 55.20
C SER B 495 6.30 0.62 54.30
N VAL B 496 7.19 -0.29 54.72
CA VAL B 496 7.48 -1.52 53.95
C VAL B 496 6.21 -2.37 53.73
N GLU B 497 5.29 -2.32 54.70
CA GLU B 497 4.01 -3.02 54.67
C GLU B 497 3.15 -2.51 53.49
N LYS B 498 3.22 -1.20 53.19
CA LYS B 498 2.49 -0.58 52.08
C LYS B 498 3.06 -1.07 50.76
N LEU B 499 4.39 -1.13 50.64
CA LEU B 499 5.08 -1.61 49.45
C LEU B 499 4.87 -3.09 49.21
N ALA B 500 4.79 -3.88 50.28
CA ALA B 500 4.58 -5.33 50.17
C ALA B 500 3.17 -5.67 49.67
N GLU B 501 2.19 -4.79 49.90
CA GLU B 501 0.82 -5.01 49.46
C GLU B 501 0.46 -4.17 48.20
N ASP B 502 1.40 -3.36 47.69
CA ASP B 502 1.15 -2.51 46.53
C ASP B 502 0.75 -3.31 45.28
N PRO B 503 -0.46 -3.01 44.75
CA PRO B 503 -0.95 -3.77 43.59
C PRO B 503 -0.07 -3.70 42.34
N MET B 504 0.59 -2.55 42.06
CA MET B 504 1.47 -2.47 40.90
C MET B 504 2.79 -3.22 41.15
N VAL B 505 3.34 -3.13 42.38
CA VAL B 505 4.56 -3.84 42.75
C VAL B 505 4.33 -5.38 42.66
N LEU B 506 3.18 -5.86 43.18
CA LEU B 506 2.80 -7.27 43.17
C LEU B 506 2.61 -7.76 41.75
N PHE B 507 2.05 -6.93 40.86
CA PHE B 507 1.86 -7.25 39.45
C PHE B 507 3.24 -7.37 38.81
N ALA B 508 4.11 -6.34 38.94
CA ALA B 508 5.41 -6.30 38.31
C ALA B 508 6.32 -7.44 38.77
N SER B 509 6.32 -7.73 40.07
CA SER B 509 7.11 -8.81 40.65
C SER B 509 6.61 -10.15 40.14
N SER B 510 5.27 -10.33 40.16
CA SER B 510 4.61 -11.56 39.74
C SER B 510 4.88 -11.89 38.27
N VAL B 511 4.78 -10.90 37.36
CA VAL B 511 5.00 -11.18 35.96
C VAL B 511 6.49 -11.42 35.70
N PHE B 512 7.40 -10.77 36.44
CA PHE B 512 8.83 -11.02 36.27
C PHE B 512 9.25 -12.36 36.89
N ASP B 513 8.54 -12.83 37.93
CA ASP B 513 8.82 -14.15 38.51
C ASP B 513 8.55 -15.24 37.46
N GLU B 514 7.36 -15.19 36.83
CA GLU B 514 6.90 -16.14 35.83
C GLU B 514 7.75 -16.12 34.57
N TYR B 515 8.16 -14.94 34.16
CA TYR B 515 9.02 -14.75 33.00
C TYR B 515 10.39 -15.44 33.25
N ARG B 516 10.98 -15.27 34.45
CA ARG B 516 12.25 -15.93 34.80
C ARG B 516 12.10 -17.44 35.02
N LYS B 517 11.00 -17.87 35.66
CA LYS B 517 10.71 -19.28 35.88
C LYS B 517 10.59 -20.00 34.51
N LEU B 518 9.95 -19.34 33.51
CA LEU B 518 9.78 -19.92 32.18
C LEU B 518 11.10 -19.99 31.45
N TYR B 519 11.89 -18.90 31.50
CA TYR B 519 13.22 -18.85 30.88
C TYR B 519 14.13 -19.96 31.44
N ASN B 520 14.17 -20.11 32.77
CA ASN B 520 15.00 -21.11 33.44
C ASN B 520 14.54 -22.53 33.15
N GLU B 521 13.23 -22.74 32.94
CA GLU B 521 12.74 -24.06 32.57
C GLU B 521 13.05 -24.37 31.11
N LEU B 522 13.07 -23.36 30.25
CA LEU B 522 13.29 -23.56 28.83
C LEU B 522 14.74 -23.69 28.42
N ARG B 523 15.67 -23.08 29.18
CA ARG B 523 17.12 -23.12 28.91
C ARG B 523 17.69 -24.55 28.76
N PRO B 524 17.36 -25.51 29.65
CA PRO B 524 17.88 -26.88 29.47
C PRO B 524 17.58 -27.56 28.14
N TYR B 525 16.55 -27.09 27.42
CA TYR B 525 16.16 -27.67 26.13
C TYR B 525 17.02 -27.21 24.97
N ASP B 526 17.83 -26.16 25.13
CA ASP B 526 18.68 -25.68 24.04
C ASP B 526 19.82 -26.65 23.74
N ASP B 527 20.41 -27.24 24.79
CA ASP B 527 21.57 -28.13 24.73
C ASP B 527 21.35 -29.40 23.93
N PRO B 528 20.25 -30.17 24.14
CA PRO B 528 20.04 -31.39 23.34
C PRO B 528 19.97 -31.08 21.85
N ILE B 529 19.30 -29.97 21.47
CA ILE B 529 19.15 -29.51 20.08
C ILE B 529 20.52 -29.16 19.52
N LEU B 530 21.30 -28.39 20.28
CA LEU B 530 22.65 -28.02 19.91
C LEU B 530 23.54 -29.26 19.68
N ARG B 531 23.56 -30.22 20.61
CA ARG B 531 24.35 -31.43 20.48
C ARG B 531 23.90 -32.25 19.27
N ALA B 532 22.57 -32.36 19.06
CA ALA B 532 22.03 -33.09 17.91
C ALA B 532 22.34 -32.39 16.59
N GLN B 533 22.43 -31.05 16.59
CA GLN B 533 22.80 -30.29 15.41
C GLN B 533 24.24 -30.54 15.02
N ARG B 534 25.12 -30.86 15.98
CA ARG B 534 26.51 -31.18 15.69
C ARG B 534 26.56 -32.45 14.85
N THR B 535 25.79 -33.48 15.22
CA THR B 535 25.69 -34.75 14.47
C THR B 535 24.98 -34.54 13.13
N TYR B 536 23.87 -33.78 13.13
CA TYR B 536 23.07 -33.48 11.93
C TYR B 536 23.91 -32.75 10.86
N ILE B 537 24.55 -31.63 11.21
CA ILE B 537 25.39 -30.89 10.28
C ILE B 537 26.58 -31.71 9.84
N ALA B 538 27.16 -32.55 10.75
CA ALA B 538 28.25 -33.44 10.36
C ALA B 538 27.77 -34.41 9.24
N GLY B 539 26.55 -34.93 9.39
CA GLY B 539 25.90 -35.82 8.44
C GLY B 539 25.64 -35.19 7.09
N LEU B 540 25.17 -33.95 7.08
CA LEU B 540 24.90 -33.20 5.86
C LEU B 540 26.19 -32.89 5.10
N LEU B 541 27.26 -32.54 5.82
CA LEU B 541 28.56 -32.23 5.21
C LEU B 541 29.25 -33.48 4.66
N GLU B 542 29.19 -34.61 5.40
CA GLU B 542 29.76 -35.88 4.95
C GLU B 542 29.00 -36.40 3.70
N MET B 543 27.72 -36.09 3.57
CA MET B 543 26.91 -36.51 2.45
C MET B 543 27.07 -35.61 1.20
N ASP B 544 26.75 -34.31 1.30
CA ASP B 544 26.77 -33.41 0.14
C ASP B 544 27.97 -32.43 0.07
N GLY B 545 28.73 -32.34 1.14
CA GLY B 545 29.89 -31.45 1.18
C GLY B 545 29.65 -29.99 1.55
N ASP B 546 30.74 -29.35 2.05
CA ASP B 546 30.85 -27.93 2.43
C ASP B 546 31.14 -27.17 1.14
N GLN B 547 30.19 -27.21 0.21
CA GLN B 547 30.37 -26.60 -1.08
C GLN B 547 29.15 -25.79 -1.42
N ASP B 548 27.95 -26.39 -1.34
CA ASP B 548 26.73 -25.64 -1.60
C ASP B 548 25.85 -25.45 -0.31
N GLN B 549 26.44 -25.70 0.87
CA GLN B 549 25.85 -25.47 2.18
C GLN B 549 26.87 -24.79 3.08
N PHE B 550 26.63 -23.49 3.31
CA PHE B 550 27.44 -22.56 4.07
C PHE B 550 27.25 -22.72 5.57
N PRO B 551 28.24 -22.34 6.40
CA PRO B 551 28.04 -22.44 7.85
C PRO B 551 27.16 -21.30 8.34
N ASP B 552 26.29 -21.54 9.33
CA ASP B 552 25.46 -20.46 9.89
C ASP B 552 26.27 -19.20 10.25
N ALA B 553 25.70 -18.00 10.03
CA ALA B 553 26.36 -16.75 10.40
C ALA B 553 26.57 -16.73 11.90
N ASN B 554 27.71 -16.19 12.38
CA ASN B 554 28.03 -16.14 13.81
C ASN B 554 28.86 -14.89 14.14
N LEU B 555 28.57 -13.79 13.47
CA LEU B 555 29.23 -12.51 13.61
C LEU B 555 30.70 -12.58 13.20
N THR B 556 31.02 -13.43 12.23
CA THR B 556 32.37 -13.52 11.69
C THR B 556 32.36 -13.11 10.22
N LEU B 557 33.55 -12.71 9.74
CA LEU B 557 33.78 -12.21 8.40
C LEU B 557 33.39 -13.24 7.32
N ARG B 558 32.47 -12.85 6.44
CA ARG B 558 32.02 -13.73 5.37
C ARG B 558 31.98 -12.97 4.05
N PHE B 559 32.00 -13.71 2.96
CA PHE B 559 31.81 -13.12 1.66
C PHE B 559 30.57 -13.72 1.02
N THR B 560 29.96 -12.94 0.16
CA THR B 560 28.79 -13.36 -0.60
C THR B 560 28.90 -12.73 -1.99
N TYR B 561 28.38 -13.41 -3.00
CA TYR B 561 28.42 -12.90 -4.36
C TYR B 561 27.10 -13.16 -5.06
N GLY B 562 26.81 -12.34 -6.04
CA GLY B 562 25.61 -12.44 -6.83
C GLY B 562 25.66 -11.46 -7.97
N GLN B 563 24.51 -10.92 -8.33
CA GLN B 563 24.43 -9.96 -9.43
C GLN B 563 23.49 -8.84 -9.11
N VAL B 564 23.66 -7.69 -9.77
CA VAL B 564 22.76 -6.55 -9.66
C VAL B 564 21.51 -6.98 -10.43
N LYS B 565 20.40 -7.23 -9.70
CA LYS B 565 19.20 -7.76 -10.33
C LYS B 565 17.94 -7.43 -9.54
N GLY B 566 16.89 -7.08 -10.24
CA GLY B 566 15.59 -6.83 -9.61
C GLY B 566 14.80 -8.13 -9.46
N TYR B 567 13.49 -8.02 -9.28
CA TYR B 567 12.64 -9.19 -9.10
C TYR B 567 11.18 -8.82 -9.21
N SER B 568 10.35 -9.84 -9.37
CA SER B 568 8.89 -9.72 -9.42
C SER B 568 8.29 -10.06 -8.05
N PRO B 569 7.79 -9.04 -7.31
CA PRO B 569 7.21 -9.29 -5.98
C PRO B 569 5.85 -10.01 -6.00
N ARG B 570 5.09 -9.76 -7.04
CA ARG B 570 3.75 -10.31 -7.23
C ARG B 570 3.47 -10.30 -8.71
N ASP B 571 2.43 -11.05 -9.14
CA ASP B 571 2.00 -11.18 -10.52
C ASP B 571 1.84 -9.83 -11.22
N ASN B 572 2.49 -9.72 -12.38
CA ASN B 572 2.44 -8.55 -13.26
C ASN B 572 3.19 -7.29 -12.73
N VAL B 573 4.00 -7.43 -11.67
CA VAL B 573 4.77 -6.31 -11.13
C VAL B 573 6.26 -6.62 -11.18
N TYR B 574 7.07 -5.71 -11.71
CA TYR B 574 8.52 -5.89 -11.70
C TYR B 574 9.20 -4.73 -11.03
N TYR B 575 10.07 -5.02 -10.08
CA TYR B 575 10.88 -4.01 -9.41
C TYR B 575 12.24 -4.15 -10.04
N GLY B 576 12.71 -3.12 -10.73
CA GLY B 576 14.02 -3.15 -11.36
C GLY B 576 15.16 -3.17 -10.36
N HIS B 577 16.38 -3.19 -10.88
CA HIS B 577 17.57 -3.28 -10.06
C HIS B 577 18.08 -1.94 -9.52
N GLN B 578 17.61 -0.79 -10.01
CA GLN B 578 18.16 0.51 -9.62
C GLN B 578 17.13 1.61 -9.34
N THR B 579 17.29 2.36 -8.23
CA THR B 579 16.43 3.52 -7.97
C THR B 579 17.15 4.83 -8.36
N THR B 580 16.39 5.89 -8.63
CA THR B 580 16.97 7.18 -9.04
C THR B 580 16.50 8.34 -8.16
N LEU B 581 17.15 9.53 -8.30
CA LEU B 581 16.81 10.74 -7.55
C LEU B 581 15.38 11.20 -7.81
N ASP B 582 14.83 10.83 -8.97
CA ASP B 582 13.47 11.10 -9.38
C ASP B 582 12.44 10.42 -8.43
N GLY B 583 12.81 9.24 -7.89
CA GLY B 583 12.00 8.48 -6.94
C GLY B 583 11.92 9.12 -5.57
N VAL B 584 12.98 9.88 -5.20
CA VAL B 584 13.04 10.66 -3.97
C VAL B 584 12.05 11.83 -4.12
N MET B 585 12.10 12.51 -5.27
CA MET B 585 11.23 13.64 -5.56
C MET B 585 9.77 13.24 -5.71
N GLU B 586 9.51 12.01 -6.18
CA GLU B 586 8.19 11.44 -6.31
C GLU B 586 7.60 11.19 -4.93
N LYS B 587 8.42 10.74 -3.98
CA LYS B 587 8.04 10.42 -2.60
C LYS B 587 7.98 11.62 -1.66
N GLU B 588 8.44 12.80 -2.10
CA GLU B 588 8.42 13.99 -1.25
C GLU B 588 7.04 14.35 -0.71
N ASP B 589 6.98 14.62 0.59
CA ASP B 589 5.77 15.02 1.30
C ASP B 589 6.26 15.95 2.38
N PRO B 590 6.14 17.28 2.18
CA PRO B 590 6.65 18.21 3.20
C PRO B 590 5.93 18.11 4.55
N ASP B 591 4.67 17.60 4.55
CA ASP B 591 3.93 17.47 5.81
C ASP B 591 4.03 16.08 6.44
N ASN B 592 5.09 15.33 6.10
CA ASN B 592 5.38 14.01 6.66
C ASN B 592 6.88 13.99 6.89
N TRP B 593 7.29 14.03 8.18
CA TRP B 593 8.69 14.09 8.62
C TRP B 593 9.60 13.06 7.96
N GLU B 594 9.05 11.92 7.55
CA GLU B 594 9.81 10.83 6.94
C GLU B 594 10.19 11.16 5.51
N PHE B 595 9.29 11.86 4.77
CA PHE B 595 9.53 12.10 3.36
C PHE B 595 9.79 13.55 3.01
N VAL B 596 10.38 14.31 3.94
CA VAL B 596 10.78 15.68 3.64
C VAL B 596 12.10 15.59 2.86
N VAL B 597 12.26 16.44 1.85
CA VAL B 597 13.46 16.43 1.01
C VAL B 597 14.31 17.64 1.34
N ASP B 598 15.61 17.39 1.56
CA ASP B 598 16.61 18.40 1.85
C ASP B 598 16.65 19.43 0.71
N PRO B 599 16.46 20.72 1.06
CA PRO B 599 16.40 21.76 0.02
C PRO B 599 17.61 21.82 -0.88
N LYS B 600 18.80 21.57 -0.35
CA LYS B 600 20.03 21.60 -1.16
C LYS B 600 20.01 20.47 -2.20
N LEU B 601 19.50 19.26 -1.82
CA LEU B 601 19.36 18.09 -2.69
C LEU B 601 18.26 18.31 -3.73
N LYS B 602 17.14 18.94 -3.33
CA LYS B 602 16.05 19.26 -4.26
C LYS B 602 16.55 20.18 -5.37
N ALA B 603 17.37 21.17 -5.00
CA ALA B 603 17.99 22.13 -5.92
C ALA B 603 18.96 21.44 -6.89
N VAL B 604 19.78 20.50 -6.39
CA VAL B 604 20.69 19.71 -7.22
C VAL B 604 19.91 18.96 -8.33
N TYR B 605 18.78 18.33 -7.94
CA TYR B 605 17.91 17.60 -8.84
C TYR B 605 17.29 18.55 -9.88
N GLU B 606 16.79 19.71 -9.43
CA GLU B 606 16.16 20.68 -10.32
C GLU B 606 17.14 21.22 -11.34
N ARG B 607 18.34 21.59 -10.88
CA ARG B 607 19.37 22.10 -11.79
C ARG B 607 20.14 20.99 -12.53
N LYS B 608 19.89 19.71 -12.20
CA LYS B 608 20.57 18.54 -12.77
C LYS B 608 22.09 18.64 -12.57
N ASP B 609 22.51 19.22 -11.43
CA ASP B 609 23.91 19.41 -11.08
C ASP B 609 24.40 18.08 -10.51
N PHE B 610 24.53 17.09 -11.38
CA PHE B 610 24.96 15.74 -11.01
C PHE B 610 26.43 15.43 -11.23
N GLY B 611 27.16 16.34 -11.89
CA GLY B 611 28.57 16.19 -12.21
C GLY B 611 28.90 14.89 -12.90
N ARG B 612 29.94 14.21 -12.40
CA ARG B 612 30.40 12.92 -12.90
C ARG B 612 29.67 11.73 -12.23
N TYR B 613 28.56 11.97 -11.51
CA TYR B 613 27.89 10.92 -10.75
C TYR B 613 26.61 10.38 -11.42
N ALA B 614 26.03 11.14 -12.37
CA ALA B 614 24.84 10.68 -13.09
C ALA B 614 25.17 9.48 -13.99
N ASP B 615 24.16 8.68 -14.37
CA ASP B 615 24.39 7.52 -15.23
C ASP B 615 24.38 7.91 -16.74
N ARG B 616 24.52 6.91 -17.64
CA ARG B 616 24.57 7.15 -19.09
C ARG B 616 23.34 7.91 -19.60
N SER B 617 22.17 7.63 -19.04
CA SER B 617 20.95 8.31 -19.44
C SER B 617 20.77 9.75 -18.87
N GLY B 618 21.73 10.20 -18.08
CA GLY B 618 21.65 11.51 -17.44
C GLY B 618 20.81 11.52 -16.17
N ARG B 619 20.39 10.33 -15.70
CA ARG B 619 19.60 10.23 -14.48
C ARG B 619 20.51 9.94 -13.28
N MET B 620 20.16 10.48 -12.10
CA MET B 620 21.03 10.32 -10.92
C MET B 620 20.65 9.08 -10.15
N PRO B 621 21.53 8.06 -10.04
CA PRO B 621 21.17 6.86 -9.27
C PRO B 621 21.18 7.10 -7.77
N VAL B 622 20.39 6.34 -7.04
CA VAL B 622 20.34 6.46 -5.59
C VAL B 622 20.77 5.12 -4.92
N ALA B 623 20.11 4.04 -5.29
CA ALA B 623 20.33 2.76 -4.67
C ALA B 623 20.19 1.64 -5.71
N PHE B 624 20.69 0.45 -5.39
CA PHE B 624 20.53 -0.69 -6.26
C PHE B 624 20.33 -1.92 -5.42
N CYS B 625 19.91 -3.02 -6.03
CA CYS B 625 19.72 -4.26 -5.28
C CYS B 625 20.49 -5.42 -5.94
N ALA B 626 20.81 -6.46 -5.16
CA ALA B 626 21.59 -7.58 -5.69
C ALA B 626 21.19 -8.93 -5.09
N THR B 627 21.52 -10.02 -5.78
CA THR B 627 21.22 -11.37 -5.32
C THR B 627 22.23 -11.92 -4.29
N THR B 628 23.00 -11.04 -3.66
CA THR B 628 23.91 -11.41 -2.58
C THR B 628 23.10 -11.86 -1.34
N HIS B 629 23.71 -12.70 -0.50
CA HIS B 629 23.06 -13.24 0.68
C HIS B 629 23.56 -12.54 1.93
N THR B 630 22.74 -11.62 2.44
CA THR B 630 23.06 -10.81 3.59
C THR B 630 21.99 -10.95 4.67
N THR B 631 22.35 -10.58 5.89
CA THR B 631 21.48 -10.56 7.07
C THR B 631 21.95 -9.43 7.98
N GLY B 632 21.31 -9.23 9.15
CA GLY B 632 21.75 -8.29 10.17
C GLY B 632 23.21 -8.51 10.54
N GLY B 633 23.96 -7.43 10.63
CA GLY B 633 25.39 -7.48 10.80
C GLY B 633 26.10 -7.03 9.54
N ASN B 634 25.40 -7.13 8.36
CA ASN B 634 25.87 -6.72 7.06
C ASN B 634 25.59 -5.23 6.75
N SER B 635 24.97 -4.47 7.67
CA SER B 635 24.74 -3.03 7.48
C SER B 635 26.08 -2.34 7.38
N GLY B 636 26.27 -1.56 6.32
CA GLY B 636 27.50 -0.82 6.06
C GLY B 636 28.52 -1.56 5.23
N SER B 637 28.23 -2.82 4.87
CA SER B 637 29.13 -3.67 4.11
C SER B 637 29.51 -3.09 2.76
N PRO B 638 30.81 -3.21 2.39
CA PRO B 638 31.22 -2.78 1.06
C PRO B 638 30.64 -3.70 -0.04
N VAL B 639 30.16 -3.08 -1.13
CA VAL B 639 29.70 -3.81 -2.29
C VAL B 639 30.77 -3.58 -3.36
N MET B 640 31.29 -4.67 -3.93
CA MET B 640 32.35 -4.61 -4.92
C MET B 640 31.92 -5.08 -6.28
N ASN B 641 32.56 -4.46 -7.27
CA ASN B 641 32.61 -4.71 -8.70
C ASN B 641 33.27 -6.08 -8.96
N ALA B 642 33.30 -6.48 -10.24
CA ALA B 642 34.10 -7.62 -10.67
C ALA B 642 35.61 -7.37 -10.38
N ASN B 643 36.05 -6.09 -10.34
CA ASN B 643 37.42 -5.69 -10.06
C ASN B 643 37.70 -5.36 -8.58
N GLY B 644 36.75 -5.59 -7.69
CA GLY B 644 36.91 -5.28 -6.27
C GLY B 644 36.80 -3.80 -5.93
N GLU B 645 36.26 -2.98 -6.85
CA GLU B 645 36.10 -1.56 -6.56
C GLU B 645 34.77 -1.29 -5.90
N LEU B 646 34.73 -0.36 -4.95
CA LEU B 646 33.50 -0.02 -4.24
C LEU B 646 32.47 0.59 -5.18
N ILE B 647 31.28 -0.04 -5.26
CA ILE B 647 30.12 0.40 -6.04
C ILE B 647 28.92 0.82 -5.14
N GLY B 648 28.96 0.46 -3.86
CA GLY B 648 27.91 0.83 -2.94
C GLY B 648 28.14 0.32 -1.54
N LEU B 649 27.18 0.57 -0.65
CA LEU B 649 27.19 0.09 0.73
C LEU B 649 25.88 -0.61 0.96
N ASN B 650 25.91 -1.85 1.46
CA ASN B 650 24.70 -2.57 1.82
C ASN B 650 24.07 -1.86 3.03
N PHE B 651 22.73 -1.70 3.06
CA PHE B 651 22.10 -1.05 4.22
C PHE B 651 20.81 -1.72 4.67
N ASP B 652 20.28 -2.67 3.89
CA ASP B 652 19.05 -3.36 4.24
C ASP B 652 18.84 -4.56 3.30
N ARG B 653 17.70 -5.21 3.44
CA ARG B 653 17.24 -6.27 2.56
C ARG B 653 15.70 -6.19 2.53
N ASN B 654 15.11 -6.61 1.42
CA ASN B 654 13.67 -6.52 1.25
C ASN B 654 12.94 -7.55 2.13
N TRP B 655 11.73 -7.25 2.55
CA TRP B 655 10.95 -8.09 3.43
C TRP B 655 10.65 -9.45 2.87
N GLU B 656 10.46 -9.57 1.55
CA GLU B 656 10.22 -10.88 0.93
C GLU B 656 11.41 -11.83 1.17
N GLY B 657 12.58 -11.29 1.56
CA GLY B 657 13.75 -12.07 1.87
C GLY B 657 14.09 -12.23 3.34
N VAL B 658 13.23 -11.77 4.32
CA VAL B 658 13.58 -11.96 5.74
C VAL B 658 13.62 -13.46 6.13
N GLY B 659 12.88 -14.32 5.45
CA GLY B 659 12.97 -15.76 5.69
C GLY B 659 14.24 -16.39 5.14
N GLY B 660 15.09 -15.57 4.48
CA GLY B 660 16.37 -15.94 3.90
C GLY B 660 17.42 -16.39 4.90
N ASP B 661 17.18 -16.14 6.20
CA ASP B 661 18.06 -16.63 7.26
C ASP B 661 17.86 -18.13 7.45
N ILE B 662 16.72 -18.72 7.01
CA ILE B 662 16.42 -20.14 7.12
C ILE B 662 16.60 -20.75 5.68
N GLN B 663 16.05 -20.08 4.68
CA GLN B 663 16.13 -20.53 3.30
C GLN B 663 16.24 -19.32 2.37
N TYR B 664 17.35 -19.20 1.67
CA TYR B 664 17.59 -18.12 0.70
C TYR B 664 16.56 -18.21 -0.42
N LEU B 665 16.02 -17.07 -0.83
CA LEU B 665 14.99 -17.03 -1.85
C LEU B 665 15.47 -16.36 -3.11
N ALA B 666 16.04 -17.13 -4.03
CA ALA B 666 16.60 -16.64 -5.28
C ALA B 666 15.72 -15.67 -6.06
N ASP B 667 14.42 -15.92 -6.09
CA ASP B 667 13.48 -15.07 -6.84
C ASP B 667 12.93 -13.90 -6.07
N TYR B 668 13.28 -13.73 -4.78
CA TYR B 668 12.72 -12.64 -3.99
C TYR B 668 13.73 -11.87 -3.19
N GLN B 669 14.66 -12.57 -2.56
CA GLN B 669 15.64 -11.96 -1.67
C GLN B 669 16.71 -11.10 -2.37
N ARG B 670 16.81 -9.83 -1.97
CA ARG B 670 17.79 -8.90 -2.52
C ARG B 670 18.45 -8.07 -1.41
N SER B 671 19.72 -7.74 -1.58
CA SER B 671 20.41 -6.85 -0.66
C SER B 671 20.14 -5.44 -1.18
N ILE B 672 19.79 -4.52 -0.31
CA ILE B 672 19.45 -3.14 -0.68
C ILE B 672 20.67 -2.33 -0.36
N ILE B 673 21.29 -1.79 -1.41
CA ILE B 673 22.57 -1.11 -1.39
C ILE B 673 22.46 0.35 -1.80
N VAL B 674 23.14 1.28 -1.11
CA VAL B 674 23.14 2.67 -1.53
C VAL B 674 24.27 2.80 -2.54
N ASP B 675 23.99 3.36 -3.73
CA ASP B 675 24.94 3.51 -4.82
C ASP B 675 26.02 4.48 -4.35
N ILE B 676 27.31 4.11 -4.55
CA ILE B 676 28.43 4.95 -4.15
C ILE B 676 28.43 6.31 -4.87
N ARG B 677 27.88 6.37 -6.08
CA ARG B 677 27.79 7.62 -6.85
C ARG B 677 26.86 8.62 -6.15
N TYR B 678 25.78 8.13 -5.47
CA TYR B 678 24.87 8.96 -4.72
C TYR B 678 25.56 9.43 -3.42
N VAL B 679 26.41 8.59 -2.80
CA VAL B 679 27.22 8.91 -1.62
C VAL B 679 28.12 10.11 -1.94
N LEU B 680 28.87 10.03 -3.04
CA LEU B 680 29.78 11.11 -3.44
C LEU B 680 29.05 12.37 -3.84
N LEU B 681 27.87 12.23 -4.46
CA LEU B 681 27.05 13.38 -4.84
C LEU B 681 26.61 14.14 -3.59
N VAL B 682 26.26 13.42 -2.50
CA VAL B 682 25.82 14.09 -1.28
C VAL B 682 26.98 14.74 -0.58
N ILE B 683 28.15 14.07 -0.53
CA ILE B 683 29.36 14.63 0.09
C ILE B 683 29.73 15.93 -0.62
N ASP B 684 29.71 15.90 -1.97
CA ASP B 684 30.05 17.00 -2.86
C ASP B 684 29.05 18.16 -2.91
N LYS B 685 27.81 17.90 -3.30
CA LYS B 685 26.81 18.93 -3.53
C LYS B 685 25.94 19.27 -2.33
N VAL B 686 25.94 18.43 -1.28
CA VAL B 686 25.14 18.73 -0.10
C VAL B 686 26.07 19.15 1.06
N GLY B 687 27.15 18.42 1.24
CA GLY B 687 28.08 18.70 2.32
C GLY B 687 29.22 19.64 1.98
N GLY B 688 29.49 19.82 0.69
CA GLY B 688 30.56 20.67 0.18
C GLY B 688 31.93 20.26 0.72
N CYS B 689 32.10 18.97 1.03
CA CYS B 689 33.30 18.45 1.62
C CYS B 689 34.29 17.85 0.60
N GLN B 690 34.86 18.73 -0.24
CA GLN B 690 35.82 18.34 -1.27
C GLN B 690 37.04 17.59 -0.75
N ARG B 691 37.51 17.92 0.47
CA ARG B 691 38.67 17.25 1.04
C ARG B 691 38.51 15.74 1.16
N LEU B 692 37.25 15.27 1.35
CA LEU B 692 36.95 13.84 1.46
C LEU B 692 37.01 13.18 0.11
N LEU B 693 36.51 13.86 -0.92
CA LEU B 693 36.56 13.38 -2.30
C LEU B 693 38.00 13.27 -2.75
N ASP B 694 38.83 14.28 -2.41
CA ASP B 694 40.25 14.37 -2.75
C ASP B 694 41.12 13.28 -2.13
N GLU B 695 40.79 12.83 -0.90
CA GLU B 695 41.61 11.78 -0.26
C GLU B 695 41.27 10.36 -0.71
N MET B 696 40.13 10.18 -1.38
CA MET B 696 39.73 8.87 -1.91
C MET B 696 40.41 8.63 -3.27
N ASN B 697 40.62 7.35 -3.63
CA ASN B 697 41.15 7.00 -4.94
C ASN B 697 39.97 6.61 -5.83
N ILE B 698 39.53 7.54 -6.67
CA ILE B 698 38.39 7.35 -7.56
C ILE B 698 38.83 6.95 -8.97
N VAL B 699 38.23 5.87 -9.50
CA VAL B 699 38.57 5.38 -10.83
C VAL B 699 37.47 5.76 -11.83
N PRO B 700 37.87 6.20 -13.05
CA PRO B 700 36.86 6.63 -14.05
C PRO B 700 35.77 5.62 -14.40
N1 I8J C . -6.58 5.76 -5.46
C4 I8J C . -3.61 5.37 -4.92
C5 I8J C . -7.43 4.55 -5.41
C6 I8J C . -8.04 4.18 -6.73
C7 I8J C . -8.76 5.36 -7.28
C8 I8J C . -8.20 6.55 -7.20
C1 I8J C . -3.74 6.58 -2.63
C2 I8J C . -4.31 6.31 -4.00
C3 I8J C . -3.60 6.84 -5.19
S1 I8J C . -6.07 6.20 -3.99
O1 I8J C . -6.43 5.13 -3.09
O2 I8J C . -6.59 7.51 -3.73
F1 I8J C . -8.64 7.58 -7.96
C9 I8J C . -7.07 6.88 -6.29
CL CL D . -13.86 37.14 -35.46
CL CL E . 1.65 10.75 -19.92
N1 I8J F . 6.68 -5.36 6.12
C4 I8J F . 3.17 -6.57 4.42
C5 I8J F . 7.70 -4.38 5.71
C6 I8J F . 8.85 -4.38 6.70
C7 I8J F . 9.28 -5.78 6.99
C8 I8J F . 8.54 -6.83 6.69
C1 I8J F . 3.47 -6.39 6.99
C2 I8J F . 4.08 -6.37 5.60
C3 I8J F . 4.18 -7.60 4.76
S1 I8J F . 5.21 -5.04 5.52
O1 I8J F . 5.41 -4.80 4.12
O2 I8J F . 4.70 -3.99 6.35
F1 I8J F . 8.98 -8.08 6.88
C9 I8J F . 7.16 -6.75 6.12
CL CL G . 45.29 -1.82 8.58
#